data_4ZR5
#
_entry.id   4ZR5
#
_cell.length_a   68.513
_cell.length_b   107.446
_cell.length_c   210.589
_cell.angle_alpha   90.000
_cell.angle_beta   90.000
_cell.angle_gamma   90.000
#
_symmetry.space_group_name_H-M   'P 21 21 21'
#
loop_
_entity.id
_entity.type
_entity.pdbx_description
1 polymer Neprilysin
2 branched 2-acetamido-2-deoxy-beta-D-glucopyranose-(1-4)-2-acetamido-2-deoxy-beta-D-glucopyranose
3 non-polymer 'ZINC ION'
4 non-polymer N-ALPHA-L-RHAMNOPYRANOSYLOXY(HYDROXYPHOSPHINYL)-L-LEUCYL-L-TRYPTOPHAN
5 non-polymer 2-acetamido-2-deoxy-beta-D-glucopyranose
6 water water
#
_entity_poly.entity_id   1
_entity_poly.type   'polypeptide(L)'
_entity_poly.pdbx_seq_one_letter_code
;GICKSSDCIKSAARLIQNMDATAEPCTDFFKYACGGWLKRNVIPETSSRYSNFDILRDELEVILKDVLQEPKTEDIVAVQ
KAKTLYRSCVNETAIDSRGGQPLLKLLPDVYGWPVATQNWEQTYGTSWSAEKSIAQLNSKYGKKVLINFFVGTDDKNSMN
HIIHIDQPRLGLPSRDYYECTGIYKEACTAYVDFMIAVAKLIRQEEGLPIDENQISVEMNKVMELEKEIANATTKSEDRN
DPMLLYNKMTLAQIQNNFSLEINGKPFSWSNFTNEIMSTVNINIPNEEDVVVYAPEYLIKLKPILTKYSPRDLQNLMSWR
FIMDLVSSLSRTYKDSRNAFRKALYGTTSESATWRRCANYVNGNMENAVGRLYVEAAFAGESKHVVEDLIAQIREVFIQT
LDDLTWMDAETKKKAEEKALAIKERIGYPDDIVSNDNKLNNEYLELNYKEDEYFENIIQNLKFSQSKQLKKLREKVDKDE
WITGAAIVNAFYSSGRNQIVFPAGILQPPFFSAQQSNSLNYGGIGMVIGHEITHGFDDNGRNFNKDGDLVDWWTQQSANN
FKEQSQCMVYQYGNFSWDLAGGQHLNGINTLGENIADNGGIGQAYRAYQNYVKKNGEEKLLPGIDLNHKQLFFLNFAQVW
CGTYRPEYAVNSIKTDVHSPGNFRIIGSLQNSVEFSEAFQCPKNSYMNPEKKCRVW
;
_entity_poly.pdbx_strand_id   A,B
#
# COMPACT_ATOMS: atom_id res chain seq x y z
N GLY A 1 -37.06 -0.26 21.21
CA GLY A 1 -36.58 -1.58 20.83
C GLY A 1 -35.44 -1.50 19.83
N ILE A 2 -34.41 -0.74 20.18
CA ILE A 2 -33.24 -0.55 19.32
C ILE A 2 -31.95 -0.73 20.11
N CYS A 3 -31.07 -1.59 19.61
CA CYS A 3 -29.80 -1.84 20.28
C CYS A 3 -28.96 -0.57 20.36
N LYS A 4 -28.25 -0.42 21.48
CA LYS A 4 -27.51 0.79 21.78
C LYS A 4 -26.08 0.48 22.20
N SER A 5 -25.71 -0.79 22.22
CA SER A 5 -24.38 -1.17 22.67
C SER A 5 -23.30 -0.68 21.71
N SER A 6 -22.07 -0.59 22.21
CA SER A 6 -20.94 -0.19 21.39
C SER A 6 -20.69 -1.20 20.28
N ASP A 7 -21.03 -2.46 20.56
CA ASP A 7 -20.90 -3.54 19.58
C ASP A 7 -21.90 -3.37 18.44
N CYS A 8 -23.13 -3.01 18.79
CA CYS A 8 -24.17 -2.80 17.79
C CYS A 8 -23.87 -1.56 16.97
N ILE A 9 -23.22 -0.58 17.59
CA ILE A 9 -22.89 0.67 16.91
C ILE A 9 -21.90 0.46 15.78
N LYS A 10 -20.83 -0.28 16.03
CA LYS A 10 -19.84 -0.49 14.97
C LYS A 10 -20.32 -1.55 13.98
N SER A 11 -21.20 -2.43 14.43
CA SER A 11 -21.85 -3.39 13.55
C SER A 11 -22.75 -2.70 12.54
N ALA A 12 -23.61 -1.81 13.05
CA ALA A 12 -24.52 -1.03 12.23
C ALA A 12 -23.77 -0.11 11.27
N ALA A 13 -22.73 0.54 11.77
CA ALA A 13 -21.96 1.49 10.99
C ALA A 13 -21.27 0.81 9.81
N ARG A 14 -20.72 -0.37 10.05
CA ARG A 14 -20.10 -1.17 9.00
C ARG A 14 -21.11 -1.44 7.89
N LEU A 15 -22.29 -1.93 8.26
CA LEU A 15 -23.36 -2.20 7.29
C LEU A 15 -23.75 -0.93 6.53
N ILE A 16 -23.89 0.16 7.27
CA ILE A 16 -24.29 1.44 6.70
C ILE A 16 -23.23 1.97 5.73
N GLN A 17 -21.96 1.88 6.14
CA GLN A 17 -20.86 2.38 5.33
C GLN A 17 -20.69 1.58 4.05
N ASN A 18 -20.99 0.28 4.10
CA ASN A 18 -20.79 -0.59 2.96
C ASN A 18 -21.89 -0.48 1.91
N MET A 19 -23.11 -0.19 2.36
CA MET A 19 -24.27 -0.16 1.46
C MET A 19 -24.41 1.18 0.73
N ASP A 20 -25.24 1.18 -0.31
CA ASP A 20 -25.64 2.40 -1.00
C ASP A 20 -27.17 2.44 -1.02
N ALA A 21 -27.75 3.15 -0.07
CA ALA A 21 -29.21 3.18 0.08
C ALA A 21 -29.93 3.89 -1.05
N THR A 22 -29.19 4.54 -1.94
CA THR A 22 -29.80 5.21 -3.09
C THR A 22 -30.03 4.23 -4.24
N ALA A 23 -29.34 3.10 -4.20
CA ALA A 23 -29.53 2.07 -5.21
C ALA A 23 -30.78 1.26 -4.89
N GLU A 24 -31.45 0.77 -5.93
CA GLU A 24 -32.62 -0.06 -5.74
C GLU A 24 -32.21 -1.52 -5.57
N PRO A 25 -32.54 -2.11 -4.40
CA PRO A 25 -32.13 -3.47 -4.05
C PRO A 25 -32.60 -4.52 -5.06
N CYS A 26 -33.74 -4.28 -5.68
CA CYS A 26 -34.34 -5.27 -6.58
C CYS A 26 -33.84 -5.09 -8.00
N THR A 27 -33.05 -4.04 -8.24
CA THR A 27 -32.46 -3.82 -9.55
C THR A 27 -31.04 -4.38 -9.59
N ASP A 28 -30.31 -4.17 -8.51
CA ASP A 28 -28.94 -4.67 -8.39
C ASP A 28 -28.58 -4.66 -6.91
N PHE A 29 -28.66 -5.83 -6.27
CA PHE A 29 -28.44 -5.89 -4.83
C PHE A 29 -26.96 -5.76 -4.50
N PHE A 30 -26.09 -6.07 -5.46
CA PHE A 30 -24.66 -5.86 -5.27
C PHE A 30 -24.37 -4.38 -5.10
N LYS A 31 -24.94 -3.55 -5.98
CA LYS A 31 -24.77 -2.11 -5.88
C LYS A 31 -25.42 -1.56 -4.60
N TYR A 32 -26.56 -2.13 -4.24
CA TYR A 32 -27.26 -1.74 -3.02
C TYR A 32 -26.45 -2.06 -1.78
N ALA A 33 -25.92 -3.27 -1.72
CA ALA A 33 -25.23 -3.77 -0.54
C ALA A 33 -23.76 -3.34 -0.49
N CYS A 34 -23.16 -3.08 -1.65
CA CYS A 34 -21.71 -2.86 -1.69
C CYS A 34 -21.32 -1.54 -2.34
N GLY A 35 -22.31 -0.73 -2.73
CA GLY A 35 -22.03 0.54 -3.38
C GLY A 35 -21.14 1.49 -2.58
N GLY A 36 -21.46 1.62 -1.29
CA GLY A 36 -20.69 2.46 -0.40
C GLY A 36 -19.32 1.85 -0.15
N TRP A 37 -19.29 0.53 -0.09
CA TRP A 37 -18.06 -0.22 0.10
C TRP A 37 -17.06 0.13 -1.00
N LEU A 38 -17.57 0.19 -2.22
CA LEU A 38 -16.74 0.44 -3.38
C LEU A 38 -16.06 1.81 -3.31
N LYS A 39 -16.80 2.83 -2.91
CA LYS A 39 -16.22 4.16 -2.78
C LYS A 39 -15.23 4.25 -1.63
N ARG A 40 -15.53 3.55 -0.54
CA ARG A 40 -14.73 3.66 0.68
C ARG A 40 -13.46 2.82 0.62
N ASN A 41 -13.51 1.69 -0.06
CA ASN A 41 -12.38 0.77 -0.06
C ASN A 41 -11.78 0.60 -1.44
N VAL A 42 -11.09 1.65 -1.87
CA VAL A 42 -10.32 1.65 -3.10
C VAL A 42 -9.26 0.55 -3.07
N ILE A 43 -9.07 -0.14 -4.19
CA ILE A 43 -8.07 -1.18 -4.28
C ILE A 43 -6.69 -0.62 -3.97
N PRO A 44 -6.01 -1.19 -2.97
CA PRO A 44 -4.63 -0.85 -2.60
C PRO A 44 -3.67 -1.09 -3.76
N GLU A 45 -2.63 -0.28 -3.85
CA GLU A 45 -1.67 -0.35 -4.95
C GLU A 45 -0.97 -1.71 -5.04
N THR A 46 -0.97 -2.45 -3.94
CA THR A 46 -0.33 -3.76 -3.91
C THR A 46 -1.34 -4.89 -4.04
N SER A 47 -2.62 -4.55 -4.20
CA SER A 47 -3.66 -5.56 -4.33
C SER A 47 -4.19 -5.68 -5.76
N SER A 48 -4.32 -6.92 -6.21
CA SER A 48 -4.89 -7.22 -7.51
C SER A 48 -6.39 -7.38 -7.33
N ARG A 49 -6.72 -7.89 -6.15
CA ARG A 49 -8.10 -8.00 -5.69
C ARG A 49 -8.27 -7.41 -4.31
N TYR A 50 -9.41 -6.75 -4.08
CA TYR A 50 -9.75 -6.24 -2.77
C TYR A 50 -11.19 -6.54 -2.37
N SER A 51 -11.39 -6.95 -1.12
CA SER A 51 -12.70 -7.38 -0.67
C SER A 51 -12.73 -7.50 0.83
N ASN A 52 -13.91 -7.82 1.37
CA ASN A 52 -14.06 -8.11 2.79
C ASN A 52 -13.13 -9.23 3.23
N PHE A 53 -13.12 -10.30 2.44
CA PHE A 53 -12.25 -11.45 2.69
C PHE A 53 -10.80 -10.96 2.73
N ASP A 54 -10.43 -10.14 1.76
CA ASP A 54 -9.07 -9.64 1.64
C ASP A 54 -8.73 -8.73 2.81
N ILE A 55 -9.70 -7.93 3.22
CA ILE A 55 -9.52 -7.04 4.37
C ILE A 55 -9.24 -7.85 5.62
N LEU A 56 -10.04 -8.89 5.86
CA LEU A 56 -9.83 -9.77 7.00
C LEU A 56 -8.48 -10.47 7.04
N ARG A 57 -7.93 -10.89 5.89
CA ARG A 57 -6.62 -11.54 5.92
C ARG A 57 -5.51 -10.57 6.23
N ASP A 58 -5.64 -9.35 5.72
CA ASP A 58 -4.68 -8.30 6.03
C ASP A 58 -4.69 -7.97 7.51
N GLU A 59 -5.87 -7.89 8.11
CA GLU A 59 -5.93 -7.58 9.53
C GLU A 59 -5.35 -8.78 10.29
N LEU A 60 -5.53 -9.97 9.73
CA LEU A 60 -4.97 -11.18 10.34
C LEU A 60 -3.45 -11.19 10.22
N GLU A 61 -2.93 -10.68 9.10
CA GLU A 61 -1.48 -10.60 8.91
C GLU A 61 -0.82 -9.69 9.92
N VAL A 62 -1.53 -8.62 10.29
CA VAL A 62 -1.07 -7.69 11.31
C VAL A 62 -0.90 -8.39 12.66
N ILE A 63 -1.88 -9.23 13.00
CA ILE A 63 -1.83 -10.01 14.22
C ILE A 63 -0.64 -10.98 14.15
N LEU A 64 -0.44 -11.58 12.99
CA LEU A 64 0.67 -12.51 12.81
C LEU A 64 2.02 -11.79 12.94
N LYS A 65 2.08 -10.56 12.43
CA LYS A 65 3.28 -9.73 12.58
C LYS A 65 3.63 -9.48 14.04
N ASP A 66 2.62 -9.17 14.85
CA ASP A 66 2.82 -8.86 16.26
C ASP A 66 3.36 -10.06 17.04
N VAL A 67 2.87 -11.25 16.70
CA VAL A 67 3.23 -12.46 17.44
C VAL A 67 4.42 -13.19 16.83
N LEU A 68 5.00 -12.61 15.78
CA LEU A 68 6.17 -13.21 15.14
C LEU A 68 7.40 -12.31 15.25
N GLN A 69 7.19 -11.01 15.39
CA GLN A 69 8.27 -10.04 15.30
C GLN A 69 9.12 -9.93 16.57
N GLU A 70 8.57 -10.34 17.70
CA GLU A 70 9.29 -10.22 18.96
C GLU A 70 9.61 -11.56 19.61
N PRO A 71 10.90 -11.88 19.73
CA PRO A 71 11.32 -13.10 20.43
C PRO A 71 10.89 -13.02 21.89
N LYS A 72 10.51 -14.14 22.48
CA LYS A 72 10.17 -14.17 23.89
C LYS A 72 10.98 -15.29 24.53
N THR A 73 11.42 -15.11 25.77
CA THR A 73 12.38 -16.03 26.39
C THR A 73 11.85 -17.45 26.59
N GLU A 74 10.54 -17.56 26.84
CA GLU A 74 9.90 -18.83 27.12
C GLU A 74 9.41 -19.55 25.87
N ASP A 75 9.70 -18.96 24.71
CA ASP A 75 9.25 -19.53 23.43
C ASP A 75 9.76 -20.95 23.25
N ILE A 76 8.85 -21.88 23.05
CA ILE A 76 9.22 -23.25 22.72
C ILE A 76 9.89 -23.26 21.36
N VAL A 77 10.60 -24.36 21.05
CA VAL A 77 11.42 -24.44 19.86
C VAL A 77 10.63 -24.20 18.57
N ALA A 78 9.43 -24.78 18.49
CA ALA A 78 8.59 -24.60 17.30
C ALA A 78 8.29 -23.13 17.03
N VAL A 79 8.01 -22.37 18.09
CA VAL A 79 7.74 -20.95 17.96
C VAL A 79 9.01 -20.16 17.61
N GLN A 80 10.12 -20.54 18.24
CA GLN A 80 11.42 -19.92 17.92
C GLN A 80 11.77 -20.07 16.46
N LYS A 81 11.51 -21.25 15.90
CA LYS A 81 11.83 -21.54 14.51
C LYS A 81 10.94 -20.71 13.58
N ALA A 82 9.65 -20.60 13.93
CA ALA A 82 8.72 -19.78 13.16
C ALA A 82 9.16 -18.33 13.18
N LYS A 83 9.65 -17.87 14.32
CA LYS A 83 10.09 -16.49 14.47
C LYS A 83 11.44 -16.26 13.79
N THR A 84 12.32 -17.26 13.86
CA THR A 84 13.60 -17.20 13.18
C THR A 84 13.38 -17.13 11.67
N LEU A 85 12.44 -17.95 11.19
CA LEU A 85 12.08 -17.96 9.78
C LEU A 85 11.54 -16.60 9.34
N TYR A 86 10.66 -16.02 10.15
CA TYR A 86 10.07 -14.72 9.85
C TYR A 86 11.15 -13.64 9.81
N ARG A 87 12.04 -13.66 10.80
CA ARG A 87 13.13 -12.68 10.86
C ARG A 87 14.03 -12.76 9.64
N SER A 88 14.31 -13.99 9.21
CA SER A 88 15.12 -14.21 8.01
C SER A 88 14.41 -13.64 6.79
N CYS A 89 13.09 -13.72 6.80
CA CYS A 89 12.30 -13.30 5.66
C CYS A 89 12.27 -11.79 5.51
N VAL A 90 12.15 -11.08 6.64
CA VAL A 90 11.97 -9.62 6.58
C VAL A 90 13.29 -8.85 6.55
N ASN A 91 14.41 -9.54 6.69
CA ASN A 91 15.70 -8.84 6.60
C ASN A 91 16.09 -8.63 5.15
N GLU A 92 15.57 -7.55 4.57
CA GLU A 92 15.78 -7.25 3.17
C GLU A 92 17.22 -6.81 2.88
N THR A 93 17.86 -6.21 3.88
CA THR A 93 19.25 -5.77 3.75
C THR A 93 20.17 -6.96 3.49
N ALA A 94 19.95 -8.04 4.25
CA ALA A 94 20.75 -9.25 4.10
C ALA A 94 20.46 -9.94 2.76
N ILE A 95 19.19 -9.91 2.38
CA ILE A 95 18.75 -10.48 1.11
C ILE A 95 19.31 -9.73 -0.09
N ASP A 96 19.22 -8.40 -0.05
CA ASP A 96 19.72 -7.56 -1.14
C ASP A 96 21.23 -7.72 -1.37
N SER A 97 21.98 -7.90 -0.29
CA SER A 97 23.44 -7.96 -0.39
C SER A 97 23.92 -9.25 -1.06
N ARG A 98 23.05 -10.24 -1.16
CA ARG A 98 23.42 -11.53 -1.72
C ARG A 98 23.08 -11.64 -3.21
N GLY A 99 22.42 -10.61 -3.75
CA GLY A 99 22.07 -10.59 -5.16
C GLY A 99 21.28 -11.80 -5.61
N GLY A 100 21.78 -12.48 -6.63
CA GLY A 100 21.16 -13.69 -7.13
C GLY A 100 21.95 -14.93 -6.77
N GLN A 101 23.01 -14.73 -5.98
CA GLN A 101 23.91 -15.82 -5.59
C GLN A 101 23.21 -17.05 -5.02
N PRO A 102 22.18 -16.88 -4.15
CA PRO A 102 21.56 -18.12 -3.66
C PRO A 102 20.92 -18.96 -4.77
N LEU A 103 20.41 -18.30 -5.81
CA LEU A 103 19.82 -19.00 -6.94
C LEU A 103 20.90 -19.56 -7.85
N LEU A 104 21.89 -18.73 -8.15
CA LEU A 104 22.97 -19.13 -9.06
C LEU A 104 23.70 -20.35 -8.50
N LYS A 105 23.89 -20.37 -7.18
CA LYS A 105 24.55 -21.49 -6.53
C LYS A 105 23.68 -22.74 -6.58
N LEU A 106 22.37 -22.55 -6.61
CA LEU A 106 21.43 -23.67 -6.53
C LEU A 106 21.10 -24.29 -7.89
N LEU A 107 21.17 -23.48 -8.93
CA LEU A 107 20.73 -23.88 -10.27
C LEU A 107 21.27 -25.22 -10.83
N PRO A 108 22.53 -25.60 -10.51
CA PRO A 108 22.95 -26.92 -10.99
C PRO A 108 22.03 -28.07 -10.56
N ASP A 109 21.42 -27.94 -9.39
CA ASP A 109 20.57 -28.99 -8.82
C ASP A 109 19.41 -29.39 -9.74
N VAL A 110 18.97 -28.46 -10.59
CA VAL A 110 17.87 -28.73 -11.50
C VAL A 110 18.34 -28.85 -12.95
N TYR A 111 19.64 -29.13 -13.09
CA TYR A 111 20.33 -29.24 -14.38
C TYR A 111 20.50 -27.89 -15.07
N GLY A 112 20.57 -26.85 -14.25
CA GLY A 112 20.87 -25.50 -14.71
C GLY A 112 19.84 -24.87 -15.62
N TRP A 113 20.15 -23.68 -16.10
CA TRP A 113 19.32 -22.98 -17.07
C TRP A 113 20.19 -22.71 -18.29
N PRO A 114 20.02 -23.50 -19.36
CA PRO A 114 20.90 -23.49 -20.54
C PRO A 114 21.22 -22.09 -21.06
N VAL A 115 20.19 -21.25 -21.21
CA VAL A 115 20.35 -19.92 -21.76
C VAL A 115 21.27 -19.04 -20.90
N ALA A 116 21.37 -19.35 -19.61
CA ALA A 116 22.20 -18.56 -18.72
C ALA A 116 23.43 -19.33 -18.27
N THR A 117 23.73 -20.41 -18.98
CA THR A 117 24.92 -21.20 -18.70
C THR A 117 25.99 -20.90 -19.74
N GLN A 118 27.26 -20.99 -19.35
CA GLN A 118 28.36 -20.75 -20.30
C GLN A 118 28.36 -21.80 -21.40
N ASN A 119 28.36 -23.07 -21.01
CA ASN A 119 28.26 -24.17 -21.97
C ASN A 119 27.42 -25.29 -21.39
N TRP A 120 26.11 -25.23 -21.61
CA TRP A 120 25.17 -26.14 -20.97
C TRP A 120 25.36 -27.59 -21.38
N GLU A 121 25.49 -27.85 -22.68
CA GLU A 121 25.67 -29.21 -23.17
C GLU A 121 26.91 -29.86 -22.58
N GLN A 122 27.99 -29.11 -22.48
CA GLN A 122 29.22 -29.62 -21.88
C GLN A 122 29.06 -29.95 -20.40
N THR A 123 28.53 -29.01 -19.65
CA THR A 123 28.43 -29.13 -18.19
C THR A 123 27.33 -30.10 -17.74
N TYR A 124 26.17 -30.04 -18.39
CA TYR A 124 25.01 -30.81 -17.93
C TYR A 124 24.48 -31.82 -18.95
N GLY A 125 24.77 -31.60 -20.22
CA GLY A 125 24.21 -32.42 -21.29
C GLY A 125 24.52 -33.90 -21.18
N THR A 126 25.66 -34.23 -20.58
CA THR A 126 26.10 -35.61 -20.49
C THR A 126 25.21 -36.42 -19.56
N SER A 127 24.83 -35.83 -18.42
CA SER A 127 24.05 -36.56 -17.43
C SER A 127 22.56 -36.25 -17.50
N TRP A 128 22.16 -35.40 -18.44
CA TRP A 128 20.77 -34.97 -18.53
C TRP A 128 19.83 -36.06 -19.02
N SER A 129 18.65 -36.12 -18.43
CA SER A 129 17.53 -36.90 -18.96
C SER A 129 16.22 -36.22 -18.56
N ALA A 130 15.17 -36.41 -19.34
CA ALA A 130 13.89 -35.81 -19.02
C ALA A 130 13.29 -36.44 -17.76
N GLU A 131 13.45 -37.75 -17.61
CA GLU A 131 12.99 -38.45 -16.42
C GLU A 131 13.54 -37.81 -15.15
N LYS A 132 14.86 -37.67 -15.10
CA LYS A 132 15.55 -37.13 -13.92
C LYS A 132 15.31 -35.65 -13.73
N SER A 133 15.21 -34.90 -14.82
CA SER A 133 15.02 -33.46 -14.74
C SER A 133 13.65 -33.14 -14.18
N ILE A 134 12.61 -33.75 -14.74
CA ILE A 134 11.25 -33.58 -14.24
C ILE A 134 11.14 -34.04 -12.79
N ALA A 135 11.76 -35.18 -12.51
CA ALA A 135 11.71 -35.81 -11.19
C ALA A 135 12.35 -34.95 -10.10
N GLN A 136 13.47 -34.32 -10.43
CA GLN A 136 14.19 -33.51 -9.47
C GLN A 136 13.41 -32.26 -9.10
N LEU A 137 12.86 -31.58 -10.11
CA LEU A 137 12.01 -30.42 -9.89
C LEU A 137 10.79 -30.78 -9.03
N ASN A 138 10.27 -31.97 -9.28
CA ASN A 138 9.12 -32.48 -8.54
C ASN A 138 9.48 -32.83 -7.09
N SER A 139 10.45 -33.72 -6.91
CA SER A 139 10.69 -34.36 -5.62
C SER A 139 11.42 -33.47 -4.61
N LYS A 140 12.10 -32.43 -5.11
CA LYS A 140 12.84 -31.53 -4.23
C LYS A 140 12.13 -30.19 -4.04
N TYR A 141 11.44 -29.73 -5.09
CA TYR A 141 10.90 -28.37 -5.09
C TYR A 141 9.39 -28.28 -5.30
N GLY A 142 8.75 -29.41 -5.60
CA GLY A 142 7.31 -29.41 -5.81
C GLY A 142 6.88 -28.68 -7.07
N LYS A 143 7.86 -28.40 -7.94
CA LYS A 143 7.60 -27.73 -9.21
C LYS A 143 7.23 -28.72 -10.30
N LYS A 144 5.96 -28.70 -10.71
CA LYS A 144 5.44 -29.69 -11.66
C LYS A 144 5.48 -29.24 -13.12
N VAL A 145 6.37 -29.85 -13.90
CA VAL A 145 6.50 -29.51 -15.31
C VAL A 145 6.31 -30.74 -16.21
N LEU A 146 5.66 -30.52 -17.37
CA LEU A 146 5.39 -31.54 -18.38
C LEU A 146 4.42 -32.63 -17.93
N ILE A 147 4.78 -33.32 -16.86
CA ILE A 147 3.95 -34.38 -16.31
C ILE A 147 3.81 -34.21 -14.81
N ASN A 148 2.58 -34.07 -14.32
CA ASN A 148 2.41 -33.91 -12.89
C ASN A 148 2.33 -35.26 -12.19
N PHE A 149 3.20 -35.42 -11.19
CA PHE A 149 3.29 -36.62 -10.37
C PHE A 149 3.06 -36.17 -8.94
N PHE A 150 2.13 -36.79 -8.23
CA PHE A 150 1.99 -36.54 -6.80
C PHE A 150 1.39 -37.72 -6.07
N VAL A 151 1.79 -37.88 -4.80
CA VAL A 151 1.20 -38.88 -3.93
C VAL A 151 0.00 -38.27 -3.22
N GLY A 152 -1.17 -38.87 -3.45
CA GLY A 152 -2.40 -38.39 -2.84
C GLY A 152 -3.36 -39.51 -2.46
N THR A 153 -4.54 -39.12 -1.98
CA THR A 153 -5.59 -40.05 -1.59
C THR A 153 -6.18 -40.77 -2.80
N ASP A 154 -6.44 -42.07 -2.65
CA ASP A 154 -7.16 -42.82 -3.67
C ASP A 154 -8.62 -42.38 -3.67
N ASP A 155 -9.08 -41.83 -4.79
CA ASP A 155 -10.47 -41.41 -4.94
C ASP A 155 -11.48 -42.46 -4.53
N LYS A 156 -11.22 -43.72 -4.89
CA LYS A 156 -12.17 -44.80 -4.63
C LYS A 156 -11.84 -45.57 -3.35
N ASN A 157 -10.70 -45.26 -2.75
CA ASN A 157 -10.31 -45.85 -1.47
C ASN A 157 -9.68 -44.84 -0.52
N SER A 158 -10.53 -44.13 0.22
CA SER A 158 -10.13 -42.93 0.97
C SER A 158 -9.18 -43.22 2.13
N MET A 159 -8.90 -44.48 2.41
CA MET A 159 -7.97 -44.83 3.48
C MET A 159 -6.54 -44.99 2.95
N ASN A 160 -6.40 -45.10 1.64
CA ASN A 160 -5.09 -45.34 1.05
C ASN A 160 -4.52 -44.12 0.36
N HIS A 161 -3.20 -44.10 0.21
CA HIS A 161 -2.54 -43.12 -0.65
C HIS A 161 -2.16 -43.84 -1.93
N ILE A 162 -2.04 -43.09 -3.01
CA ILE A 162 -1.70 -43.67 -4.29
C ILE A 162 -1.09 -42.61 -5.21
N ILE A 163 -0.27 -43.06 -6.15
CA ILE A 163 0.33 -42.16 -7.13
C ILE A 163 -0.68 -41.65 -8.14
N HIS A 164 -0.64 -40.36 -8.40
CA HIS A 164 -1.47 -39.76 -9.45
C HIS A 164 -0.61 -39.20 -10.57
N ILE A 165 -1.12 -39.33 -11.80
CA ILE A 165 -0.50 -38.69 -12.95
C ILE A 165 -1.53 -37.77 -13.58
N ASP A 166 -1.12 -36.52 -13.83
CA ASP A 166 -2.03 -35.53 -14.39
C ASP A 166 -1.27 -34.52 -15.25
N GLN A 167 -2.03 -33.72 -15.99
CA GLN A 167 -1.45 -32.62 -16.74
C GLN A 167 -1.01 -31.54 -15.75
N PRO A 168 0.10 -30.86 -16.06
CA PRO A 168 0.62 -29.82 -15.18
C PRO A 168 -0.05 -28.48 -15.42
N ARG A 169 0.10 -27.55 -14.48
CA ARG A 169 -0.34 -26.19 -14.72
C ARG A 169 0.72 -25.51 -15.55
N LEU A 170 0.49 -24.27 -15.95
CA LEU A 170 1.38 -23.62 -16.89
C LEU A 170 2.00 -22.38 -16.25
N GLY A 171 2.91 -21.74 -16.96
CA GLY A 171 3.53 -20.52 -16.48
C GLY A 171 2.52 -19.40 -16.44
N LEU A 172 1.60 -19.40 -17.39
CA LEU A 172 0.51 -18.44 -17.44
C LEU A 172 -0.71 -19.04 -16.75
N PRO A 173 -1.66 -18.19 -16.29
CA PRO A 173 -2.79 -18.65 -15.46
C PRO A 173 -3.62 -19.81 -16.03
N SER A 174 -3.82 -19.85 -17.34
CA SER A 174 -4.57 -20.95 -17.95
C SER A 174 -4.14 -21.16 -19.40
N ARG A 175 -4.62 -22.25 -20.01
CA ARG A 175 -4.30 -22.58 -21.39
C ARG A 175 -4.77 -21.48 -22.36
N ASP A 176 -5.81 -20.76 -21.98
CA ASP A 176 -6.37 -19.70 -22.82
C ASP A 176 -5.37 -18.58 -23.11
N TYR A 177 -4.50 -18.29 -22.15
CA TYR A 177 -3.56 -17.18 -22.30
C TYR A 177 -2.63 -17.35 -23.50
N TYR A 178 -2.39 -18.59 -23.89
CA TYR A 178 -1.38 -18.90 -24.90
C TYR A 178 -1.86 -18.64 -26.33
N GLU A 179 -3.09 -18.14 -26.48
CA GLU A 179 -3.52 -17.57 -27.75
C GLU A 179 -2.78 -16.27 -28.00
N CYS A 180 -2.43 -15.60 -26.91
CA CYS A 180 -1.63 -14.38 -26.96
C CYS A 180 -2.24 -13.30 -27.83
N THR A 181 -3.57 -13.34 -27.99
CA THR A 181 -4.25 -12.33 -28.76
C THR A 181 -5.25 -11.60 -27.86
N GLY A 182 -5.62 -10.38 -28.25
CA GLY A 182 -6.60 -9.61 -27.51
C GLY A 182 -6.23 -9.38 -26.06
N ILE A 183 -7.08 -9.87 -25.16
CA ILE A 183 -6.90 -9.67 -23.73
C ILE A 183 -5.72 -10.46 -23.14
N TYR A 184 -5.13 -11.33 -23.93
CA TYR A 184 -3.99 -12.13 -23.48
C TYR A 184 -2.67 -11.63 -24.06
N LYS A 185 -2.76 -10.67 -24.97
CA LYS A 185 -1.60 -10.19 -25.72
C LYS A 185 -0.49 -9.62 -24.85
N GLU A 186 -0.84 -8.72 -23.94
CA GLU A 186 0.15 -8.07 -23.09
C GLU A 186 0.82 -9.08 -22.16
N ALA A 187 0.04 -10.02 -21.65
CA ALA A 187 0.56 -11.05 -20.76
C ALA A 187 1.68 -11.86 -21.42
N CYS A 188 1.48 -12.24 -22.67
CA CYS A 188 2.46 -13.06 -23.39
C CYS A 188 3.77 -12.32 -23.65
N THR A 189 3.68 -11.04 -24.04
CA THR A 189 4.86 -10.24 -24.28
C THR A 189 5.68 -10.04 -23.01
N ALA A 190 4.99 -9.72 -21.92
CA ALA A 190 5.65 -9.50 -20.63
C ALA A 190 6.26 -10.80 -20.13
N TYR A 191 5.57 -11.91 -20.41
CA TYR A 191 6.02 -13.24 -20.02
C TYR A 191 7.36 -13.58 -20.66
N VAL A 192 7.47 -13.33 -21.97
CA VAL A 192 8.71 -13.61 -22.70
C VAL A 192 9.80 -12.57 -22.37
N ASP A 193 9.40 -11.32 -22.21
CA ASP A 193 10.32 -10.26 -21.79
C ASP A 193 10.88 -10.56 -20.39
N PHE A 194 10.05 -11.18 -19.57
CA PHE A 194 10.43 -11.60 -18.22
C PHE A 194 11.56 -12.63 -18.30
N MET A 195 11.39 -13.62 -19.17
CA MET A 195 12.42 -14.63 -19.40
C MET A 195 13.73 -13.98 -19.78
N ILE A 196 13.67 -13.10 -20.78
CA ILE A 196 14.82 -12.42 -21.33
C ILE A 196 15.51 -11.60 -20.23
N ALA A 197 14.70 -10.87 -19.46
CA ALA A 197 15.22 -9.98 -18.43
C ALA A 197 15.98 -10.77 -17.36
N VAL A 198 15.46 -11.93 -16.98
CA VAL A 198 16.11 -12.74 -15.95
C VAL A 198 17.39 -13.39 -16.46
N ALA A 199 17.34 -13.84 -17.72
CA ALA A 199 18.51 -14.41 -18.37
C ALA A 199 19.67 -13.43 -18.37
N LYS A 200 19.36 -12.16 -18.67
CA LYS A 200 20.36 -11.11 -18.65
C LYS A 200 20.91 -10.85 -17.26
N LEU A 201 20.04 -10.86 -16.26
CA LEU A 201 20.46 -10.62 -14.88
C LEU A 201 21.41 -11.69 -14.37
N ILE A 202 21.05 -12.96 -14.61
CA ILE A 202 21.85 -14.07 -14.13
C ILE A 202 23.20 -14.12 -14.84
N ARG A 203 23.17 -13.95 -16.16
CA ARG A 203 24.40 -13.92 -16.96
C ARG A 203 25.32 -12.77 -16.56
N GLN A 204 24.75 -11.61 -16.29
CA GLN A 204 25.53 -10.45 -15.86
C GLN A 204 26.23 -10.74 -14.54
N GLU A 205 25.53 -11.41 -13.63
CA GLU A 205 26.09 -11.71 -12.32
C GLU A 205 27.12 -12.82 -12.41
N GLU A 206 26.99 -13.68 -13.42
CA GLU A 206 27.98 -14.74 -13.63
C GLU A 206 29.20 -14.24 -14.39
N GLY A 207 29.13 -13.00 -14.86
CA GLY A 207 30.20 -12.40 -15.64
C GLY A 207 30.29 -12.93 -17.06
N LEU A 208 29.16 -13.33 -17.61
CA LEU A 208 29.10 -13.87 -18.97
C LEU A 208 28.63 -12.79 -19.94
N PRO A 209 29.01 -12.93 -21.22
CA PRO A 209 28.56 -11.97 -22.24
C PRO A 209 27.05 -12.03 -22.45
N ILE A 210 26.45 -10.90 -22.78
CA ILE A 210 25.01 -10.82 -23.03
C ILE A 210 24.78 -10.70 -24.52
N ASP A 211 24.21 -11.74 -25.13
CA ASP A 211 23.76 -11.66 -26.50
C ASP A 211 22.24 -11.54 -26.52
N GLU A 212 21.75 -10.32 -26.70
CA GLU A 212 20.31 -10.04 -26.65
C GLU A 212 19.53 -10.88 -27.66
N ASN A 213 20.02 -10.91 -28.89
CA ASN A 213 19.35 -11.64 -29.96
C ASN A 213 19.37 -13.15 -29.74
N GLN A 214 20.49 -13.68 -29.24
CA GLN A 214 20.60 -15.11 -29.02
C GLN A 214 19.68 -15.56 -27.90
N ILE A 215 19.62 -14.75 -26.84
CA ILE A 215 18.73 -15.01 -25.71
C ILE A 215 17.27 -14.97 -26.15
N SER A 216 16.93 -13.96 -26.96
CA SER A 216 15.59 -13.79 -27.50
C SER A 216 15.15 -15.00 -28.33
N VAL A 217 16.08 -15.54 -29.12
CA VAL A 217 15.80 -16.73 -29.92
C VAL A 217 15.44 -17.92 -29.04
N GLU A 218 16.22 -18.15 -28.00
CA GLU A 218 16.03 -19.29 -27.09
C GLU A 218 14.75 -19.17 -26.29
N MET A 219 14.41 -17.96 -25.87
CA MET A 219 13.26 -17.73 -25.00
C MET A 219 11.94 -17.74 -25.78
N ASN A 220 11.97 -17.33 -27.03
CA ASN A 220 10.79 -17.47 -27.87
C ASN A 220 10.48 -18.93 -28.18
N LYS A 221 11.53 -19.75 -28.29
CA LYS A 221 11.35 -21.19 -28.42
C LYS A 221 10.69 -21.78 -27.18
N VAL A 222 11.05 -21.26 -26.02
CA VAL A 222 10.43 -21.67 -24.78
C VAL A 222 8.93 -21.40 -24.84
N MET A 223 8.58 -20.20 -25.31
CA MET A 223 7.18 -19.84 -25.45
C MET A 223 6.51 -20.69 -26.51
N GLU A 224 7.19 -20.86 -27.64
CA GLU A 224 6.72 -21.72 -28.72
C GLU A 224 6.42 -23.13 -28.24
N LEU A 225 7.35 -23.69 -27.48
CA LEU A 225 7.19 -25.03 -26.90
C LEU A 225 6.03 -25.08 -25.91
N GLU A 226 5.93 -24.07 -25.05
CA GLU A 226 4.89 -24.09 -24.03
C GLU A 226 3.51 -23.85 -24.64
N LYS A 227 3.48 -23.13 -25.77
CA LYS A 227 2.24 -22.98 -26.52
C LYS A 227 1.67 -24.33 -26.94
N GLU A 228 2.54 -25.18 -27.48
CA GLU A 228 2.13 -26.51 -27.92
C GLU A 228 1.64 -27.36 -26.75
N ILE A 229 2.36 -27.30 -25.64
CA ILE A 229 2.00 -28.04 -24.44
C ILE A 229 0.65 -27.56 -23.92
N ALA A 230 0.50 -26.24 -23.87
CA ALA A 230 -0.75 -25.63 -23.44
C ALA A 230 -1.92 -26.09 -24.29
N ASN A 231 -1.72 -26.07 -25.61
CA ASN A 231 -2.73 -26.52 -26.55
C ASN A 231 -3.08 -28.00 -26.39
N ALA A 232 -2.11 -28.78 -25.92
CA ALA A 232 -2.31 -30.21 -25.71
C ALA A 232 -3.11 -30.53 -24.45
N THR A 233 -3.14 -29.61 -23.49
CA THR A 233 -3.85 -29.86 -22.24
C THR A 233 -5.36 -29.92 -22.47
N THR A 234 -6.03 -30.68 -21.61
CA THR A 234 -7.49 -30.81 -21.65
C THR A 234 -8.17 -29.65 -20.95
N LYS A 235 -9.23 -29.13 -21.57
CA LYS A 235 -10.00 -28.02 -21.02
C LYS A 235 -10.54 -28.31 -19.62
N SER A 236 -10.62 -27.26 -18.80
CA SER A 236 -11.13 -27.40 -17.44
C SER A 236 -12.59 -27.83 -17.43
N GLU A 237 -13.33 -27.43 -18.45
CA GLU A 237 -14.74 -27.81 -18.59
C GLU A 237 -14.90 -29.33 -18.70
N ASP A 238 -13.89 -29.98 -19.25
CA ASP A 238 -13.94 -31.42 -19.47
C ASP A 238 -13.32 -32.20 -18.32
N ARG A 239 -13.11 -31.54 -17.19
CA ARG A 239 -12.46 -32.18 -16.05
C ARG A 239 -13.25 -32.01 -14.76
N ASN A 240 -14.56 -31.85 -14.88
CA ASN A 240 -15.41 -31.67 -13.70
C ASN A 240 -16.17 -32.93 -13.29
N ASP A 241 -16.02 -34.00 -14.06
CA ASP A 241 -16.64 -35.27 -13.74
C ASP A 241 -15.59 -36.21 -13.14
N PRO A 242 -15.64 -36.42 -11.82
CA PRO A 242 -14.64 -37.23 -11.12
C PRO A 242 -14.65 -38.69 -11.58
N MET A 243 -15.82 -39.19 -11.99
CA MET A 243 -15.92 -40.55 -12.50
C MET A 243 -15.15 -40.74 -13.80
N LEU A 244 -15.23 -39.76 -14.69
CA LEU A 244 -14.52 -39.83 -15.97
C LEU A 244 -13.02 -39.64 -15.82
N LEU A 245 -12.62 -38.85 -14.84
CA LEU A 245 -11.20 -38.58 -14.60
C LEU A 245 -10.42 -39.77 -14.05
N TYR A 246 -11.10 -40.61 -13.28
CA TYR A 246 -10.43 -41.73 -12.62
C TYR A 246 -10.12 -42.84 -13.60
N ASN A 247 -8.84 -43.00 -13.91
CA ASN A 247 -8.39 -44.11 -14.74
C ASN A 247 -7.29 -44.88 -14.01
N LYS A 248 -7.65 -45.98 -13.37
CA LYS A 248 -6.66 -46.78 -12.67
C LYS A 248 -6.02 -47.78 -13.62
N MET A 249 -4.69 -47.77 -13.64
CA MET A 249 -3.94 -48.71 -14.45
C MET A 249 -2.58 -48.95 -13.81
N THR A 250 -1.89 -50.01 -14.22
CA THR A 250 -0.58 -50.29 -13.66
C THR A 250 0.47 -49.41 -14.33
N LEU A 251 1.62 -49.28 -13.69
CA LEU A 251 2.73 -48.53 -14.25
C LEU A 251 3.13 -49.16 -15.58
N ALA A 252 3.05 -50.49 -15.64
CA ALA A 252 3.35 -51.23 -16.86
C ALA A 252 2.40 -50.83 -17.98
N GLN A 253 1.13 -50.69 -17.65
CA GLN A 253 0.13 -50.28 -18.63
C GLN A 253 0.34 -48.83 -19.06
N ILE A 254 0.86 -48.02 -18.15
CA ILE A 254 1.18 -46.63 -18.44
C ILE A 254 2.30 -46.56 -19.47
N GLN A 255 3.32 -47.38 -19.28
CA GLN A 255 4.43 -47.45 -20.23
C GLN A 255 3.90 -47.90 -21.58
N ASN A 256 2.95 -48.82 -21.56
CA ASN A 256 2.36 -49.33 -22.78
C ASN A 256 1.56 -48.25 -23.50
N ASN A 257 0.68 -47.55 -22.78
CA ASN A 257 -0.20 -46.57 -23.39
C ASN A 257 0.42 -45.20 -23.69
N PHE A 258 1.34 -44.74 -22.84
CA PHE A 258 1.78 -43.35 -22.91
C PHE A 258 3.28 -43.24 -23.11
N SER A 259 3.80 -43.94 -24.11
CA SER A 259 5.22 -43.84 -24.43
C SER A 259 5.55 -42.45 -24.94
N LEU A 260 6.78 -42.03 -24.70
CA LEU A 260 7.25 -40.72 -25.13
C LEU A 260 8.69 -40.78 -25.61
N GLU A 261 8.99 -40.07 -26.70
CA GLU A 261 10.35 -39.99 -27.20
C GLU A 261 10.92 -38.61 -27.00
N ILE A 262 12.05 -38.55 -26.30
CA ILE A 262 12.72 -37.30 -26.02
C ILE A 262 14.19 -37.42 -26.37
N ASN A 263 14.66 -36.49 -27.22
CA ASN A 263 16.02 -36.50 -27.73
C ASN A 263 16.40 -37.82 -28.39
N GLY A 264 15.42 -38.45 -29.05
CA GLY A 264 15.65 -39.69 -29.76
C GLY A 264 15.60 -40.94 -28.89
N LYS A 265 15.43 -40.76 -27.60
CA LYS A 265 15.41 -41.87 -26.65
C LYS A 265 14.00 -42.06 -26.08
N PRO A 266 13.64 -43.30 -25.74
CA PRO A 266 12.32 -43.60 -25.15
C PRO A 266 12.24 -43.22 -23.67
N PHE A 267 11.13 -42.58 -23.29
CA PHE A 267 10.88 -42.18 -21.91
C PHE A 267 10.53 -43.40 -21.04
N SER A 268 11.23 -43.56 -19.93
CA SER A 268 10.97 -44.67 -19.01
C SER A 268 10.14 -44.25 -17.80
N TRP A 269 8.89 -44.71 -17.73
CA TRP A 269 8.04 -44.35 -16.59
C TRP A 269 8.53 -44.94 -15.27
N SER A 270 9.10 -46.14 -15.32
CA SER A 270 9.64 -46.76 -14.11
C SER A 270 10.79 -45.93 -13.55
N ASN A 271 11.68 -45.50 -14.44
CA ASN A 271 12.79 -44.65 -14.06
C ASN A 271 12.31 -43.33 -13.49
N PHE A 272 11.37 -42.69 -14.18
CA PHE A 272 10.81 -41.41 -13.77
C PHE A 272 10.20 -41.51 -12.37
N THR A 273 9.29 -42.46 -12.18
CA THR A 273 8.59 -42.60 -10.90
C THR A 273 9.55 -43.00 -9.77
N ASN A 274 10.60 -43.73 -10.12
CA ASN A 274 11.56 -44.19 -9.12
C ASN A 274 12.60 -43.13 -8.81
N GLU A 275 12.91 -42.27 -9.77
CA GLU A 275 13.74 -41.10 -9.49
C GLU A 275 13.08 -40.20 -8.45
N ILE A 276 11.75 -40.13 -8.50
CA ILE A 276 10.98 -39.37 -7.52
C ILE A 276 10.89 -40.08 -6.17
N MET A 277 10.43 -41.32 -6.18
CA MET A 277 10.12 -42.03 -4.95
C MET A 277 11.36 -42.48 -4.17
N SER A 278 12.51 -42.53 -4.84
CA SER A 278 13.74 -42.93 -4.15
C SER A 278 14.18 -41.89 -3.12
N THR A 279 13.66 -40.67 -3.26
CA THR A 279 13.97 -39.59 -2.33
C THR A 279 13.46 -39.89 -0.93
N VAL A 280 12.45 -40.74 -0.83
CA VAL A 280 11.95 -41.20 0.46
C VAL A 280 12.09 -42.72 0.60
N ASN A 281 12.98 -43.28 -0.21
CA ASN A 281 13.36 -44.70 -0.14
C ASN A 281 12.20 -45.66 -0.30
N ILE A 282 11.34 -45.39 -1.27
CA ILE A 282 10.25 -46.29 -1.62
C ILE A 282 10.43 -46.76 -3.06
N ASN A 283 10.47 -48.07 -3.27
CA ASN A 283 10.59 -48.62 -4.62
C ASN A 283 9.21 -48.80 -5.26
N ILE A 284 9.10 -48.44 -6.53
CA ILE A 284 7.83 -48.56 -7.24
C ILE A 284 7.92 -49.61 -8.35
N PRO A 285 7.31 -50.78 -8.12
CA PRO A 285 7.33 -51.88 -9.09
C PRO A 285 6.38 -51.64 -10.26
N ASN A 286 6.49 -52.45 -11.29
CA ASN A 286 5.66 -52.29 -12.49
C ASN A 286 4.19 -52.61 -12.23
N GLU A 287 3.92 -53.36 -11.17
CA GLU A 287 2.56 -53.75 -10.85
C GLU A 287 1.86 -52.69 -10.01
N GLU A 288 2.59 -51.63 -9.67
CA GLU A 288 2.05 -50.55 -8.86
C GLU A 288 0.82 -49.93 -9.53
N ASP A 289 -0.27 -49.83 -8.77
CA ASP A 289 -1.45 -49.15 -9.26
C ASP A 289 -1.27 -47.64 -9.26
N VAL A 290 -1.69 -47.01 -10.36
CA VAL A 290 -1.53 -45.58 -10.54
C VAL A 290 -2.83 -44.99 -11.10
N VAL A 291 -3.17 -43.78 -10.65
CA VAL A 291 -4.34 -43.07 -11.16
C VAL A 291 -3.93 -42.02 -12.19
N VAL A 292 -4.40 -42.17 -13.43
CA VAL A 292 -4.05 -41.24 -14.49
C VAL A 292 -5.23 -40.33 -14.82
N TYR A 293 -5.07 -39.04 -14.54
CA TYR A 293 -6.15 -38.07 -14.72
C TYR A 293 -6.28 -37.51 -16.13
N ALA A 294 -5.19 -37.51 -16.89
CA ALA A 294 -5.21 -36.89 -18.21
C ALA A 294 -4.56 -37.77 -19.28
N PRO A 295 -5.22 -38.88 -19.64
CA PRO A 295 -4.66 -39.75 -20.68
C PRO A 295 -4.58 -39.06 -22.04
N GLU A 296 -5.58 -38.26 -22.38
CA GLU A 296 -5.58 -37.54 -23.65
C GLU A 296 -4.40 -36.59 -23.75
N TYR A 297 -4.07 -35.92 -22.65
CA TYR A 297 -2.95 -35.00 -22.63
C TYR A 297 -1.63 -35.73 -22.88
N LEU A 298 -1.44 -36.88 -22.23
CA LEU A 298 -0.20 -37.63 -22.35
C LEU A 298 0.02 -38.15 -23.78
N ILE A 299 -1.07 -38.55 -24.43
CA ILE A 299 -1.01 -38.98 -25.82
C ILE A 299 -0.61 -37.83 -26.73
N LYS A 300 -1.25 -36.69 -26.54
CA LYS A 300 -0.97 -35.49 -27.33
C LYS A 300 0.46 -35.00 -27.14
N LEU A 301 1.08 -35.39 -26.03
CA LEU A 301 2.44 -35.00 -25.72
C LEU A 301 3.45 -35.67 -26.66
N LYS A 302 3.06 -36.83 -27.21
CA LYS A 302 3.96 -37.62 -28.05
C LYS A 302 4.60 -36.87 -29.22
N PRO A 303 3.80 -36.22 -30.08
CA PRO A 303 4.49 -35.58 -31.21
C PRO A 303 5.12 -34.23 -30.87
N ILE A 304 4.90 -33.74 -29.66
CA ILE A 304 5.43 -32.44 -29.29
C ILE A 304 6.86 -32.49 -28.79
N LEU A 305 7.13 -33.38 -27.83
CA LEU A 305 8.42 -33.40 -27.17
C LEU A 305 9.55 -33.92 -28.06
N THR A 306 9.20 -34.63 -29.12
CA THR A 306 10.22 -35.14 -30.04
C THR A 306 10.87 -34.03 -30.86
N LYS A 307 10.14 -32.93 -31.05
CA LYS A 307 10.60 -31.85 -31.93
C LYS A 307 11.57 -30.89 -31.24
N TYR A 308 11.82 -31.11 -29.95
CA TYR A 308 12.64 -30.18 -29.19
C TYR A 308 13.88 -30.82 -28.58
N SER A 309 14.95 -30.02 -28.51
CA SER A 309 16.23 -30.44 -27.97
C SER A 309 16.19 -30.42 -26.44
N PRO A 310 17.17 -31.08 -25.79
CA PRO A 310 17.30 -30.97 -24.34
C PRO A 310 17.43 -29.53 -23.87
N ARG A 311 18.14 -28.70 -24.63
CA ARG A 311 18.26 -27.29 -24.28
C ARG A 311 16.90 -26.60 -24.28
N ASP A 312 16.09 -26.88 -25.28
CA ASP A 312 14.75 -26.30 -25.36
C ASP A 312 13.90 -26.70 -24.17
N LEU A 313 13.87 -28.00 -23.88
CA LEU A 313 13.07 -28.54 -22.79
C LEU A 313 13.51 -28.02 -21.43
N GLN A 314 14.83 -27.99 -21.22
CA GLN A 314 15.37 -27.53 -19.95
C GLN A 314 15.25 -26.01 -19.79
N ASN A 315 15.32 -25.29 -20.91
CA ASN A 315 15.09 -23.86 -20.88
C ASN A 315 13.71 -23.53 -20.35
N LEU A 316 12.73 -24.35 -20.73
CA LEU A 316 11.37 -24.21 -20.23
C LEU A 316 11.22 -24.66 -18.78
N MET A 317 11.70 -25.86 -18.48
CA MET A 317 11.54 -26.44 -17.13
C MET A 317 12.24 -25.62 -16.06
N SER A 318 13.46 -25.17 -16.35
CA SER A 318 14.20 -24.36 -15.38
C SER A 318 13.59 -22.97 -15.27
N TRP A 319 12.99 -22.48 -16.34
CA TRP A 319 12.30 -21.19 -16.28
C TRP A 319 11.08 -21.25 -15.37
N ARG A 320 10.32 -22.34 -15.48
CA ARG A 320 9.18 -22.55 -14.61
C ARG A 320 9.60 -22.58 -13.15
N PHE A 321 10.81 -23.08 -12.92
CA PHE A 321 11.43 -23.13 -11.60
C PHE A 321 11.86 -21.73 -11.14
N ILE A 322 12.58 -21.03 -12.00
CA ILE A 322 13.19 -19.74 -11.67
C ILE A 322 12.16 -18.63 -11.44
N MET A 323 11.08 -18.65 -12.22
CA MET A 323 10.11 -17.55 -12.17
C MET A 323 9.44 -17.40 -10.80
N ASP A 324 9.37 -18.49 -10.03
CA ASP A 324 8.74 -18.43 -8.71
C ASP A 324 9.73 -18.14 -7.59
N LEU A 325 11.00 -17.97 -7.94
CA LEU A 325 12.04 -17.74 -6.93
C LEU A 325 12.65 -16.36 -7.04
N VAL A 326 12.49 -15.74 -8.20
CA VAL A 326 13.16 -14.48 -8.49
C VAL A 326 12.74 -13.36 -7.54
N SER A 327 11.52 -13.43 -7.02
CA SER A 327 11.00 -12.43 -6.11
C SER A 327 11.49 -12.67 -4.68
N SER A 328 12.22 -13.77 -4.49
CA SER A 328 12.80 -14.10 -3.19
C SER A 328 14.28 -13.77 -3.14
N LEU A 329 14.75 -13.06 -4.17
CA LEU A 329 16.15 -12.63 -4.27
C LEU A 329 16.23 -11.13 -4.05
N SER A 330 17.30 -10.48 -4.51
CA SER A 330 17.48 -9.06 -4.26
C SER A 330 16.52 -8.24 -5.11
N ARG A 331 16.41 -6.93 -4.83
CA ARG A 331 15.47 -6.05 -5.54
C ARG A 331 15.54 -6.11 -7.07
N THR A 332 16.75 -6.12 -7.61
CA THR A 332 16.91 -6.15 -9.07
C THR A 332 16.21 -7.37 -9.66
N TYR A 333 16.32 -8.51 -8.97
CA TYR A 333 15.64 -9.71 -9.43
C TYR A 333 14.13 -9.58 -9.21
N LYS A 334 13.76 -8.98 -8.08
CA LYS A 334 12.36 -8.67 -7.80
C LYS A 334 11.75 -7.83 -8.92
N ASP A 335 12.46 -6.78 -9.32
CA ASP A 335 11.92 -5.82 -10.29
C ASP A 335 11.77 -6.42 -11.68
N SER A 336 12.49 -7.50 -11.96
CA SER A 336 12.42 -8.12 -13.27
C SER A 336 11.03 -8.70 -13.53
N ARG A 337 10.26 -8.90 -12.46
CA ARG A 337 8.94 -9.51 -12.58
C ARG A 337 7.84 -8.45 -12.73
N ASN A 338 8.24 -7.19 -12.61
CA ASN A 338 7.29 -6.06 -12.57
C ASN A 338 6.27 -6.04 -13.70
N ALA A 339 6.75 -6.07 -14.94
CA ALA A 339 5.87 -6.01 -16.10
C ALA A 339 4.97 -7.24 -16.18
N PHE A 340 5.51 -8.38 -15.77
CA PHE A 340 4.79 -9.65 -15.77
C PHE A 340 3.68 -9.65 -14.72
N ARG A 341 4.01 -9.15 -13.53
CA ARG A 341 3.07 -9.06 -12.44
C ARG A 341 1.90 -8.14 -12.82
N LYS A 342 2.22 -7.03 -13.46
CA LYS A 342 1.19 -6.08 -13.89
C LYS A 342 0.25 -6.70 -14.93
N ALA A 343 0.81 -7.50 -15.84
CA ALA A 343 0.01 -8.13 -16.89
C ALA A 343 -1.01 -9.13 -16.33
N LEU A 344 -0.62 -9.83 -15.27
CA LEU A 344 -1.49 -10.85 -14.70
C LEU A 344 -2.35 -10.33 -13.57
N TYR A 345 -1.90 -9.27 -12.91
CA TYR A 345 -2.56 -8.84 -11.69
C TYR A 345 -2.92 -7.34 -11.69
N GLY A 346 -2.30 -6.57 -12.57
CA GLY A 346 -2.58 -5.15 -12.64
C GLY A 346 -1.88 -4.34 -11.56
N THR A 347 -1.16 -5.03 -10.68
CA THR A 347 -0.49 -4.38 -9.56
C THR A 347 0.80 -3.69 -9.97
N THR A 348 1.04 -2.54 -9.36
CA THR A 348 2.17 -1.68 -9.68
C THR A 348 3.38 -2.06 -8.82
N SER A 349 3.12 -2.76 -7.72
CA SER A 349 4.20 -3.23 -6.84
C SER A 349 3.84 -4.53 -6.10
N GLU A 350 4.87 -5.24 -5.66
CA GLU A 350 4.71 -6.44 -4.85
C GLU A 350 4.16 -6.02 -3.49
N SER A 351 3.37 -6.89 -2.86
CA SER A 351 2.78 -6.53 -1.57
C SER A 351 3.87 -6.39 -0.51
N ALA A 352 3.52 -5.79 0.62
CA ALA A 352 4.49 -5.54 1.69
C ALA A 352 5.24 -6.80 2.11
N THR A 353 6.55 -6.65 2.30
CA THR A 353 7.42 -7.76 2.68
C THR A 353 6.94 -8.50 3.92
N TRP A 354 6.62 -7.76 4.97
CA TRP A 354 6.18 -8.36 6.23
C TRP A 354 4.88 -9.11 6.05
N ARG A 355 4.05 -8.65 5.12
CA ARG A 355 2.80 -9.33 4.81
C ARG A 355 3.09 -10.66 4.12
N ARG A 356 3.99 -10.62 3.15
CA ARG A 356 4.42 -11.80 2.43
C ARG A 356 5.09 -12.79 3.36
N CYS A 357 5.95 -12.27 4.25
CA CYS A 357 6.68 -13.11 5.18
C CYS A 357 5.77 -13.74 6.22
N ALA A 358 4.81 -12.97 6.72
CA ALA A 358 3.84 -13.47 7.69
C ALA A 358 3.05 -14.60 7.05
N ASN A 359 2.62 -14.36 5.82
CA ASN A 359 1.90 -15.37 5.05
C ASN A 359 2.77 -16.58 4.74
N TYR A 360 4.02 -16.35 4.37
CA TYR A 360 4.94 -17.44 4.06
C TYR A 360 5.16 -18.37 5.25
N VAL A 361 5.45 -17.78 6.41
CA VAL A 361 5.69 -18.57 7.63
C VAL A 361 4.42 -19.32 8.00
N ASN A 362 3.28 -18.65 7.86
CA ASN A 362 1.98 -19.28 8.09
C ASN A 362 1.78 -20.48 7.18
N GLY A 363 2.14 -20.33 5.91
CA GLY A 363 2.00 -21.42 4.95
C GLY A 363 2.89 -22.62 5.22
N ASN A 364 4.05 -22.41 5.81
CA ASN A 364 5.01 -23.49 6.00
C ASN A 364 5.09 -24.04 7.42
N MET A 365 4.55 -23.31 8.39
CA MET A 365 4.48 -23.76 9.77
C MET A 365 3.11 -23.44 10.32
N GLU A 366 2.09 -24.00 9.68
CA GLU A 366 0.70 -23.64 9.91
C GLU A 366 0.22 -23.97 11.32
N ASN A 367 0.81 -24.99 11.94
CA ASN A 367 0.45 -25.37 13.30
C ASN A 367 1.07 -24.44 14.34
N ALA A 368 2.36 -24.14 14.16
CA ALA A 368 3.07 -23.22 15.03
C ALA A 368 2.45 -21.82 14.97
N VAL A 369 2.13 -21.37 13.75
CA VAL A 369 1.55 -20.04 13.57
C VAL A 369 0.08 -20.04 14.00
N GLY A 370 -0.62 -21.13 13.71
CA GLY A 370 -1.99 -21.30 14.14
C GLY A 370 -2.12 -21.20 15.65
N ARG A 371 -1.13 -21.74 16.34
CA ARG A 371 -1.07 -21.69 17.79
C ARG A 371 -0.97 -20.26 18.29
N LEU A 372 -0.01 -19.51 17.75
CA LEU A 372 0.19 -18.12 18.12
C LEU A 372 -1.04 -17.27 17.81
N TYR A 373 -1.68 -17.52 16.67
CA TYR A 373 -2.84 -16.74 16.27
C TYR A 373 -4.02 -16.93 17.22
N VAL A 374 -4.40 -18.18 17.49
CA VAL A 374 -5.60 -18.43 18.29
C VAL A 374 -5.43 -17.97 19.73
N GLU A 375 -4.20 -18.07 20.25
CA GLU A 375 -3.94 -17.61 21.60
C GLU A 375 -4.04 -16.09 21.71
N ALA A 376 -3.75 -15.40 20.62
CA ALA A 376 -3.77 -13.94 20.61
C ALA A 376 -5.09 -13.30 20.20
N ALA A 377 -5.88 -14.00 19.38
CA ALA A 377 -7.00 -13.34 18.72
C ALA A 377 -8.30 -14.14 18.66
N PHE A 378 -8.28 -15.40 19.08
CA PHE A 378 -9.46 -16.22 18.92
C PHE A 378 -10.11 -16.56 20.24
N ALA A 379 -11.40 -16.21 20.34
CA ALA A 379 -12.17 -16.57 21.52
C ALA A 379 -12.69 -17.98 21.41
N GLY A 380 -12.13 -18.86 22.23
CA GLY A 380 -12.45 -20.27 22.28
C GLY A 380 -13.90 -20.52 22.67
N GLU A 381 -14.50 -19.50 23.26
CA GLU A 381 -15.88 -19.53 23.70
C GLU A 381 -16.81 -19.75 22.52
N SER A 382 -16.31 -19.42 21.33
CA SER A 382 -17.03 -19.52 20.07
C SER A 382 -17.42 -20.93 19.61
N LYS A 383 -16.61 -21.92 19.97
CA LYS A 383 -16.72 -23.28 19.42
C LYS A 383 -18.05 -23.99 19.63
N HIS A 384 -18.60 -23.93 20.83
CA HIS A 384 -19.81 -24.67 21.15
C HIS A 384 -21.00 -24.08 20.39
N VAL A 385 -20.99 -22.76 20.22
CA VAL A 385 -22.04 -22.08 19.45
C VAL A 385 -22.01 -22.49 17.99
N VAL A 386 -20.81 -22.55 17.42
CA VAL A 386 -20.63 -22.98 16.03
C VAL A 386 -21.11 -24.42 15.86
N GLU A 387 -20.80 -25.26 16.85
CA GLU A 387 -21.28 -26.64 16.88
C GLU A 387 -22.80 -26.70 16.72
N ASP A 388 -23.48 -25.83 17.46
CA ASP A 388 -24.94 -25.80 17.44
C ASP A 388 -25.49 -25.33 16.10
N LEU A 389 -24.85 -24.33 15.50
CA LEU A 389 -25.26 -23.83 14.19
C LEU A 389 -25.14 -24.91 13.11
N ILE A 390 -24.05 -25.68 13.18
CA ILE A 390 -23.81 -26.76 12.23
C ILE A 390 -24.90 -27.83 12.31
N ALA A 391 -25.29 -28.18 13.53
CA ALA A 391 -26.35 -29.16 13.77
C ALA A 391 -27.68 -28.70 13.17
N GLN A 392 -28.01 -27.43 13.36
CA GLN A 392 -29.24 -26.87 12.83
C GLN A 392 -29.29 -26.93 11.31
N ILE A 393 -28.20 -26.53 10.66
CA ILE A 393 -28.16 -26.46 9.21
C ILE A 393 -28.07 -27.86 8.61
N ARG A 394 -27.35 -28.75 9.31
CA ARG A 394 -27.32 -30.16 8.93
C ARG A 394 -28.73 -30.76 8.92
N GLU A 395 -29.48 -30.47 9.98
CA GLU A 395 -30.84 -30.97 10.10
C GLU A 395 -31.78 -30.36 9.06
N VAL A 396 -31.55 -29.08 8.75
CA VAL A 396 -32.34 -28.40 7.73
C VAL A 396 -32.14 -29.06 6.37
N PHE A 397 -30.90 -29.39 6.05
CA PHE A 397 -30.58 -30.08 4.81
C PHE A 397 -31.36 -31.37 4.65
N ILE A 398 -31.35 -32.19 5.70
CA ILE A 398 -32.01 -33.49 5.68
C ILE A 398 -33.52 -33.35 5.50
N GLN A 399 -34.11 -32.41 6.23
CA GLN A 399 -35.54 -32.13 6.15
C GLN A 399 -35.94 -31.59 4.78
N THR A 400 -35.06 -30.79 4.18
CA THR A 400 -35.31 -30.17 2.89
C THR A 400 -35.48 -31.22 1.76
N LEU A 401 -34.92 -32.41 1.97
CA LEU A 401 -35.03 -33.48 0.98
C LEU A 401 -36.46 -33.84 0.58
N ASP A 402 -37.41 -33.70 1.50
CA ASP A 402 -38.82 -34.00 1.20
C ASP A 402 -39.39 -33.01 0.19
N ASP A 403 -38.91 -31.76 0.25
CA ASP A 403 -39.45 -30.73 -0.61
C ASP A 403 -38.95 -30.90 -2.03
N LEU A 404 -37.80 -31.55 -2.18
CA LEU A 404 -37.16 -31.69 -3.47
C LEU A 404 -37.85 -32.82 -4.24
N THR A 405 -38.54 -32.47 -5.31
CA THR A 405 -39.36 -33.42 -6.06
C THR A 405 -38.60 -34.14 -7.17
N TRP A 406 -37.37 -33.73 -7.42
CA TRP A 406 -36.57 -34.34 -8.50
C TRP A 406 -35.78 -35.56 -8.06
N MET A 407 -35.89 -35.93 -6.80
CA MET A 407 -35.25 -37.15 -6.29
C MET A 407 -36.28 -38.21 -5.91
N ASP A 408 -35.98 -39.47 -6.24
CA ASP A 408 -36.82 -40.58 -5.81
C ASP A 408 -36.52 -40.89 -4.35
N ALA A 409 -37.31 -41.79 -3.76
CA ALA A 409 -37.26 -42.02 -2.32
C ALA A 409 -35.93 -42.57 -1.79
N GLU A 410 -35.34 -43.53 -2.50
CA GLU A 410 -34.16 -44.21 -1.98
C GLU A 410 -32.89 -43.38 -2.12
N THR A 411 -32.86 -42.47 -3.08
CA THR A 411 -31.70 -41.58 -3.23
C THR A 411 -31.76 -40.54 -2.12
N LYS A 412 -32.96 -40.18 -1.70
CA LYS A 412 -33.16 -39.26 -0.58
C LYS A 412 -32.63 -39.86 0.72
N LYS A 413 -32.91 -41.14 0.93
CA LYS A 413 -32.44 -41.84 2.12
C LYS A 413 -30.92 -41.90 2.12
N LYS A 414 -30.34 -42.12 0.95
CA LYS A 414 -28.89 -42.17 0.80
C LYS A 414 -28.26 -40.80 1.03
N ALA A 415 -28.95 -39.75 0.56
CA ALA A 415 -28.50 -38.38 0.75
C ALA A 415 -28.49 -38.01 2.23
N GLU A 416 -29.58 -38.36 2.92
CA GLU A 416 -29.69 -38.16 4.36
C GLU A 416 -28.58 -38.87 5.12
N GLU A 417 -28.32 -40.11 4.73
CA GLU A 417 -27.27 -40.92 5.33
C GLU A 417 -25.90 -40.24 5.27
N LYS A 418 -25.56 -39.70 4.10
CA LYS A 418 -24.28 -38.99 3.94
C LYS A 418 -24.27 -37.71 4.76
N ALA A 419 -25.40 -37.01 4.79
CA ALA A 419 -25.52 -35.78 5.54
C ALA A 419 -25.25 -36.05 7.02
N LEU A 420 -25.74 -37.18 7.50
CA LEU A 420 -25.54 -37.59 8.88
C LEU A 420 -24.09 -37.94 9.19
N ALA A 421 -23.36 -38.39 8.17
CA ALA A 421 -21.98 -38.84 8.34
C ALA A 421 -20.93 -37.73 8.27
N ILE A 422 -21.35 -36.52 7.93
CA ILE A 422 -20.43 -35.39 7.82
C ILE A 422 -19.78 -35.07 9.16
N LYS A 423 -18.45 -35.02 9.18
CA LYS A 423 -17.71 -34.69 10.40
C LYS A 423 -17.27 -33.23 10.39
N GLU A 424 -17.29 -32.61 11.55
CA GLU A 424 -16.96 -31.19 11.63
C GLU A 424 -15.61 -30.89 12.29
N ARG A 425 -15.00 -29.80 11.82
CA ARG A 425 -13.78 -29.24 12.40
C ARG A 425 -13.96 -27.75 12.63
N ILE A 426 -13.74 -27.33 13.87
CA ILE A 426 -14.03 -25.96 14.26
C ILE A 426 -12.85 -25.32 14.97
N GLY A 427 -12.42 -24.17 14.48
CA GLY A 427 -11.41 -23.38 15.16
C GLY A 427 -9.98 -23.79 14.87
N TYR A 428 -9.50 -24.80 15.58
CA TYR A 428 -8.13 -25.28 15.45
C TYR A 428 -7.99 -26.68 16.02
N PRO A 429 -6.98 -27.43 15.57
CA PRO A 429 -6.71 -28.73 16.20
C PRO A 429 -6.14 -28.50 17.58
N ASP A 430 -6.78 -29.13 18.57
CA ASP A 430 -6.47 -28.90 19.98
C ASP A 430 -5.00 -29.11 20.33
N ASP A 431 -4.35 -30.04 19.63
CA ASP A 431 -2.97 -30.41 19.93
C ASP A 431 -1.96 -29.25 19.83
N ILE A 432 -2.21 -28.32 18.92
CA ILE A 432 -1.27 -27.22 18.69
C ILE A 432 -1.17 -26.24 19.86
N VAL A 433 -2.15 -26.27 20.76
CA VAL A 433 -2.12 -25.40 21.93
C VAL A 433 -1.88 -26.22 23.20
N SER A 434 -2.44 -27.43 23.25
CA SER A 434 -2.43 -28.23 24.47
C SER A 434 -1.28 -29.23 24.52
N ASN A 435 -0.53 -29.38 23.43
CA ASN A 435 0.54 -30.36 23.37
C ASN A 435 1.84 -29.83 22.75
N ASP A 436 2.68 -29.21 23.57
CA ASP A 436 3.93 -28.61 23.10
C ASP A 436 4.86 -29.64 22.45
N ASN A 437 4.89 -30.85 23.01
CA ASN A 437 5.77 -31.90 22.52
C ASN A 437 5.48 -32.33 21.09
N LYS A 438 4.20 -32.50 20.77
CA LYS A 438 3.78 -32.90 19.44
C LYS A 438 4.13 -31.80 18.43
N LEU A 439 3.93 -30.56 18.85
CA LEU A 439 4.19 -29.40 18.00
C LEU A 439 5.68 -29.25 17.71
N ASN A 440 6.49 -29.37 18.76
CA ASN A 440 7.93 -29.30 18.61
C ASN A 440 8.44 -30.41 17.66
N ASN A 441 7.88 -31.62 17.75
CA ASN A 441 8.35 -32.74 16.91
C ASN A 441 8.10 -32.58 15.43
N GLU A 442 7.01 -31.92 15.11
CA GLU A 442 6.66 -31.68 13.74
C GLU A 442 7.79 -30.95 13.02
N TYR A 443 8.40 -29.98 13.67
CA TYR A 443 9.42 -29.20 13.00
C TYR A 443 10.84 -29.62 13.39
N LEU A 444 10.98 -30.81 13.96
CA LEU A 444 12.27 -31.30 14.47
C LEU A 444 13.38 -31.25 13.42
N GLU A 445 13.06 -31.69 12.20
CA GLU A 445 14.07 -31.80 11.15
C GLU A 445 14.40 -30.45 10.51
N LEU A 446 13.59 -29.44 10.79
CA LEU A 446 13.80 -28.10 10.26
C LEU A 446 14.80 -27.32 11.11
N ASN A 447 15.78 -26.70 10.46
CA ASN A 447 16.72 -25.81 11.14
C ASN A 447 17.05 -24.58 10.31
N TYR A 448 16.50 -23.43 10.71
CA TYR A 448 16.65 -22.20 9.93
C TYR A 448 17.82 -21.32 10.37
N LYS A 449 18.32 -20.54 9.43
CA LYS A 449 19.34 -19.53 9.70
C LYS A 449 18.78 -18.11 9.60
N GLU A 450 19.21 -17.23 10.50
CA GLU A 450 18.68 -15.87 10.57
C GLU A 450 18.93 -15.07 9.30
N ASP A 451 20.05 -15.32 8.64
CA ASP A 451 20.45 -14.48 7.51
C ASP A 451 20.48 -15.20 6.16
N GLU A 452 19.82 -16.34 6.05
CA GLU A 452 19.75 -17.06 4.79
C GLU A 452 18.31 -17.43 4.48
N TYR A 453 17.54 -16.44 4.04
CA TYR A 453 16.13 -16.66 3.73
C TYR A 453 15.96 -17.68 2.61
N PHE A 454 16.72 -17.51 1.53
CA PHE A 454 16.61 -18.39 0.38
C PHE A 454 16.96 -19.83 0.72
N GLU A 455 17.98 -20.00 1.55
CA GLU A 455 18.37 -21.32 1.99
C GLU A 455 17.24 -21.95 2.80
N ASN A 456 16.58 -21.13 3.61
CA ASN A 456 15.44 -21.58 4.41
C ASN A 456 14.24 -22.05 3.58
N ILE A 457 13.94 -21.35 2.50
CA ILE A 457 12.79 -21.70 1.69
C ILE A 457 13.06 -22.95 0.86
N ILE A 458 14.32 -23.16 0.50
CA ILE A 458 14.71 -24.38 -0.19
C ILE A 458 14.57 -25.58 0.75
N GLN A 459 14.98 -25.40 2.00
CA GLN A 459 14.81 -26.43 3.01
C GLN A 459 13.34 -26.78 3.17
N ASN A 460 12.49 -25.76 3.18
CA ASN A 460 11.05 -25.97 3.33
C ASN A 460 10.43 -26.71 2.16
N LEU A 461 10.87 -26.38 0.94
CA LEU A 461 10.37 -27.07 -0.25
C LEU A 461 10.71 -28.55 -0.21
N LYS A 462 11.96 -28.86 0.10
CA LYS A 462 12.40 -30.26 0.20
C LYS A 462 11.64 -31.01 1.29
N PHE A 463 11.55 -30.39 2.47
CA PHE A 463 10.87 -30.98 3.61
C PHE A 463 9.39 -31.24 3.32
N SER A 464 8.73 -30.26 2.70
CA SER A 464 7.31 -30.37 2.38
C SER A 464 7.03 -31.50 1.41
N GLN A 465 7.87 -31.63 0.39
CA GLN A 465 7.72 -32.69 -0.60
C GLN A 465 8.03 -34.06 -0.01
N SER A 466 9.12 -34.14 0.74
CA SER A 466 9.54 -35.38 1.38
C SER A 466 8.47 -35.95 2.31
N LYS A 467 7.85 -35.08 3.09
CA LYS A 467 6.83 -35.45 4.05
C LYS A 467 5.62 -36.08 3.36
N GLN A 468 5.26 -35.55 2.20
CA GLN A 468 4.11 -36.03 1.44
C GLN A 468 4.39 -37.34 0.70
N LEU A 469 5.58 -37.45 0.11
CA LEU A 469 5.99 -38.65 -0.62
C LEU A 469 6.06 -39.86 0.30
N LYS A 470 6.44 -39.64 1.55
CA LYS A 470 6.59 -40.71 2.53
C LYS A 470 5.27 -41.39 2.90
N LYS A 471 4.16 -40.77 2.53
CA LYS A 471 2.82 -41.26 2.90
C LYS A 471 2.29 -42.39 2.01
N LEU A 472 3.00 -42.72 0.94
CA LEU A 472 2.49 -43.61 -0.09
C LEU A 472 2.04 -44.97 0.47
N ARG A 473 2.77 -45.52 1.44
CA ARG A 473 2.41 -46.81 2.00
C ARG A 473 1.65 -46.71 3.32
N GLU A 474 1.42 -45.50 3.79
CA GLU A 474 0.71 -45.25 5.05
C GLU A 474 -0.78 -45.01 4.77
N LYS A 475 -1.64 -45.28 5.75
CA LYS A 475 -3.06 -44.93 5.56
C LYS A 475 -3.21 -43.42 5.77
N VAL A 476 -4.25 -42.82 5.17
CA VAL A 476 -4.47 -41.39 5.40
C VAL A 476 -4.86 -41.07 6.83
N ASP A 477 -4.19 -40.11 7.47
CA ASP A 477 -4.66 -39.76 8.80
C ASP A 477 -5.82 -38.76 8.76
N LYS A 478 -7.02 -39.18 9.11
CA LYS A 478 -8.21 -38.31 9.03
C LYS A 478 -8.20 -37.12 9.98
N ASP A 479 -7.59 -37.25 11.16
CA ASP A 479 -7.71 -36.19 12.17
C ASP A 479 -6.75 -35.08 11.80
N GLU A 480 -5.83 -35.38 10.88
CA GLU A 480 -4.82 -34.42 10.49
C GLU A 480 -5.65 -33.32 9.85
N TRP A 481 -5.43 -32.07 10.25
CA TRP A 481 -6.19 -30.96 9.67
C TRP A 481 -5.72 -30.59 8.27
N ILE A 482 -6.67 -30.12 7.46
CA ILE A 482 -6.40 -29.77 6.07
C ILE A 482 -6.18 -28.27 5.89
N THR A 483 -6.15 -27.55 6.99
CA THR A 483 -5.86 -26.12 6.96
C THR A 483 -5.26 -25.66 8.29
N GLY A 484 -4.52 -24.57 8.23
CA GLY A 484 -4.07 -23.90 9.43
C GLY A 484 -5.22 -23.15 10.07
N ALA A 485 -5.05 -22.79 11.35
CA ALA A 485 -6.12 -22.09 12.06
C ALA A 485 -6.15 -20.62 11.67
N ALA A 486 -4.98 -20.06 11.38
CA ALA A 486 -4.88 -18.65 11.01
C ALA A 486 -5.23 -18.45 9.54
N ILE A 487 -6.44 -18.85 9.18
CA ILE A 487 -6.90 -18.84 7.78
C ILE A 487 -8.32 -18.29 7.71
N VAL A 488 -8.54 -17.33 6.82
CA VAL A 488 -9.87 -16.79 6.58
C VAL A 488 -10.51 -17.50 5.40
N ASN A 489 -11.12 -18.64 5.71
CA ASN A 489 -11.71 -19.52 4.71
C ASN A 489 -12.49 -20.64 5.38
N ALA A 490 -13.15 -21.46 4.57
CA ALA A 490 -13.82 -22.67 5.06
C ALA A 490 -13.73 -23.74 3.99
N PHE A 491 -13.84 -25.00 4.39
CA PHE A 491 -13.56 -26.09 3.45
C PHE A 491 -14.52 -27.27 3.58
N TYR A 492 -14.69 -27.98 2.47
CA TYR A 492 -15.31 -29.30 2.47
C TYR A 492 -14.35 -30.29 1.83
N SER A 493 -14.17 -31.45 2.46
CA SER A 493 -13.32 -32.48 1.88
C SER A 493 -14.16 -33.65 1.37
N SER A 494 -14.11 -33.88 0.06
CA SER A 494 -14.84 -35.00 -0.53
C SER A 494 -14.31 -36.32 0.02
N GLY A 495 -12.99 -36.42 0.12
CA GLY A 495 -12.33 -37.63 0.54
C GLY A 495 -12.53 -38.01 2.00
N ARG A 496 -12.75 -37.00 2.84
CA ARG A 496 -12.93 -37.23 4.26
C ARG A 496 -14.37 -37.03 4.69
N ASN A 497 -15.19 -36.54 3.76
CA ASN A 497 -16.55 -36.12 4.02
C ASN A 497 -16.63 -35.28 5.30
N GLN A 498 -15.86 -34.21 5.36
CA GLN A 498 -15.87 -33.35 6.54
C GLN A 498 -15.91 -31.86 6.17
N ILE A 499 -16.46 -31.06 7.07
CA ILE A 499 -16.51 -29.61 6.88
C ILE A 499 -15.63 -28.93 7.93
N VAL A 500 -14.88 -27.92 7.50
CA VAL A 500 -13.87 -27.30 8.35
C VAL A 500 -14.02 -25.79 8.40
N PHE A 501 -14.03 -25.24 9.61
CA PHE A 501 -14.18 -23.81 9.81
C PHE A 501 -13.09 -23.27 10.72
N PRO A 502 -11.93 -22.90 10.14
CA PRO A 502 -10.82 -22.40 10.95
C PRO A 502 -11.16 -21.10 11.67
N ALA A 503 -10.45 -20.82 12.76
CA ALA A 503 -10.69 -19.66 13.60
C ALA A 503 -10.73 -18.34 12.83
N GLY A 504 -9.94 -18.25 11.76
CA GLY A 504 -9.83 -17.02 11.00
C GLY A 504 -11.11 -16.53 10.36
N ILE A 505 -12.04 -17.43 10.11
CA ILE A 505 -13.31 -17.03 9.49
C ILE A 505 -14.40 -16.84 10.53
N LEU A 506 -14.09 -17.22 11.78
CA LEU A 506 -15.06 -17.07 12.86
C LEU A 506 -14.97 -15.68 13.47
N GLN A 507 -15.30 -14.68 12.66
CA GLN A 507 -15.24 -13.28 13.06
C GLN A 507 -16.22 -12.47 12.21
N PRO A 508 -16.56 -11.25 12.63
CA PRO A 508 -17.42 -10.39 11.79
C PRO A 508 -16.81 -10.18 10.41
N PRO A 509 -17.66 -10.16 9.37
CA PRO A 509 -19.12 -10.19 9.46
C PRO A 509 -19.74 -11.59 9.52
N PHE A 510 -18.91 -12.64 9.47
CA PHE A 510 -19.42 -14.01 9.46
C PHE A 510 -20.09 -14.37 10.79
N PHE A 511 -19.37 -14.17 11.89
CA PHE A 511 -19.86 -14.59 13.19
C PHE A 511 -19.27 -13.75 14.34
N SER A 512 -20.11 -13.43 15.31
CA SER A 512 -19.64 -12.85 16.57
C SER A 512 -20.73 -12.99 17.62
N ALA A 513 -20.32 -13.22 18.87
CA ALA A 513 -21.26 -13.25 19.99
C ALA A 513 -21.88 -11.88 20.20
N GLN A 514 -21.15 -10.84 19.76
CA GLN A 514 -21.59 -9.46 19.88
C GLN A 514 -22.26 -9.02 18.60
N GLN A 515 -22.72 -9.99 17.83
CA GLN A 515 -23.34 -9.75 16.53
C GLN A 515 -24.76 -10.32 16.51
N SER A 516 -25.67 -9.63 15.84
CA SER A 516 -27.05 -10.08 15.73
C SER A 516 -27.11 -11.49 15.13
N ASN A 517 -28.15 -12.25 15.49
CA ASN A 517 -28.34 -13.60 14.98
C ASN A 517 -28.59 -13.61 13.48
N SER A 518 -29.35 -12.60 13.01
CA SER A 518 -29.63 -12.42 11.59
C SER A 518 -28.33 -12.34 10.81
N LEU A 519 -27.37 -11.60 11.36
CA LEU A 519 -26.08 -11.44 10.72
C LEU A 519 -25.31 -12.76 10.77
N ASN A 520 -25.35 -13.43 11.91
CA ASN A 520 -24.67 -14.71 12.06
C ASN A 520 -25.20 -15.77 11.09
N TYR A 521 -26.51 -15.86 10.96
CA TYR A 521 -27.09 -16.83 10.04
C TYR A 521 -26.85 -16.42 8.59
N GLY A 522 -26.92 -15.12 8.33
CA GLY A 522 -26.65 -14.61 7.00
C GLY A 522 -25.18 -14.75 6.64
N GLY A 523 -24.35 -14.83 7.67
CA GLY A 523 -22.91 -14.91 7.50
C GLY A 523 -22.37 -16.33 7.58
N ILE A 524 -21.99 -16.74 8.79
CA ILE A 524 -21.42 -18.06 9.01
C ILE A 524 -22.45 -19.17 8.76
N GLY A 525 -23.73 -18.85 8.94
CA GLY A 525 -24.78 -19.81 8.67
C GLY A 525 -24.79 -20.21 7.21
N MET A 526 -24.74 -19.22 6.33
CA MET A 526 -24.67 -19.47 4.89
C MET A 526 -23.39 -20.20 4.52
N VAL A 527 -22.29 -19.85 5.18
CA VAL A 527 -21.01 -20.50 4.95
C VAL A 527 -21.04 -21.98 5.34
N ILE A 528 -21.66 -22.28 6.48
CA ILE A 528 -21.83 -23.65 6.93
C ILE A 528 -22.65 -24.46 5.92
N GLY A 529 -23.75 -23.86 5.47
CA GLY A 529 -24.58 -24.48 4.45
C GLY A 529 -23.81 -24.70 3.17
N HIS A 530 -23.00 -23.71 2.80
CA HIS A 530 -22.15 -23.80 1.62
C HIS A 530 -21.25 -25.04 1.64
N GLU A 531 -20.52 -25.23 2.74
CA GLU A 531 -19.59 -26.35 2.84
C GLU A 531 -20.31 -27.70 2.85
N ILE A 532 -21.42 -27.78 3.59
CA ILE A 532 -22.22 -29.00 3.61
C ILE A 532 -22.75 -29.35 2.21
N THR A 533 -23.26 -28.36 1.51
CA THR A 533 -23.82 -28.54 0.17
C THR A 533 -22.75 -28.99 -0.83
N HIS A 534 -21.49 -28.61 -0.58
CA HIS A 534 -20.39 -29.05 -1.44
C HIS A 534 -20.31 -30.57 -1.50
N GLY A 535 -20.78 -31.22 -0.45
CA GLY A 535 -20.83 -32.67 -0.41
C GLY A 535 -21.87 -33.23 -1.35
N PHE A 536 -22.64 -32.36 -1.98
CA PHE A 536 -23.74 -32.79 -2.83
C PHE A 536 -23.83 -32.01 -4.16
N ASP A 537 -22.75 -31.33 -4.53
CA ASP A 537 -22.74 -30.63 -5.82
C ASP A 537 -22.37 -31.58 -6.94
N ASP A 538 -22.06 -31.05 -8.12
CA ASP A 538 -21.79 -31.88 -9.29
C ASP A 538 -20.56 -32.77 -9.09
N ASN A 539 -19.67 -32.36 -8.19
CA ASN A 539 -18.53 -33.18 -7.82
C ASN A 539 -18.78 -34.04 -6.60
N GLY A 540 -19.17 -33.40 -5.50
CA GLY A 540 -19.36 -34.05 -4.21
C GLY A 540 -20.34 -35.20 -4.16
N ARG A 541 -21.41 -35.11 -4.95
CA ARG A 541 -22.46 -36.14 -4.96
C ARG A 541 -21.94 -37.48 -5.45
N ASN A 542 -20.75 -37.47 -6.04
CA ASN A 542 -20.13 -38.69 -6.55
C ASN A 542 -19.37 -39.45 -5.47
N PHE A 543 -19.22 -38.83 -4.30
CA PHE A 543 -18.51 -39.45 -3.19
C PHE A 543 -19.50 -39.84 -2.08
N ASN A 544 -19.29 -41.00 -1.47
CA ASN A 544 -20.21 -41.49 -0.46
C ASN A 544 -19.87 -41.00 0.95
N LYS A 545 -20.51 -41.57 1.96
CA LYS A 545 -20.39 -41.04 3.32
C LYS A 545 -18.99 -41.20 3.89
N ASP A 546 -18.22 -42.12 3.31
CA ASP A 546 -16.87 -42.37 3.81
C ASP A 546 -15.80 -41.78 2.89
N GLY A 547 -16.23 -41.01 1.89
CA GLY A 547 -15.30 -40.28 1.05
C GLY A 547 -14.84 -41.06 -0.18
N ASP A 548 -15.48 -42.18 -0.45
CA ASP A 548 -15.11 -43.00 -1.60
C ASP A 548 -15.91 -42.63 -2.85
N LEU A 549 -15.22 -42.50 -3.98
CA LEU A 549 -15.86 -42.25 -5.26
C LEU A 549 -16.68 -43.44 -5.76
N VAL A 550 -17.97 -43.48 -5.40
CA VAL A 550 -18.88 -44.55 -5.82
C VAL A 550 -20.26 -43.99 -6.17
N ASP A 551 -20.92 -44.62 -7.13
CA ASP A 551 -22.24 -44.16 -7.57
C ASP A 551 -23.36 -44.64 -6.64
N TRP A 552 -23.94 -43.72 -5.88
CA TRP A 552 -25.09 -44.04 -5.04
C TRP A 552 -26.36 -43.37 -5.53
N TRP A 553 -26.37 -42.97 -6.81
CA TRP A 553 -27.54 -42.31 -7.39
C TRP A 553 -28.27 -43.26 -8.34
N THR A 554 -29.60 -43.21 -8.32
CA THR A 554 -30.38 -43.89 -9.35
C THR A 554 -30.16 -43.15 -10.66
N GLN A 555 -30.42 -43.82 -11.77
CA GLN A 555 -30.22 -43.22 -13.08
C GLN A 555 -31.08 -41.98 -13.29
N GLN A 556 -32.33 -42.06 -12.82
CA GLN A 556 -33.28 -40.98 -13.00
C GLN A 556 -32.90 -39.75 -12.18
N SER A 557 -32.57 -39.98 -10.91
CA SER A 557 -32.20 -38.90 -10.01
C SER A 557 -30.89 -38.26 -10.46
N ALA A 558 -29.96 -39.06 -10.96
CA ALA A 558 -28.72 -38.53 -11.49
C ALA A 558 -29.00 -37.65 -12.71
N ASN A 559 -29.86 -38.15 -13.60
CA ASN A 559 -30.31 -37.37 -14.75
C ASN A 559 -31.00 -36.08 -14.34
N ASN A 560 -31.84 -36.16 -13.32
CA ASN A 560 -32.56 -34.99 -12.83
C ASN A 560 -31.60 -33.98 -12.18
N PHE A 561 -30.60 -34.48 -11.48
CA PHE A 561 -29.58 -33.61 -10.89
C PHE A 561 -28.94 -32.80 -12.00
N LYS A 562 -28.61 -33.47 -13.10
CA LYS A 562 -27.95 -32.81 -14.22
C LYS A 562 -28.88 -31.78 -14.84
N GLU A 563 -30.18 -32.08 -14.87
CA GLU A 563 -31.17 -31.14 -15.40
C GLU A 563 -31.34 -29.92 -14.52
N GLN A 564 -31.51 -30.13 -13.22
CA GLN A 564 -31.64 -29.05 -12.27
C GLN A 564 -30.41 -28.16 -12.25
N SER A 565 -29.23 -28.78 -12.27
CA SER A 565 -27.97 -28.06 -12.19
C SER A 565 -27.69 -27.34 -13.50
N GLN A 566 -28.20 -27.89 -14.60
CA GLN A 566 -28.01 -27.28 -15.92
C GLN A 566 -28.55 -25.86 -15.97
N CYS A 567 -29.60 -25.61 -15.21
CA CYS A 567 -30.16 -24.27 -15.09
C CYS A 567 -29.14 -23.25 -14.62
N MET A 568 -28.32 -23.64 -13.65
CA MET A 568 -27.31 -22.75 -13.07
C MET A 568 -26.12 -22.53 -13.99
N VAL A 569 -25.80 -23.55 -14.80
CA VAL A 569 -24.75 -23.42 -15.81
C VAL A 569 -25.10 -22.29 -16.78
N TYR A 570 -26.34 -22.29 -17.25
CA TYR A 570 -26.84 -21.27 -18.15
C TYR A 570 -26.92 -19.91 -17.46
N GLN A 571 -27.43 -19.91 -16.22
CA GLN A 571 -27.62 -18.66 -15.48
C GLN A 571 -26.33 -17.87 -15.28
N TYR A 572 -25.30 -18.54 -14.79
CA TYR A 572 -24.06 -17.86 -14.48
C TYR A 572 -23.22 -17.67 -15.73
N GLY A 573 -23.36 -18.58 -16.69
CA GLY A 573 -22.67 -18.44 -17.96
C GLY A 573 -23.15 -17.24 -18.74
N ASN A 574 -24.40 -16.84 -18.51
CA ASN A 574 -24.98 -15.68 -19.18
C ASN A 574 -24.56 -14.36 -18.54
N PHE A 575 -23.99 -14.44 -17.35
CA PHE A 575 -23.50 -13.25 -16.66
C PHE A 575 -22.27 -12.68 -17.35
N SER A 576 -22.33 -11.42 -17.74
CA SER A 576 -21.17 -10.74 -18.32
C SER A 576 -20.55 -9.80 -17.29
N TRP A 577 -19.23 -9.82 -17.21
CA TRP A 577 -18.51 -9.08 -16.19
C TRP A 577 -17.79 -7.88 -16.81
N ASP A 578 -18.19 -6.67 -16.44
CA ASP A 578 -17.64 -5.47 -17.06
C ASP A 578 -16.17 -5.28 -16.72
N LEU A 579 -15.77 -5.67 -15.51
CA LEU A 579 -14.38 -5.54 -15.08
C LEU A 579 -13.48 -6.44 -15.90
N ALA A 580 -14.02 -7.54 -16.41
CA ALA A 580 -13.26 -8.46 -17.23
C ALA A 580 -13.49 -8.19 -18.72
N GLY A 581 -13.88 -6.96 -19.03
CA GLY A 581 -14.08 -6.57 -20.41
C GLY A 581 -15.24 -7.27 -21.08
N GLY A 582 -16.26 -7.60 -20.30
CA GLY A 582 -17.45 -8.20 -20.87
C GLY A 582 -17.36 -9.71 -21.05
N GLN A 583 -16.24 -10.29 -20.64
CA GLN A 583 -16.11 -11.74 -20.64
C GLN A 583 -17.21 -12.36 -19.78
N HIS A 584 -17.67 -13.53 -20.18
CA HIS A 584 -18.69 -14.23 -19.41
C HIS A 584 -18.10 -15.18 -18.39
N LEU A 585 -18.79 -15.33 -17.27
CA LEU A 585 -18.44 -16.34 -16.27
C LEU A 585 -18.46 -17.71 -16.93
N ASN A 586 -17.63 -18.63 -16.44
CA ASN A 586 -17.68 -20.00 -16.92
C ASN A 586 -18.70 -20.79 -16.12
N GLY A 587 -19.88 -20.98 -16.68
CA GLY A 587 -20.98 -21.64 -15.99
C GLY A 587 -20.68 -23.07 -15.58
N ILE A 588 -19.80 -23.73 -16.33
CA ILE A 588 -19.47 -25.13 -16.03
C ILE A 588 -18.46 -25.21 -14.89
N ASN A 589 -17.38 -24.43 -14.98
CA ASN A 589 -16.32 -24.50 -13.97
C ASN A 589 -16.76 -23.94 -12.62
N THR A 590 -17.74 -23.04 -12.63
CA THR A 590 -18.23 -22.45 -11.39
C THR A 590 -19.47 -23.17 -10.85
N LEU A 591 -19.94 -24.19 -11.57
CA LEU A 591 -21.18 -24.87 -11.21
C LEU A 591 -21.20 -25.34 -9.76
N GLY A 592 -20.14 -26.04 -9.35
CA GLY A 592 -20.05 -26.57 -8.00
C GLY A 592 -20.18 -25.50 -6.93
N GLU A 593 -19.44 -24.41 -7.09
CA GLU A 593 -19.48 -23.31 -6.14
C GLU A 593 -20.81 -22.56 -6.18
N ASN A 594 -21.43 -22.50 -7.35
CA ASN A 594 -22.72 -21.85 -7.49
C ASN A 594 -23.82 -22.68 -6.84
N ILE A 595 -23.71 -23.99 -6.99
CA ILE A 595 -24.62 -24.92 -6.32
C ILE A 595 -24.57 -24.78 -4.81
N ALA A 596 -23.35 -24.68 -4.27
CA ALA A 596 -23.15 -24.56 -2.83
C ALA A 596 -23.66 -23.23 -2.26
N ASP A 597 -23.44 -22.15 -3.01
CA ASP A 597 -23.93 -20.83 -2.64
C ASP A 597 -25.44 -20.81 -2.51
N ASN A 598 -26.11 -21.30 -3.56
CA ASN A 598 -27.56 -21.28 -3.62
C ASN A 598 -28.19 -22.18 -2.57
N GLY A 599 -27.59 -23.36 -2.35
CA GLY A 599 -28.06 -24.27 -1.33
C GLY A 599 -27.84 -23.73 0.07
N GLY A 600 -26.63 -23.22 0.33
CA GLY A 600 -26.27 -22.79 1.67
C GLY A 600 -27.12 -21.66 2.23
N ILE A 601 -27.41 -20.66 1.40
CA ILE A 601 -28.17 -19.50 1.87
C ILE A 601 -29.61 -19.90 2.16
N GLY A 602 -30.15 -20.82 1.36
CA GLY A 602 -31.50 -21.32 1.58
C GLY A 602 -31.56 -22.07 2.88
N GLN A 603 -30.56 -22.90 3.13
CA GLN A 603 -30.47 -23.65 4.38
C GLN A 603 -30.31 -22.72 5.57
N ALA A 604 -29.46 -21.69 5.41
CA ALA A 604 -29.20 -20.74 6.48
C ALA A 604 -30.43 -19.92 6.84
N TYR A 605 -31.18 -19.50 5.84
CA TYR A 605 -32.37 -18.69 6.09
C TYR A 605 -33.46 -19.48 6.80
N ARG A 606 -33.68 -20.71 6.34
CA ARG A 606 -34.65 -21.60 6.97
C ARG A 606 -34.28 -21.88 8.43
N ALA A 607 -32.99 -22.12 8.68
CA ALA A 607 -32.50 -22.35 10.03
C ALA A 607 -32.70 -21.11 10.89
N TYR A 608 -32.52 -19.94 10.28
CA TYR A 608 -32.70 -18.68 10.99
C TYR A 608 -34.17 -18.48 11.34
N GLN A 609 -35.05 -18.73 10.37
CA GLN A 609 -36.48 -18.65 10.62
C GLN A 609 -36.89 -19.56 11.76
N ASN A 610 -36.37 -20.79 11.78
CA ASN A 610 -36.65 -21.70 12.87
C ASN A 610 -36.18 -21.17 14.21
N TYR A 611 -35.00 -20.54 14.22
CA TYR A 611 -34.45 -19.98 15.45
C TYR A 611 -35.30 -18.84 15.99
N VAL A 612 -35.75 -17.98 15.09
CA VAL A 612 -36.57 -16.84 15.48
C VAL A 612 -37.91 -17.39 15.95
N LYS A 613 -38.38 -18.45 15.30
CA LYS A 613 -39.64 -19.06 15.68
C LYS A 613 -39.60 -19.56 17.11
N LYS A 614 -38.46 -20.08 17.52
CA LYS A 614 -38.35 -20.70 18.84
C LYS A 614 -37.85 -19.74 19.92
N ASN A 615 -37.11 -18.71 19.54
CA ASN A 615 -36.51 -17.83 20.54
C ASN A 615 -37.01 -16.38 20.48
N GLY A 616 -37.73 -16.06 19.41
CA GLY A 616 -38.31 -14.74 19.22
C GLY A 616 -37.42 -13.79 18.46
N GLU A 617 -37.92 -12.57 18.24
CA GLU A 617 -37.19 -11.58 17.46
C GLU A 617 -36.06 -10.89 18.23
N GLU A 618 -35.10 -10.36 17.50
CA GLU A 618 -33.99 -9.62 18.09
C GLU A 618 -34.23 -8.11 17.96
N LYS A 619 -33.56 -7.33 18.80
CA LYS A 619 -33.59 -5.87 18.72
C LYS A 619 -32.99 -5.36 17.41
N LEU A 620 -33.63 -4.34 16.83
CA LEU A 620 -33.17 -3.71 15.59
C LEU A 620 -31.88 -2.89 15.74
N LEU A 621 -31.19 -2.68 14.63
CA LEU A 621 -29.98 -1.86 14.58
C LEU A 621 -30.25 -0.40 14.23
N PRO A 622 -29.56 0.52 14.92
CA PRO A 622 -29.73 1.97 14.75
C PRO A 622 -29.24 2.47 13.38
N GLY A 623 -29.95 3.43 12.83
CA GLY A 623 -29.54 4.06 11.58
C GLY A 623 -29.82 3.22 10.36
N ILE A 624 -30.42 2.05 10.55
CA ILE A 624 -30.77 1.19 9.44
C ILE A 624 -32.27 0.88 9.46
N ASP A 625 -32.99 1.34 8.45
CA ASP A 625 -34.43 1.12 8.40
C ASP A 625 -34.75 -0.18 7.67
N LEU A 626 -34.32 -1.29 8.25
CA LEU A 626 -34.58 -2.62 7.71
C LEU A 626 -34.92 -3.58 8.84
N ASN A 627 -35.81 -4.52 8.56
CA ASN A 627 -36.11 -5.59 9.51
C ASN A 627 -35.06 -6.69 9.42
N HIS A 628 -35.16 -7.68 10.30
CA HIS A 628 -34.12 -8.69 10.43
C HIS A 628 -34.13 -9.73 9.31
N LYS A 629 -35.26 -9.89 8.63
CA LYS A 629 -35.29 -10.73 7.45
C LYS A 629 -34.38 -10.11 6.40
N GLN A 630 -34.45 -8.79 6.31
CA GLN A 630 -33.65 -8.00 5.39
C GLN A 630 -32.18 -7.90 5.80
N LEU A 631 -31.93 -7.84 7.10
CA LEU A 631 -30.55 -7.80 7.61
C LEU A 631 -29.82 -9.10 7.33
N PHE A 632 -30.55 -10.20 7.30
CA PHE A 632 -30.00 -11.49 6.93
C PHE A 632 -29.34 -11.41 5.55
N PHE A 633 -30.09 -10.90 4.59
CA PHE A 633 -29.64 -10.86 3.21
C PHE A 633 -28.63 -9.75 2.98
N LEU A 634 -28.76 -8.66 3.72
CA LEU A 634 -27.78 -7.57 3.66
C LEU A 634 -26.41 -8.06 4.12
N ASN A 635 -26.37 -8.78 5.23
CA ASN A 635 -25.10 -9.28 5.75
C ASN A 635 -24.49 -10.36 4.87
N PHE A 636 -25.33 -11.25 4.35
CA PHE A 636 -24.90 -12.26 3.38
C PHE A 636 -24.18 -11.62 2.20
N ALA A 637 -24.77 -10.58 1.64
CA ALA A 637 -24.21 -9.90 0.48
C ALA A 637 -22.91 -9.18 0.78
N GLN A 638 -22.84 -8.56 1.96
CA GLN A 638 -21.66 -7.78 2.32
C GLN A 638 -20.48 -8.70 2.63
N VAL A 639 -20.77 -9.97 2.88
CA VAL A 639 -19.74 -10.99 2.96
C VAL A 639 -18.97 -11.06 1.64
N TRP A 640 -19.65 -10.76 0.54
CA TRP A 640 -19.04 -10.93 -0.77
C TRP A 640 -18.71 -9.61 -1.45
N CYS A 641 -18.82 -8.49 -0.73
CA CYS A 641 -18.43 -7.19 -1.26
C CYS A 641 -16.98 -7.22 -1.72
N GLY A 642 -16.72 -6.65 -2.89
CA GLY A 642 -15.36 -6.57 -3.39
C GLY A 642 -15.29 -6.08 -4.82
N THR A 643 -14.07 -5.90 -5.30
CA THR A 643 -13.85 -5.43 -6.65
C THR A 643 -12.52 -5.97 -7.16
N TYR A 644 -12.33 -5.89 -8.47
CA TYR A 644 -11.17 -6.48 -9.11
C TYR A 644 -10.47 -5.48 -10.01
N ARG A 645 -9.15 -5.57 -10.09
CA ARG A 645 -8.44 -4.88 -11.16
C ARG A 645 -8.74 -5.65 -12.44
N PRO A 646 -8.88 -4.92 -13.56
CA PRO A 646 -9.24 -5.53 -14.84
C PRO A 646 -8.35 -6.72 -15.24
N GLU A 647 -7.04 -6.58 -15.07
CA GLU A 647 -6.12 -7.68 -15.40
C GLU A 647 -6.40 -8.93 -14.58
N TYR A 648 -6.77 -8.75 -13.32
CA TYR A 648 -7.01 -9.92 -12.47
C TYR A 648 -8.43 -10.44 -12.62
N ALA A 649 -9.34 -9.56 -13.02
CA ALA A 649 -10.71 -9.98 -13.32
C ALA A 649 -10.68 -10.97 -14.48
N VAL A 650 -9.90 -10.64 -15.50
CA VAL A 650 -9.68 -11.52 -16.63
C VAL A 650 -9.01 -12.81 -16.17
N ASN A 651 -7.99 -12.67 -15.33
CA ASN A 651 -7.31 -13.79 -14.71
C ASN A 651 -8.24 -14.74 -13.97
N SER A 652 -8.98 -14.20 -13.00
CA SER A 652 -9.81 -15.02 -12.12
C SER A 652 -10.96 -15.68 -12.87
N ILE A 653 -11.46 -15.02 -13.91
CA ILE A 653 -12.63 -15.53 -14.64
C ILE A 653 -12.25 -16.79 -15.41
N LYS A 654 -10.95 -17.03 -15.56
CA LYS A 654 -10.46 -18.19 -16.28
C LYS A 654 -9.82 -19.23 -15.35
N THR A 655 -9.58 -18.85 -14.09
CA THR A 655 -8.90 -19.76 -13.17
C THR A 655 -9.69 -20.04 -11.90
N ASP A 656 -10.46 -19.06 -11.43
CA ASP A 656 -11.20 -19.24 -10.17
C ASP A 656 -12.41 -20.15 -10.37
N VAL A 657 -12.57 -21.14 -9.51
CA VAL A 657 -13.75 -22.01 -9.54
C VAL A 657 -14.96 -21.33 -8.91
N HIS A 658 -14.72 -20.21 -8.25
CA HIS A 658 -15.80 -19.42 -7.68
C HIS A 658 -16.25 -18.36 -8.67
N SER A 659 -17.51 -17.97 -8.56
CA SER A 659 -17.98 -16.76 -9.22
C SER A 659 -17.45 -15.57 -8.47
N PRO A 660 -17.29 -14.42 -9.15
CA PRO A 660 -16.93 -13.20 -8.45
C PRO A 660 -18.02 -12.84 -7.44
N GLY A 661 -17.64 -12.24 -6.32
CA GLY A 661 -18.57 -11.89 -5.27
C GLY A 661 -19.79 -11.18 -5.80
N ASN A 662 -19.55 -10.32 -6.79
CA ASN A 662 -20.62 -9.62 -7.52
C ASN A 662 -21.75 -10.54 -7.94
N PHE A 663 -21.41 -11.67 -8.54
CA PHE A 663 -22.41 -12.58 -9.10
C PHE A 663 -22.84 -13.70 -8.16
N ARG A 664 -22.05 -13.94 -7.12
CA ARG A 664 -22.49 -14.84 -6.05
C ARG A 664 -23.68 -14.20 -5.34
N ILE A 665 -23.63 -12.88 -5.19
CA ILE A 665 -24.73 -12.15 -4.56
C ILE A 665 -25.94 -12.13 -5.49
N ILE A 666 -25.73 -11.69 -6.73
CA ILE A 666 -26.81 -11.60 -7.70
C ILE A 666 -27.40 -12.97 -8.04
N GLY A 667 -26.52 -13.92 -8.35
CA GLY A 667 -26.93 -15.26 -8.72
C GLY A 667 -27.76 -15.98 -7.68
N SER A 668 -27.28 -15.98 -6.44
CA SER A 668 -27.94 -16.72 -5.37
C SER A 668 -29.29 -16.10 -5.02
N LEU A 669 -29.33 -14.77 -5.02
CA LEU A 669 -30.55 -14.07 -4.63
C LEU A 669 -31.60 -14.07 -5.75
N GLN A 670 -31.16 -14.11 -7.00
CA GLN A 670 -32.08 -14.27 -8.11
C GLN A 670 -32.88 -15.55 -7.96
N ASN A 671 -32.24 -16.57 -7.41
CA ASN A 671 -32.85 -17.88 -7.21
C ASN A 671 -33.56 -18.00 -5.88
N SER A 672 -33.53 -16.93 -5.09
CA SER A 672 -34.10 -16.99 -3.75
C SER A 672 -35.47 -16.35 -3.68
N VAL A 673 -36.50 -17.17 -3.51
CA VAL A 673 -37.86 -16.68 -3.29
C VAL A 673 -37.90 -15.89 -1.99
N GLU A 674 -37.19 -16.39 -0.99
CA GLU A 674 -37.21 -15.80 0.34
C GLU A 674 -36.60 -14.40 0.35
N PHE A 675 -35.55 -14.21 -0.46
CA PHE A 675 -34.94 -12.89 -0.59
C PHE A 675 -35.93 -11.88 -1.13
N SER A 676 -36.63 -12.27 -2.18
CA SER A 676 -37.56 -11.37 -2.87
C SER A 676 -38.78 -11.06 -2.01
N GLU A 677 -39.15 -12.00 -1.15
CA GLU A 677 -40.21 -11.74 -0.19
C GLU A 677 -39.75 -10.68 0.81
N ALA A 678 -38.51 -10.82 1.27
CA ALA A 678 -37.95 -9.90 2.27
C ALA A 678 -37.84 -8.46 1.77
N PHE A 679 -37.47 -8.28 0.51
CA PHE A 679 -37.33 -6.93 -0.04
C PHE A 679 -38.46 -6.57 -0.99
N GLN A 680 -39.50 -7.39 -0.99
CA GLN A 680 -40.70 -7.15 -1.77
C GLN A 680 -40.40 -6.83 -3.23
N CYS A 681 -39.53 -7.63 -3.83
CA CYS A 681 -39.14 -7.44 -5.21
C CYS A 681 -40.27 -7.88 -6.14
N PRO A 682 -40.61 -7.02 -7.11
CA PRO A 682 -41.61 -7.37 -8.12
C PRO A 682 -41.13 -8.53 -9.00
N LYS A 683 -42.06 -9.37 -9.45
CA LYS A 683 -41.73 -10.45 -10.36
C LYS A 683 -41.06 -9.84 -11.60
N ASN A 684 -40.01 -10.50 -12.07
CA ASN A 684 -39.26 -10.09 -13.25
C ASN A 684 -38.53 -8.76 -13.10
N SER A 685 -38.31 -8.32 -11.86
CA SER A 685 -37.23 -7.37 -11.60
C SER A 685 -35.94 -8.17 -11.75
N TYR A 686 -34.82 -7.48 -11.98
CA TYR A 686 -33.56 -8.16 -12.28
C TYR A 686 -33.17 -9.17 -11.19
N MET A 687 -33.43 -8.80 -9.93
CA MET A 687 -33.09 -9.66 -8.80
C MET A 687 -34.16 -10.72 -8.56
N ASN A 688 -35.26 -10.64 -9.29
CA ASN A 688 -36.35 -11.60 -9.12
C ASN A 688 -36.89 -12.20 -10.42
N PRO A 689 -36.04 -12.92 -11.18
CA PRO A 689 -36.54 -13.55 -12.40
C PRO A 689 -37.60 -14.61 -12.10
N GLU A 690 -38.63 -14.71 -12.94
CA GLU A 690 -39.71 -15.64 -12.66
C GLU A 690 -39.24 -17.08 -12.86
N LYS A 691 -38.21 -17.24 -13.69
CA LYS A 691 -37.55 -18.54 -13.82
C LYS A 691 -36.37 -18.60 -12.86
N LYS A 692 -36.44 -19.50 -11.89
CA LYS A 692 -35.40 -19.66 -10.89
C LYS A 692 -34.81 -21.06 -10.88
N CYS A 693 -33.52 -21.14 -10.61
CA CYS A 693 -32.85 -22.44 -10.51
C CYS A 693 -32.96 -22.98 -9.09
N ARG A 694 -33.04 -24.31 -8.98
CA ARG A 694 -33.09 -24.95 -7.68
C ARG A 694 -32.47 -26.34 -7.74
N VAL A 695 -31.48 -26.57 -6.88
CA VAL A 695 -30.96 -27.91 -6.66
C VAL A 695 -31.25 -28.32 -5.22
N TRP A 696 -30.40 -27.89 -4.30
CA TRP A 696 -30.57 -28.16 -2.88
C TRP A 696 -31.28 -27.00 -2.18
N GLY B 1 -32.26 11.72 24.44
CA GLY B 1 -31.12 12.62 24.30
C GLY B 1 -29.96 11.95 23.58
N ILE B 2 -30.27 10.94 22.77
CA ILE B 2 -29.27 10.21 22.00
C ILE B 2 -29.49 10.35 20.48
N CYS B 3 -28.43 10.76 19.79
CA CYS B 3 -28.43 10.92 18.33
C CYS B 3 -28.65 9.58 17.62
N LYS B 4 -29.52 9.60 16.61
CA LYS B 4 -29.82 8.39 15.86
C LYS B 4 -29.72 8.58 14.35
N SER B 5 -28.97 9.58 13.91
CA SER B 5 -28.79 9.74 12.48
C SER B 5 -27.83 8.68 11.94
N SER B 6 -27.91 8.44 10.63
CA SER B 6 -26.98 7.54 9.95
C SER B 6 -25.55 8.02 10.18
N ASP B 7 -25.41 9.34 10.11
CA ASP B 7 -24.15 10.04 10.26
C ASP B 7 -23.54 9.90 11.66
N CYS B 8 -24.37 10.02 12.68
CA CYS B 8 -23.90 9.92 14.06
C CYS B 8 -23.38 8.54 14.39
N ILE B 9 -24.00 7.52 13.79
CA ILE B 9 -23.60 6.14 14.01
C ILE B 9 -22.24 5.85 13.38
N LYS B 10 -22.04 6.31 12.15
CA LYS B 10 -20.77 6.11 11.46
C LYS B 10 -19.69 6.86 12.21
N SER B 11 -20.05 8.05 12.65
CA SER B 11 -19.17 8.91 13.45
C SER B 11 -18.75 8.27 14.77
N ALA B 12 -19.72 7.77 15.52
CA ALA B 12 -19.44 7.14 16.81
C ALA B 12 -18.53 5.93 16.69
N ALA B 13 -18.83 5.06 15.72
CA ALA B 13 -18.07 3.84 15.50
C ALA B 13 -16.62 4.18 15.22
N ARG B 14 -16.42 5.27 14.49
CA ARG B 14 -15.09 5.75 14.15
C ARG B 14 -14.33 6.15 15.41
N LEU B 15 -14.99 6.92 16.30
CA LEU B 15 -14.35 7.31 17.55
C LEU B 15 -14.00 6.09 18.38
N ILE B 16 -14.94 5.15 18.46
CA ILE B 16 -14.78 3.93 19.25
C ILE B 16 -13.63 3.06 18.75
N GLN B 17 -13.56 2.89 17.44
CA GLN B 17 -12.53 2.04 16.82
C GLN B 17 -11.11 2.50 17.08
N ASN B 18 -10.88 3.81 16.99
CA ASN B 18 -9.53 4.36 17.14
C ASN B 18 -9.02 4.36 18.57
N MET B 19 -9.93 4.48 19.53
CA MET B 19 -9.53 4.66 20.92
C MET B 19 -9.28 3.33 21.61
N ASP B 20 -8.57 3.40 22.73
CA ASP B 20 -8.35 2.25 23.60
C ASP B 20 -8.89 2.58 24.99
N ALA B 21 -10.12 2.14 25.27
CA ALA B 21 -10.81 2.52 26.51
C ALA B 21 -10.17 1.89 27.74
N THR B 22 -9.24 0.96 27.52
CA THR B 22 -8.55 0.28 28.61
C THR B 22 -7.37 1.10 29.14
N ALA B 23 -7.02 2.15 28.41
CA ALA B 23 -5.94 3.05 28.81
C ALA B 23 -6.48 4.12 29.76
N GLU B 24 -5.62 4.64 30.62
CA GLU B 24 -6.01 5.72 31.52
C GLU B 24 -5.80 7.05 30.82
N PRO B 25 -6.88 7.83 30.68
CA PRO B 25 -6.84 9.13 29.99
C PRO B 25 -5.82 10.10 30.56
N CYS B 26 -5.59 10.05 31.87
CA CYS B 26 -4.72 11.03 32.52
C CYS B 26 -3.25 10.61 32.60
N THR B 27 -2.92 9.40 32.16
CA THR B 27 -1.52 8.96 32.10
C THR B 27 -0.95 9.24 30.71
N ASP B 28 -1.72 8.92 29.67
CA ASP B 28 -1.31 9.15 28.29
C ASP B 28 -2.55 9.16 27.41
N PHE B 29 -3.02 10.37 27.10
CA PHE B 29 -4.24 10.56 26.34
C PHE B 29 -4.08 10.20 24.87
N PHE B 30 -2.84 10.25 24.39
CA PHE B 30 -2.53 9.83 23.02
C PHE B 30 -2.85 8.35 22.89
N LYS B 31 -2.35 7.57 23.85
CA LYS B 31 -2.63 6.14 23.90
C LYS B 31 -4.11 5.88 24.11
N TYR B 32 -4.76 6.73 24.91
CA TYR B 32 -6.19 6.56 25.16
C TYR B 32 -7.01 6.81 23.90
N ALA B 33 -6.68 7.87 23.17
CA ALA B 33 -7.48 8.28 22.01
C ALA B 33 -7.07 7.58 20.71
N CYS B 34 -5.82 7.12 20.63
CA CYS B 34 -5.29 6.59 19.38
C CYS B 34 -4.76 5.17 19.53
N GLY B 35 -4.90 4.60 20.72
CA GLY B 35 -4.40 3.27 21.00
C GLY B 35 -4.91 2.20 20.06
N GLY B 36 -6.20 2.26 19.75
CA GLY B 36 -6.81 1.33 18.82
C GLY B 36 -6.29 1.57 17.42
N TRP B 37 -6.16 2.84 17.06
CA TRP B 37 -5.60 3.23 15.77
C TRP B 37 -4.21 2.64 15.56
N LEU B 38 -3.35 2.78 16.56
CA LEU B 38 -1.97 2.35 16.46
C LEU B 38 -1.86 0.83 16.31
N LYS B 39 -2.74 0.15 17.03
CA LYS B 39 -2.74 -1.29 17.08
C LYS B 39 -3.20 -1.80 15.68
N ARG B 40 -4.06 -1.02 15.00
CA ARG B 40 -4.63 -1.41 13.70
C ARG B 40 -3.73 -1.09 12.49
N ASN B 41 -3.11 0.08 12.49
CA ASN B 41 -2.38 0.59 11.31
C ASN B 41 -0.87 0.37 11.31
N VAL B 42 -0.37 -0.32 10.29
CA VAL B 42 1.05 -0.49 10.12
C VAL B 42 1.58 0.52 9.09
N ILE B 43 2.74 1.11 9.38
CA ILE B 43 3.36 2.06 8.46
C ILE B 43 3.72 1.34 7.15
N PRO B 44 3.17 1.82 6.03
CA PRO B 44 3.46 1.25 4.71
C PRO B 44 4.95 1.25 4.39
N GLU B 45 5.39 0.27 3.61
CA GLU B 45 6.79 0.14 3.23
C GLU B 45 7.33 1.39 2.55
N THR B 46 6.44 2.10 1.84
CA THR B 46 6.85 3.26 1.08
C THR B 46 6.64 4.57 1.83
N SER B 47 6.10 4.47 3.04
CA SER B 47 5.83 5.64 3.87
C SER B 47 6.86 5.73 4.99
N SER B 48 7.33 6.94 5.25
CA SER B 48 8.24 7.18 6.38
C SER B 48 7.39 7.50 7.60
N ARG B 49 6.13 7.85 7.35
CA ARG B 49 5.18 8.20 8.39
C ARG B 49 3.75 7.84 7.97
N TYR B 50 2.97 7.37 8.95
CA TYR B 50 1.57 7.04 8.72
C TYR B 50 0.64 7.61 9.80
N SER B 51 -0.48 8.18 9.37
CA SER B 51 -1.38 8.88 10.27
C SER B 51 -2.70 9.16 9.59
N ASN B 52 -3.61 9.80 10.33
CA ASN B 52 -4.89 10.26 9.77
C ASN B 52 -4.64 11.21 8.61
N PHE B 53 -3.74 12.16 8.83
CA PHE B 53 -3.35 13.13 7.81
C PHE B 53 -2.83 12.42 6.58
N ASP B 54 -1.95 11.44 6.77
CA ASP B 54 -1.34 10.72 5.66
C ASP B 54 -2.40 9.93 4.89
N ILE B 55 -3.35 9.36 5.62
CA ILE B 55 -4.46 8.63 4.99
C ILE B 55 -5.30 9.57 4.13
N LEU B 56 -5.68 10.73 4.66
CA LEU B 56 -6.44 11.68 3.87
C LEU B 56 -5.67 12.13 2.64
N ARG B 57 -4.35 12.25 2.77
CA ARG B 57 -3.52 12.65 1.65
C ARG B 57 -3.39 11.51 0.62
N ASP B 58 -3.29 10.28 1.12
CA ASP B 58 -3.26 9.10 0.26
C ASP B 58 -4.56 8.92 -0.51
N GLU B 59 -5.67 9.25 0.14
CA GLU B 59 -6.98 9.14 -0.50
C GLU B 59 -7.12 10.22 -1.58
N LEU B 60 -6.56 11.39 -1.33
CA LEU B 60 -6.60 12.47 -2.31
C LEU B 60 -5.79 12.10 -3.56
N GLU B 61 -4.65 11.47 -3.35
CA GLU B 61 -3.79 11.03 -4.45
C GLU B 61 -4.52 10.06 -5.37
N VAL B 62 -5.32 9.18 -4.79
CA VAL B 62 -6.12 8.23 -5.55
C VAL B 62 -7.10 8.96 -6.46
N ILE B 63 -7.80 9.95 -5.91
CA ILE B 63 -8.71 10.79 -6.67
C ILE B 63 -7.98 11.48 -7.82
N LEU B 64 -6.77 11.96 -7.54
CA LEU B 64 -5.95 12.61 -8.55
C LEU B 64 -5.60 11.61 -9.65
N LYS B 65 -5.25 10.39 -9.25
CA LYS B 65 -4.93 9.34 -10.21
C LYS B 65 -6.12 9.08 -11.14
N ASP B 66 -7.31 9.03 -10.55
CA ASP B 66 -8.53 8.75 -11.32
C ASP B 66 -8.81 9.76 -12.42
N VAL B 67 -8.66 11.04 -12.10
CA VAL B 67 -8.94 12.10 -13.06
C VAL B 67 -7.82 12.30 -14.07
N LEU B 68 -6.59 12.00 -13.68
CA LEU B 68 -5.44 12.17 -14.57
C LEU B 68 -5.29 11.04 -15.58
N GLN B 69 -5.73 9.84 -15.21
CA GLN B 69 -5.58 8.69 -16.08
C GLN B 69 -6.75 8.56 -17.05
N GLU B 70 -7.80 9.34 -16.81
CA GLU B 70 -8.99 9.35 -17.64
C GLU B 70 -8.70 9.76 -19.08
N PRO B 71 -9.29 9.04 -20.06
CA PRO B 71 -9.18 9.44 -21.47
C PRO B 71 -9.54 10.91 -21.65
N LYS B 72 -8.85 11.64 -22.52
CA LYS B 72 -9.03 13.09 -22.64
C LYS B 72 -10.48 13.55 -22.85
N THR B 73 -10.91 13.64 -24.11
CA THR B 73 -12.31 13.85 -24.49
C THR B 73 -12.94 15.13 -23.90
N GLU B 74 -13.15 16.13 -24.76
CA GLU B 74 -13.77 17.40 -24.34
C GLU B 74 -13.08 18.02 -23.13
N ASP B 75 -11.75 18.06 -23.19
CA ASP B 75 -10.94 18.68 -22.14
C ASP B 75 -10.32 19.94 -22.71
N ILE B 76 -10.23 20.98 -21.88
CA ILE B 76 -9.51 22.18 -22.28
C ILE B 76 -8.02 21.85 -22.34
N VAL B 77 -7.27 22.66 -23.06
CA VAL B 77 -5.86 22.37 -23.32
C VAL B 77 -5.07 22.23 -22.01
N ALA B 78 -5.40 23.06 -21.03
CA ALA B 78 -4.75 23.02 -19.72
C ALA B 78 -4.85 21.64 -19.06
N VAL B 79 -6.03 21.03 -19.10
CA VAL B 79 -6.23 19.70 -18.55
C VAL B 79 -5.52 18.63 -19.40
N GLN B 80 -5.57 18.79 -20.72
CA GLN B 80 -4.90 17.86 -21.63
C GLN B 80 -3.39 17.83 -21.38
N LYS B 81 -2.81 19.00 -21.18
CA LYS B 81 -1.37 19.10 -20.93
C LYS B 81 -1.01 18.40 -19.63
N ALA B 82 -1.88 18.52 -18.64
CA ALA B 82 -1.69 17.83 -17.36
C ALA B 82 -1.72 16.31 -17.53
N LYS B 83 -2.68 15.82 -18.30
CA LYS B 83 -2.81 14.39 -18.54
C LYS B 83 -1.66 13.82 -19.35
N THR B 84 -1.23 14.57 -20.37
CA THR B 84 -0.09 14.18 -21.19
C THR B 84 1.17 14.04 -20.34
N LEU B 85 1.40 15.05 -19.49
CA LEU B 85 2.56 15.04 -18.59
C LEU B 85 2.52 13.81 -17.69
N TYR B 86 1.34 13.54 -17.11
CA TYR B 86 1.14 12.38 -16.25
C TYR B 86 1.41 11.09 -17.00
N ARG B 87 0.89 10.98 -18.22
CA ARG B 87 1.07 9.78 -19.03
C ARG B 87 2.55 9.54 -19.30
N SER B 88 3.29 10.62 -19.55
CA SER B 88 4.71 10.52 -19.81
C SER B 88 5.42 10.07 -18.54
N CYS B 89 4.84 10.40 -17.40
CA CYS B 89 5.46 10.11 -16.11
C CYS B 89 5.31 8.65 -15.71
N VAL B 90 4.16 8.06 -16.02
CA VAL B 90 3.87 6.71 -15.55
C VAL B 90 4.42 5.65 -16.48
N ASN B 91 4.78 6.06 -17.70
CA ASN B 91 5.32 5.12 -18.67
C ASN B 91 6.78 4.80 -18.39
N GLU B 92 7.00 3.87 -17.48
CA GLU B 92 8.34 3.43 -17.10
C GLU B 92 9.04 2.67 -18.23
N THR B 93 8.24 2.09 -19.14
CA THR B 93 8.79 1.36 -20.27
C THR B 93 9.63 2.26 -21.16
N ALA B 94 9.07 3.41 -21.52
CA ALA B 94 9.79 4.40 -22.33
C ALA B 94 11.00 4.94 -21.58
N ILE B 95 10.82 5.21 -20.29
CA ILE B 95 11.86 5.80 -19.47
C ILE B 95 13.04 4.83 -19.30
N ASP B 96 12.72 3.56 -19.05
CA ASP B 96 13.76 2.55 -18.86
C ASP B 96 14.57 2.33 -20.14
N SER B 97 13.90 2.46 -21.28
CA SER B 97 14.54 2.22 -22.57
C SER B 97 15.51 3.32 -22.96
N ARG B 98 15.43 4.45 -22.27
CA ARG B 98 16.29 5.59 -22.56
C ARG B 98 17.53 5.60 -21.67
N GLY B 99 17.55 4.70 -20.69
CA GLY B 99 18.67 4.58 -19.76
C GLY B 99 18.99 5.87 -19.03
N GLY B 100 20.20 6.37 -19.23
CA GLY B 100 20.62 7.62 -18.62
C GLY B 100 20.93 8.67 -19.67
N GLN B 101 20.64 8.33 -20.93
CA GLN B 101 20.90 9.20 -22.06
C GLN B 101 20.34 10.63 -21.95
N PRO B 102 19.12 10.80 -21.41
CA PRO B 102 18.62 12.18 -21.24
C PRO B 102 19.48 13.06 -20.33
N LEU B 103 20.10 12.48 -19.31
CA LEU B 103 20.95 13.25 -18.42
C LEU B 103 22.30 13.53 -19.06
N LEU B 104 22.88 12.51 -19.66
CA LEU B 104 24.17 12.63 -20.33
C LEU B 104 24.13 13.68 -21.44
N LYS B 105 22.96 13.88 -22.02
CA LYS B 105 22.79 14.86 -23.10
C LYS B 105 23.01 16.30 -22.64
N LEU B 106 22.44 16.67 -21.49
CA LEU B 106 22.47 18.05 -21.04
C LEU B 106 23.59 18.37 -20.06
N LEU B 107 24.38 17.37 -19.67
CA LEU B 107 25.51 17.61 -18.77
C LEU B 107 26.50 18.67 -19.27
N PRO B 108 26.76 18.73 -20.59
CA PRO B 108 27.58 19.87 -21.02
C PRO B 108 26.94 21.23 -20.76
N ASP B 109 25.62 21.28 -20.71
CA ASP B 109 24.91 22.54 -20.50
C ASP B 109 25.08 23.06 -19.08
N VAL B 110 25.57 22.21 -18.18
CA VAL B 110 25.85 22.63 -16.81
C VAL B 110 27.33 22.49 -16.51
N TYR B 111 28.13 22.56 -17.58
CA TYR B 111 29.59 22.50 -17.52
C TYR B 111 30.06 21.14 -16.98
N GLY B 112 29.25 20.11 -17.19
CA GLY B 112 29.64 18.73 -16.94
C GLY B 112 29.90 18.30 -15.50
N TRP B 113 30.13 16.99 -15.33
CA TRP B 113 30.49 16.41 -14.05
C TRP B 113 31.86 15.75 -14.18
N PRO B 114 32.93 16.44 -13.74
CA PRO B 114 34.34 16.10 -13.91
C PRO B 114 34.65 14.61 -13.75
N VAL B 115 34.09 13.99 -12.72
CA VAL B 115 34.33 12.58 -12.41
C VAL B 115 33.75 11.69 -13.50
N ALA B 116 32.81 12.25 -14.25
CA ALA B 116 32.19 11.47 -15.31
C ALA B 116 32.63 12.01 -16.65
N THR B 117 33.77 12.68 -16.67
CA THR B 117 34.30 13.15 -17.94
C THR B 117 35.68 12.56 -17.98
N GLN B 118 36.12 12.08 -19.14
CA GLN B 118 37.48 11.55 -19.20
C GLN B 118 38.39 12.78 -19.03
N ASN B 119 38.18 13.84 -19.83
CA ASN B 119 39.00 15.05 -19.63
C ASN B 119 38.17 16.34 -19.56
N TRP B 120 37.76 16.69 -18.36
CA TRP B 120 36.94 17.90 -18.10
C TRP B 120 37.67 19.24 -18.27
N GLU B 121 38.96 19.29 -17.91
CA GLU B 121 39.71 20.55 -17.87
C GLU B 121 39.89 21.25 -19.23
N GLN B 122 39.83 20.52 -20.35
CA GLN B 122 40.04 21.15 -21.66
C GLN B 122 38.73 21.25 -22.39
N THR B 123 37.76 20.44 -21.96
CA THR B 123 36.47 20.46 -22.60
C THR B 123 35.66 21.59 -22.02
N TYR B 124 35.75 21.82 -20.72
CA TYR B 124 35.00 22.89 -20.08
C TYR B 124 35.88 23.91 -19.35
N GLY B 125 37.03 23.44 -18.88
CA GLY B 125 37.91 24.20 -17.99
C GLY B 125 38.47 25.52 -18.45
N THR B 126 38.31 25.84 -19.73
CA THR B 126 38.82 27.09 -20.24
C THR B 126 37.73 28.15 -20.22
N SER B 127 36.52 27.74 -20.60
CA SER B 127 35.37 28.64 -20.62
C SER B 127 34.61 28.63 -19.29
N TRP B 128 35.22 28.06 -18.26
CA TRP B 128 34.56 27.85 -16.97
C TRP B 128 34.70 29.04 -16.01
N SER B 129 33.62 29.34 -15.30
CA SER B 129 33.65 30.28 -14.18
C SER B 129 32.53 29.93 -13.20
N ALA B 130 32.80 30.11 -11.91
CA ALA B 130 31.80 29.84 -10.88
C ALA B 130 30.56 30.71 -11.07
N GLU B 131 30.76 31.92 -11.56
CA GLU B 131 29.64 32.83 -11.82
C GLU B 131 28.65 32.23 -12.81
N LYS B 132 29.11 31.83 -13.98
CA LYS B 132 28.22 31.25 -15.00
C LYS B 132 27.69 29.89 -14.56
N SER B 133 28.51 29.13 -13.85
CA SER B 133 28.14 27.78 -13.44
C SER B 133 27.03 27.75 -12.39
N ILE B 134 27.19 28.53 -11.33
CA ILE B 134 26.17 28.65 -10.29
C ILE B 134 24.88 29.26 -10.87
N ALA B 135 25.06 30.27 -11.71
CA ALA B 135 23.93 30.98 -12.31
C ALA B 135 23.11 30.06 -13.23
N GLN B 136 23.80 29.20 -13.96
CA GLN B 136 23.16 28.31 -14.91
C GLN B 136 22.27 27.32 -14.17
N LEU B 137 22.84 26.69 -13.14
CA LEU B 137 22.09 25.75 -12.31
C LEU B 137 20.88 26.42 -11.65
N ASN B 138 21.06 27.66 -11.20
CA ASN B 138 19.99 28.43 -10.58
C ASN B 138 18.86 28.75 -11.56
N SER B 139 19.20 29.52 -12.59
CA SER B 139 18.22 30.16 -13.47
C SER B 139 17.52 29.21 -14.44
N LYS B 140 18.16 28.10 -14.78
CA LYS B 140 17.59 27.16 -15.73
C LYS B 140 16.96 25.95 -15.04
N TYR B 141 17.61 25.46 -14.00
CA TYR B 141 17.23 24.19 -13.38
C TYR B 141 16.77 24.31 -11.93
N GLY B 142 16.75 25.52 -11.39
CA GLY B 142 16.24 25.75 -10.06
C GLY B 142 17.09 25.16 -8.95
N LYS B 143 18.29 24.70 -9.30
CA LYS B 143 19.22 24.14 -8.33
C LYS B 143 20.10 25.21 -7.71
N LYS B 144 19.98 25.38 -6.39
CA LYS B 144 20.70 26.44 -5.68
C LYS B 144 21.94 25.87 -4.99
N VAL B 145 23.11 26.13 -5.56
CA VAL B 145 24.34 25.62 -4.97
C VAL B 145 25.28 26.76 -4.57
N LEU B 146 26.02 26.54 -3.48
CA LEU B 146 26.98 27.50 -2.93
C LEU B 146 26.31 28.79 -2.44
N ILE B 147 25.61 29.46 -3.35
CA ILE B 147 24.86 30.68 -3.04
C ILE B 147 23.40 30.53 -3.45
N ASN B 148 22.48 30.68 -2.50
CA ASN B 148 21.07 30.64 -2.85
C ASN B 148 20.61 32.01 -3.30
N PHE B 149 20.28 32.10 -4.59
CA PHE B 149 19.79 33.32 -5.19
C PHE B 149 18.34 33.07 -5.61
N PHE B 150 17.42 33.90 -5.11
CA PHE B 150 16.04 33.81 -5.55
C PHE B 150 15.35 35.16 -5.45
N VAL B 151 14.33 35.37 -6.28
CA VAL B 151 13.51 36.56 -6.21
C VAL B 151 12.32 36.28 -5.31
N GLY B 152 12.16 37.12 -4.28
CA GLY B 152 11.10 36.95 -3.31
C GLY B 152 10.54 38.29 -2.84
N THR B 153 9.55 38.22 -1.97
CA THR B 153 8.95 39.42 -1.38
C THR B 153 9.89 40.17 -0.44
N ASP B 154 9.87 41.50 -0.54
CA ASP B 154 10.60 42.34 0.41
C ASP B 154 9.90 42.22 1.76
N ASP B 155 10.62 41.75 2.76
CA ASP B 155 10.09 41.57 4.11
C ASP B 155 9.43 42.84 4.67
N LYS B 156 10.05 43.98 4.42
CA LYS B 156 9.58 45.25 4.98
C LYS B 156 8.70 46.01 3.99
N ASN B 157 8.55 45.47 2.79
CA ASN B 157 7.63 46.03 1.79
C ASN B 157 6.95 44.91 1.02
N SER B 158 5.84 44.44 1.57
CA SER B 158 5.17 43.23 1.09
C SER B 158 4.54 43.40 -0.30
N MET B 159 4.58 44.63 -0.82
CA MET B 159 4.03 44.89 -2.15
C MET B 159 5.07 44.76 -3.25
N ASN B 160 6.33 44.60 -2.86
CA ASN B 160 7.43 44.56 -3.82
C ASN B 160 8.17 43.23 -3.84
N HIS B 161 8.84 42.95 -4.96
CA HIS B 161 9.75 41.82 -5.02
C HIS B 161 11.17 42.35 -4.94
N ILE B 162 12.08 41.50 -4.50
CA ILE B 162 13.47 41.89 -4.32
C ILE B 162 14.35 40.64 -4.30
N ILE B 163 15.59 40.80 -4.74
CA ILE B 163 16.56 39.71 -4.73
C ILE B 163 16.92 39.30 -3.31
N HIS B 164 16.90 37.99 -3.04
CA HIS B 164 17.34 37.48 -1.76
C HIS B 164 18.62 36.69 -1.95
N ILE B 165 19.53 36.82 -0.99
CA ILE B 165 20.72 35.99 -0.95
C ILE B 165 20.75 35.26 0.37
N ASP B 166 20.87 33.93 0.32
CA ASP B 166 20.85 33.14 1.53
C ASP B 166 21.83 31.98 1.42
N GLN B 167 22.08 31.31 2.53
CA GLN B 167 22.85 30.08 2.51
C GLN B 167 22.01 28.99 1.86
N PRO B 168 22.67 28.07 1.14
CA PRO B 168 21.94 27.02 0.43
C PRO B 168 21.67 25.82 1.31
N ARG B 169 20.75 24.96 0.89
CA ARG B 169 20.54 23.70 1.58
C ARG B 169 21.59 22.71 1.12
N LEU B 170 21.62 21.53 1.75
CA LEU B 170 22.68 20.57 1.51
C LEU B 170 22.12 19.26 0.95
N GLY B 171 23.02 18.37 0.54
CA GLY B 171 22.63 17.06 0.05
C GLY B 171 21.91 16.28 1.13
N LEU B 172 22.44 16.35 2.34
CA LEU B 172 21.81 15.73 3.50
C LEU B 172 20.77 16.68 4.10
N PRO B 173 19.77 16.12 4.82
CA PRO B 173 18.65 16.90 5.36
C PRO B 173 19.00 18.14 6.20
N SER B 174 20.11 18.09 6.92
CA SER B 174 20.53 19.21 7.75
C SER B 174 22.03 19.20 8.04
N ARG B 175 22.54 20.30 8.57
CA ARG B 175 23.95 20.45 8.85
C ARG B 175 24.43 19.44 9.90
N ASP B 176 23.52 19.01 10.76
CA ASP B 176 23.84 18.05 11.82
C ASP B 176 24.33 16.73 11.24
N TYR B 177 23.76 16.33 10.11
CA TYR B 177 24.13 15.06 9.48
C TYR B 177 25.62 15.00 9.14
N TYR B 178 26.22 16.16 8.93
CA TYR B 178 27.60 16.20 8.46
C TYR B 178 28.61 15.99 9.60
N GLU B 179 28.10 15.69 10.80
CA GLU B 179 28.93 15.20 11.88
C GLU B 179 29.38 13.79 11.54
N CYS B 180 28.49 13.06 10.87
CA CYS B 180 28.75 11.70 10.40
C CYS B 180 29.12 10.72 11.51
N THR B 181 28.61 10.97 12.72
CA THR B 181 28.86 10.08 13.85
C THR B 181 27.55 9.62 14.47
N GLY B 182 27.54 8.37 14.94
CA GLY B 182 26.37 7.80 15.58
C GLY B 182 25.18 7.64 14.65
N ILE B 183 24.11 8.38 14.95
CA ILE B 183 22.86 8.29 14.19
C ILE B 183 22.95 8.92 12.81
N TYR B 184 24.10 9.49 12.48
CA TYR B 184 24.30 10.18 11.21
C TYR B 184 25.29 9.39 10.38
N LYS B 185 26.00 8.49 11.04
CA LYS B 185 27.11 7.75 10.45
C LYS B 185 26.54 6.91 9.31
N GLU B 186 25.33 6.39 9.53
CA GLU B 186 24.68 5.57 8.53
C GLU B 186 24.30 6.38 7.29
N ALA B 187 23.83 7.61 7.52
CA ALA B 187 23.50 8.54 6.43
C ALA B 187 24.70 8.92 5.57
N CYS B 188 25.82 9.22 6.24
CA CYS B 188 27.04 9.61 5.56
C CYS B 188 27.66 8.53 4.68
N THR B 189 27.67 7.29 5.17
CA THR B 189 28.22 6.19 4.39
C THR B 189 27.40 5.94 3.14
N ALA B 190 26.07 5.88 3.30
CA ALA B 190 25.18 5.69 2.16
C ALA B 190 25.26 6.86 1.19
N TYR B 191 25.47 8.06 1.72
CA TYR B 191 25.58 9.28 0.93
C TYR B 191 26.78 9.26 -0.01
N VAL B 192 27.94 8.96 0.54
CA VAL B 192 29.17 8.90 -0.25
C VAL B 192 29.11 7.75 -1.24
N ASP B 193 28.56 6.62 -0.81
CA ASP B 193 28.37 5.46 -1.69
C ASP B 193 27.42 5.82 -2.84
N PHE B 194 26.43 6.66 -2.55
CA PHE B 194 25.51 7.16 -3.55
C PHE B 194 26.26 7.92 -4.64
N MET B 195 27.18 8.78 -4.23
CA MET B 195 28.04 9.51 -5.16
C MET B 195 28.82 8.58 -6.08
N ILE B 196 29.57 7.67 -5.48
CA ILE B 196 30.45 6.76 -6.22
C ILE B 196 29.65 5.89 -7.19
N ALA B 197 28.50 5.40 -6.71
CA ALA B 197 27.63 4.54 -7.52
C ALA B 197 27.14 5.21 -8.80
N VAL B 198 26.66 6.44 -8.68
CA VAL B 198 26.16 7.17 -9.85
C VAL B 198 27.29 7.51 -10.80
N ALA B 199 28.45 7.84 -10.23
CA ALA B 199 29.64 8.13 -11.03
C ALA B 199 30.04 6.96 -11.92
N LYS B 200 30.00 5.74 -11.37
CA LYS B 200 30.33 4.54 -12.16
C LYS B 200 29.30 4.29 -13.26
N LEU B 201 28.02 4.40 -12.91
CA LEU B 201 26.93 4.16 -13.84
C LEU B 201 27.00 5.04 -15.09
N ILE B 202 27.29 6.33 -14.87
CA ILE B 202 27.36 7.30 -15.96
C ILE B 202 28.55 7.02 -16.87
N ARG B 203 29.69 6.74 -16.26
CA ARG B 203 30.92 6.42 -16.97
C ARG B 203 30.76 5.16 -17.83
N GLN B 204 30.03 4.18 -17.30
CA GLN B 204 29.76 2.92 -18.01
C GLN B 204 28.86 3.13 -19.22
N GLU B 205 27.99 4.13 -19.15
CA GLU B 205 27.08 4.41 -20.25
C GLU B 205 27.76 5.26 -21.31
N GLU B 206 28.79 6.00 -20.92
CA GLU B 206 29.56 6.78 -21.87
C GLU B 206 30.61 5.93 -22.60
N GLY B 207 30.95 4.77 -22.02
CA GLY B 207 31.96 3.90 -22.59
C GLY B 207 33.36 4.29 -22.14
N LEU B 208 33.50 4.55 -20.85
CA LEU B 208 34.76 5.01 -20.27
C LEU B 208 35.30 4.02 -19.21
N PRO B 209 36.63 3.96 -19.05
CA PRO B 209 37.23 3.09 -18.02
C PRO B 209 36.85 3.44 -16.59
N ILE B 210 36.94 2.46 -15.70
CA ILE B 210 36.53 2.63 -14.31
C ILE B 210 37.65 2.43 -13.27
N ASP B 211 38.19 3.54 -12.77
CA ASP B 211 39.12 3.49 -11.64
C ASP B 211 38.33 3.73 -10.35
N GLU B 212 37.84 2.66 -9.72
CA GLU B 212 36.96 2.79 -8.56
C GLU B 212 37.57 3.48 -7.33
N ASN B 213 38.88 3.36 -7.16
CA ASN B 213 39.54 4.02 -6.04
C ASN B 213 39.58 5.52 -6.28
N GLN B 214 39.84 5.89 -7.54
CA GLN B 214 39.91 7.30 -7.93
C GLN B 214 38.55 7.98 -7.87
N ILE B 215 37.52 7.27 -8.29
CA ILE B 215 36.16 7.80 -8.20
C ILE B 215 35.84 8.05 -6.73
N SER B 216 36.22 7.09 -5.88
CA SER B 216 36.03 7.18 -4.44
C SER B 216 36.82 8.32 -3.78
N VAL B 217 37.99 8.62 -4.33
CA VAL B 217 38.83 9.71 -3.83
C VAL B 217 38.17 11.06 -4.07
N GLU B 218 37.70 11.25 -5.30
CA GLU B 218 37.09 12.52 -5.70
C GLU B 218 35.79 12.75 -4.95
N MET B 219 35.05 11.69 -4.67
CA MET B 219 33.78 11.81 -3.97
C MET B 219 33.98 12.06 -2.49
N ASN B 220 35.03 11.48 -1.92
CA ASN B 220 35.39 11.81 -0.56
C ASN B 220 35.90 13.24 -0.46
N LYS B 221 36.46 13.73 -1.58
CA LYS B 221 36.90 15.13 -1.66
C LYS B 221 35.68 16.05 -1.70
N VAL B 222 34.64 15.62 -2.43
CA VAL B 222 33.37 16.33 -2.48
C VAL B 222 32.72 16.40 -1.10
N MET B 223 32.71 15.26 -0.42
CA MET B 223 32.16 15.15 0.92
C MET B 223 32.96 16.02 1.88
N GLU B 224 34.27 16.06 1.67
CA GLU B 224 35.16 16.89 2.49
C GLU B 224 34.77 18.35 2.32
N LEU B 225 34.53 18.75 1.07
CA LEU B 225 34.14 20.13 0.76
C LEU B 225 32.78 20.49 1.36
N GLU B 226 31.81 19.59 1.24
CA GLU B 226 30.45 19.88 1.70
C GLU B 226 30.36 19.90 3.22
N LYS B 227 31.23 19.14 3.88
CA LYS B 227 31.29 19.17 5.34
C LYS B 227 31.66 20.57 5.83
N GLU B 228 32.62 21.20 5.14
CA GLU B 228 33.04 22.56 5.49
C GLU B 228 31.92 23.57 5.25
N ILE B 229 31.26 23.44 4.10
CA ILE B 229 30.16 24.33 3.74
C ILE B 229 29.03 24.20 4.76
N ALA B 230 28.70 22.96 5.12
CA ALA B 230 27.70 22.69 6.14
C ALA B 230 28.09 23.33 7.46
N ASN B 231 29.37 23.17 7.81
CA ASN B 231 29.92 23.74 9.04
C ASN B 231 29.85 25.26 9.03
N ALA B 232 29.93 25.84 7.84
CA ALA B 232 29.90 27.29 7.68
C ALA B 232 28.50 27.86 7.75
N THR B 233 27.48 27.02 7.60
CA THR B 233 26.10 27.49 7.65
C THR B 233 25.68 27.80 9.08
N THR B 234 24.79 28.78 9.21
CA THR B 234 24.25 29.18 10.51
C THR B 234 23.15 28.21 10.94
N LYS B 235 23.15 27.86 12.22
CA LYS B 235 22.15 26.96 12.79
C LYS B 235 20.74 27.54 12.67
N SER B 236 19.75 26.67 12.51
CA SER B 236 18.37 27.09 12.36
C SER B 236 17.86 27.81 13.60
N GLU B 237 18.44 27.50 14.76
CA GLU B 237 18.06 28.17 16.00
C GLU B 237 18.38 29.66 15.99
N ASP B 238 19.38 30.06 15.20
CA ASP B 238 19.77 31.45 15.12
C ASP B 238 19.14 32.14 13.92
N ARG B 239 18.07 31.55 13.39
CA ARG B 239 17.42 32.10 12.20
C ARG B 239 15.92 32.19 12.37
N ASN B 240 15.45 32.17 13.63
CA ASN B 240 14.03 32.22 13.93
C ASN B 240 13.56 33.65 14.19
N ASP B 241 14.48 34.59 14.11
CA ASP B 241 14.17 36.01 14.30
C ASP B 241 14.24 36.74 12.96
N PRO B 242 13.08 36.98 12.33
CA PRO B 242 13.02 37.60 10.99
C PRO B 242 13.66 38.98 10.94
N MET B 243 13.57 39.74 12.03
CA MET B 243 14.16 41.07 12.09
C MET B 243 15.69 41.01 11.99
N LEU B 244 16.27 39.97 12.59
CA LEU B 244 17.73 39.80 12.58
C LEU B 244 18.23 39.29 11.23
N LEU B 245 17.39 38.54 10.54
CA LEU B 245 17.76 37.96 9.26
C LEU B 245 17.81 39.01 8.15
N TYR B 246 17.02 40.07 8.31
CA TYR B 246 16.88 41.09 7.28
C TYR B 246 18.09 42.02 7.20
N ASN B 247 18.88 41.88 6.15
CA ASN B 247 20.00 42.77 5.92
C ASN B 247 19.94 43.31 4.49
N LYS B 248 19.43 44.53 4.35
CA LYS B 248 19.33 45.14 3.04
C LYS B 248 20.61 45.90 2.75
N MET B 249 21.15 45.67 1.55
CA MET B 249 22.36 46.35 1.09
C MET B 249 22.40 46.34 -0.42
N THR B 250 23.28 47.15 -1.02
CA THR B 250 23.38 47.19 -2.47
C THR B 250 24.26 46.07 -2.99
N LEU B 251 24.20 45.82 -4.30
CA LEU B 251 25.05 44.80 -4.92
C LEU B 251 26.53 45.15 -4.73
N ALA B 252 26.85 46.43 -4.89
CA ALA B 252 28.21 46.91 -4.70
C ALA B 252 28.66 46.67 -3.26
N GLN B 253 27.73 46.86 -2.32
CA GLN B 253 28.03 46.63 -0.90
C GLN B 253 28.27 45.15 -0.66
N ILE B 254 27.52 44.30 -1.36
CA ILE B 254 27.71 42.85 -1.27
C ILE B 254 29.08 42.49 -1.81
N GLN B 255 29.45 43.11 -2.92
CA GLN B 255 30.76 42.91 -3.53
C GLN B 255 31.87 43.26 -2.55
N ASN B 256 31.71 44.39 -1.85
CA ASN B 256 32.71 44.85 -0.88
C ASN B 256 32.93 43.92 0.32
N ASN B 257 31.86 43.48 0.96
CA ASN B 257 32.00 42.79 2.24
C ASN B 257 31.95 41.28 2.14
N PHE B 258 31.38 40.76 1.06
CA PHE B 258 31.30 39.32 0.91
C PHE B 258 32.01 38.87 -0.35
N SER B 259 33.28 39.25 -0.44
CA SER B 259 34.13 38.87 -1.56
C SER B 259 34.45 37.38 -1.48
N LEU B 260 34.68 36.77 -2.63
CA LEU B 260 35.06 35.35 -2.70
C LEU B 260 36.19 35.15 -3.69
N GLU B 261 37.09 34.22 -3.39
CA GLU B 261 38.19 33.95 -4.31
C GLU B 261 38.10 32.54 -4.87
N ILE B 262 37.87 32.48 -6.19
CA ILE B 262 37.78 31.21 -6.90
C ILE B 262 38.89 31.11 -7.95
N ASN B 263 39.73 30.08 -7.83
CA ASN B 263 40.77 29.81 -8.81
C ASN B 263 41.75 30.98 -8.96
N GLY B 264 42.08 31.62 -7.84
CA GLY B 264 43.00 32.74 -7.82
C GLY B 264 42.45 34.06 -8.35
N LYS B 265 41.16 34.06 -8.68
CA LYS B 265 40.51 35.27 -9.20
C LYS B 265 39.37 35.69 -8.29
N PRO B 266 39.09 37.01 -8.23
CA PRO B 266 37.97 37.49 -7.41
C PRO B 266 36.62 37.15 -8.03
N PHE B 267 35.70 36.69 -7.18
CA PHE B 267 34.35 36.38 -7.62
C PHE B 267 33.59 37.66 -7.89
N SER B 268 32.87 37.69 -9.02
CA SER B 268 32.13 38.88 -9.42
C SER B 268 30.62 38.71 -9.20
N TRP B 269 30.10 39.37 -8.17
CA TRP B 269 28.68 39.29 -7.84
C TRP B 269 27.81 39.90 -8.92
N SER B 270 28.31 40.93 -9.58
CA SER B 270 27.58 41.55 -10.68
C SER B 270 27.46 40.60 -11.86
N ASN B 271 28.56 39.93 -12.20
CA ASN B 271 28.57 38.95 -13.27
C ASN B 271 27.61 37.80 -12.94
N PHE B 272 27.69 37.32 -11.71
CA PHE B 272 26.85 36.24 -11.21
C PHE B 272 25.35 36.57 -11.22
N THR B 273 24.97 37.70 -10.62
CA THR B 273 23.56 38.07 -10.53
C THR B 273 22.94 38.32 -11.89
N ASN B 274 23.71 38.92 -12.79
CA ASN B 274 23.24 39.24 -14.13
C ASN B 274 23.25 38.03 -15.06
N GLU B 275 24.09 37.05 -14.78
CA GLU B 275 24.04 35.78 -15.49
C GLU B 275 22.69 35.10 -15.26
N ILE B 276 22.17 35.24 -14.05
CA ILE B 276 20.85 34.71 -13.71
C ILE B 276 19.74 35.55 -14.33
N MET B 277 19.80 36.85 -14.09
CA MET B 277 18.70 37.76 -14.43
C MET B 277 18.62 38.10 -15.92
N SER B 278 19.69 37.83 -16.67
CA SER B 278 19.65 38.08 -18.11
C SER B 278 18.71 37.10 -18.81
N THR B 279 18.44 35.98 -18.15
CA THR B 279 17.55 34.96 -18.69
C THR B 279 16.12 35.50 -18.81
N VAL B 280 15.80 36.50 -18.00
CA VAL B 280 14.51 37.18 -18.08
C VAL B 280 14.61 38.64 -18.49
N ASN B 281 15.73 38.97 -19.12
CA ASN B 281 15.95 40.29 -19.71
C ASN B 281 15.78 41.41 -18.69
N ILE B 282 16.44 41.26 -17.55
CA ILE B 282 16.49 42.28 -16.52
C ILE B 282 17.93 42.59 -16.16
N ASN B 283 18.33 43.86 -16.25
CA ASN B 283 19.68 44.22 -15.85
C ASN B 283 19.77 44.55 -14.36
N ILE B 284 20.82 44.08 -13.71
CA ILE B 284 21.01 44.35 -12.28
C ILE B 284 22.20 45.28 -12.11
N PRO B 285 21.93 46.55 -11.79
CA PRO B 285 22.97 47.54 -11.57
C PRO B 285 23.68 47.37 -10.23
N ASN B 286 24.82 48.03 -10.06
CA ASN B 286 25.60 47.93 -8.84
C ASN B 286 24.86 48.55 -7.66
N GLU B 287 23.90 49.42 -7.98
CA GLU B 287 23.11 50.10 -6.97
C GLU B 287 21.81 49.38 -6.66
N GLU B 288 21.70 48.14 -7.12
CA GLU B 288 20.53 47.32 -6.83
C GLU B 288 20.47 46.98 -5.35
N ASP B 289 19.30 47.18 -4.73
CA ASP B 289 19.13 46.80 -3.34
C ASP B 289 18.87 45.29 -3.24
N VAL B 290 19.58 44.64 -2.33
CA VAL B 290 19.47 43.21 -2.15
C VAL B 290 19.32 42.88 -0.67
N VAL B 291 18.53 41.86 -0.36
CA VAL B 291 18.40 41.40 1.03
C VAL B 291 19.26 40.15 1.27
N VAL B 292 20.17 40.25 2.22
CA VAL B 292 21.08 39.15 2.54
C VAL B 292 20.64 38.49 3.86
N TYR B 293 20.21 37.23 3.77
CA TYR B 293 19.70 36.51 4.92
C TYR B 293 20.81 35.83 5.75
N ALA B 294 21.94 35.56 5.12
CA ALA B 294 23.00 34.78 5.77
C ALA B 294 24.38 35.42 5.58
N PRO B 295 24.59 36.62 6.15
CA PRO B 295 25.88 37.29 6.02
C PRO B 295 27.04 36.54 6.67
N GLU B 296 26.77 35.87 7.80
CA GLU B 296 27.80 35.10 8.49
C GLU B 296 28.31 33.93 7.65
N TYR B 297 27.41 33.33 6.88
CA TYR B 297 27.80 32.21 6.00
C TYR B 297 28.73 32.63 4.87
N LEU B 298 28.40 33.74 4.21
CA LEU B 298 29.19 34.21 3.07
C LEU B 298 30.61 34.58 3.50
N ILE B 299 30.74 35.06 4.73
CA ILE B 299 32.05 35.38 5.30
C ILE B 299 32.86 34.09 5.50
N LYS B 300 32.24 33.10 6.13
CA LYS B 300 32.89 31.83 6.41
C LYS B 300 33.15 31.08 5.09
N LEU B 301 32.45 31.49 4.05
CA LEU B 301 32.52 30.83 2.76
C LEU B 301 33.85 31.12 2.08
N LYS B 302 34.45 32.28 2.36
CA LYS B 302 35.70 32.68 1.71
C LYS B 302 36.90 31.78 1.96
N PRO B 303 37.22 31.46 3.24
CA PRO B 303 38.39 30.60 3.42
C PRO B 303 38.23 29.19 2.88
N ILE B 304 36.99 28.71 2.80
CA ILE B 304 36.71 27.37 2.33
C ILE B 304 36.92 27.21 0.82
N LEU B 305 36.21 28.02 0.04
CA LEU B 305 36.20 27.85 -1.41
C LEU B 305 37.56 28.12 -2.05
N THR B 306 38.37 28.97 -1.39
CA THR B 306 39.66 29.34 -1.94
C THR B 306 40.66 28.18 -1.90
N LYS B 307 40.35 27.17 -1.09
CA LYS B 307 41.25 26.02 -0.94
C LYS B 307 41.02 24.96 -2.01
N TYR B 308 39.91 25.06 -2.73
CA TYR B 308 39.52 24.02 -3.67
C TYR B 308 39.69 24.44 -5.13
N SER B 309 40.01 23.46 -5.97
CA SER B 309 40.19 23.64 -7.40
C SER B 309 38.83 23.74 -8.10
N PRO B 310 38.82 24.29 -9.34
CA PRO B 310 37.59 24.31 -10.15
C PRO B 310 36.98 22.92 -10.29
N ARG B 311 37.81 21.90 -10.43
CA ARG B 311 37.35 20.53 -10.57
C ARG B 311 36.57 20.07 -9.34
N ASP B 312 37.10 20.35 -8.15
CA ASP B 312 36.44 20.01 -6.91
C ASP B 312 35.10 20.70 -6.73
N LEU B 313 35.04 21.99 -7.06
CA LEU B 313 33.82 22.78 -6.93
C LEU B 313 32.75 22.28 -7.88
N GLN B 314 33.13 22.04 -9.12
CA GLN B 314 32.22 21.56 -10.14
C GLN B 314 31.73 20.15 -9.83
N ASN B 315 32.60 19.36 -9.24
CA ASN B 315 32.24 18.01 -8.80
C ASN B 315 31.08 18.01 -7.82
N LEU B 316 31.10 18.96 -6.90
CA LEU B 316 30.04 19.12 -5.92
C LEU B 316 28.77 19.66 -6.56
N MET B 317 28.91 20.77 -7.28
CA MET B 317 27.77 21.44 -7.91
C MET B 317 27.00 20.54 -8.87
N SER B 318 27.72 19.77 -9.68
CA SER B 318 27.06 18.88 -10.63
C SER B 318 26.43 17.71 -9.91
N TRP B 319 27.08 17.24 -8.84
CA TRP B 319 26.53 16.15 -8.05
C TRP B 319 25.20 16.55 -7.42
N ARG B 320 25.15 17.74 -6.84
CA ARG B 320 23.92 18.25 -6.23
C ARG B 320 22.81 18.35 -7.27
N PHE B 321 23.21 18.59 -8.52
CA PHE B 321 22.30 18.65 -9.65
C PHE B 321 21.81 17.26 -10.07
N ILE B 322 22.74 16.30 -10.11
CA ILE B 322 22.45 14.96 -10.63
C ILE B 322 21.67 14.09 -9.63
N MET B 323 21.95 14.26 -8.33
CA MET B 323 21.35 13.40 -7.31
C MET B 323 19.83 13.54 -7.24
N ASP B 324 19.30 14.65 -7.77
CA ASP B 324 17.87 14.88 -7.77
C ASP B 324 17.25 14.51 -9.11
N LEU B 325 18.09 13.99 -10.01
CA LEU B 325 17.65 13.63 -11.35
C LEU B 325 17.75 12.14 -11.65
N VAL B 326 18.48 11.41 -10.81
CA VAL B 326 18.71 9.99 -11.07
C VAL B 326 17.42 9.18 -11.00
N SER B 327 16.47 9.64 -10.17
CA SER B 327 15.19 8.93 -10.01
C SER B 327 14.22 9.24 -11.15
N SER B 328 14.64 10.12 -12.05
CA SER B 328 13.83 10.43 -13.23
C SER B 328 14.35 9.70 -14.46
N LEU B 329 15.33 8.83 -14.24
CA LEU B 329 15.91 8.04 -15.32
C LEU B 329 15.47 6.57 -15.23
N SER B 330 16.26 5.70 -15.85
CA SER B 330 15.95 4.27 -15.91
C SER B 330 16.01 3.61 -14.53
N ARG B 331 15.46 2.40 -14.45
CA ARG B 331 15.38 1.65 -13.19
C ARG B 331 16.75 1.47 -12.55
N THR B 332 17.77 1.35 -13.39
CA THR B 332 19.15 1.21 -12.90
C THR B 332 19.62 2.45 -12.15
N TYR B 333 19.28 3.62 -12.69
CA TYR B 333 19.64 4.89 -12.05
C TYR B 333 18.83 5.15 -10.79
N LYS B 334 17.56 4.76 -10.79
CA LYS B 334 16.68 4.91 -9.63
C LYS B 334 17.27 4.17 -8.43
N ASP B 335 17.76 2.96 -8.67
CA ASP B 335 18.25 2.08 -7.60
C ASP B 335 19.48 2.64 -6.90
N SER B 336 20.19 3.54 -7.56
CA SER B 336 21.38 4.12 -6.95
C SER B 336 21.06 4.96 -5.72
N ARG B 337 19.80 5.38 -5.58
CA ARG B 337 19.43 6.25 -4.46
C ARG B 337 18.87 5.44 -3.29
N ASN B 338 18.60 4.14 -3.52
CA ASN B 338 17.96 3.29 -2.50
C ASN B 338 18.61 3.29 -1.13
N ALA B 339 19.92 3.09 -1.08
CA ALA B 339 20.61 3.04 0.20
C ALA B 339 20.62 4.41 0.87
N PHE B 340 20.72 5.46 0.07
CA PHE B 340 20.68 6.82 0.59
C PHE B 340 19.32 7.15 1.21
N ARG B 341 18.29 6.90 0.40
CA ARG B 341 16.91 7.09 0.77
C ARG B 341 16.50 6.29 1.99
N LYS B 342 16.96 5.05 2.04
CA LYS B 342 16.63 4.17 3.13
C LYS B 342 17.19 4.71 4.45
N ALA B 343 18.36 5.34 4.37
CA ALA B 343 19.06 5.91 5.54
C ALA B 343 18.32 7.13 6.10
N LEU B 344 17.65 7.86 5.22
CA LEU B 344 17.00 9.13 5.61
C LEU B 344 15.52 9.01 5.96
N TYR B 345 14.85 7.99 5.43
CA TYR B 345 13.40 7.92 5.58
C TYR B 345 12.94 6.57 6.16
N GLY B 346 13.80 5.56 6.09
CA GLY B 346 13.45 4.26 6.65
C GLY B 346 12.54 3.46 5.74
N THR B 347 12.38 3.96 4.52
CA THR B 347 11.49 3.35 3.53
C THR B 347 12.28 2.39 2.63
N THR B 348 11.82 1.15 2.56
CA THR B 348 12.49 0.13 1.77
C THR B 348 12.21 0.31 0.28
N SER B 349 11.28 1.20 -0.04
CA SER B 349 10.89 1.44 -1.43
C SER B 349 10.38 2.87 -1.64
N GLU B 350 10.65 3.39 -2.84
CA GLU B 350 10.13 4.70 -3.24
C GLU B 350 8.63 4.52 -3.43
N SER B 351 7.87 5.61 -3.34
CA SER B 351 6.42 5.51 -3.53
C SER B 351 6.08 5.02 -4.92
N ALA B 352 4.86 4.51 -5.05
CA ALA B 352 4.34 4.01 -6.31
C ALA B 352 4.47 5.10 -7.37
N THR B 353 4.83 4.71 -8.59
CA THR B 353 5.07 5.65 -9.67
C THR B 353 3.87 6.59 -9.87
N TRP B 354 2.67 6.02 -9.86
CA TRP B 354 1.47 6.82 -10.08
C TRP B 354 1.25 7.84 -8.96
N ARG B 355 1.73 7.53 -7.76
CA ARG B 355 1.61 8.48 -6.65
C ARG B 355 2.53 9.66 -6.85
N ARG B 356 3.80 9.38 -7.11
CA ARG B 356 4.78 10.42 -7.38
C ARG B 356 4.39 11.27 -8.58
N CYS B 357 3.86 10.62 -9.61
CA CYS B 357 3.47 11.32 -10.82
C CYS B 357 2.26 12.22 -10.57
N ALA B 358 1.31 11.75 -9.78
CA ALA B 358 0.15 12.56 -9.43
C ALA B 358 0.62 13.80 -8.66
N ASN B 359 1.53 13.60 -7.73
CA ASN B 359 2.07 14.71 -6.95
C ASN B 359 2.91 15.64 -7.82
N TYR B 360 3.69 15.06 -8.73
CA TYR B 360 4.51 15.89 -9.61
C TYR B 360 3.67 16.76 -10.53
N VAL B 361 2.61 16.19 -11.09
CA VAL B 361 1.72 16.95 -11.97
C VAL B 361 0.97 18.02 -11.18
N ASN B 362 0.54 17.65 -9.98
CA ASN B 362 -0.14 18.58 -9.08
C ASN B 362 0.76 19.73 -8.65
N GLY B 363 2.01 19.41 -8.36
CA GLY B 363 2.98 20.41 -7.93
C GLY B 363 3.39 21.38 -9.03
N ASN B 364 3.27 20.96 -10.27
CA ASN B 364 3.69 21.81 -11.39
C ASN B 364 2.52 22.43 -12.16
N MET B 365 1.31 21.93 -11.92
CA MET B 365 0.10 22.47 -12.55
C MET B 365 -1.03 22.50 -11.53
N GLU B 366 -0.81 23.23 -10.45
CA GLU B 366 -1.68 23.16 -9.27
C GLU B 366 -3.09 23.67 -9.53
N ASN B 367 -3.21 24.58 -10.49
CA ASN B 367 -4.51 25.15 -10.83
C ASN B 367 -5.32 24.19 -11.70
N ALA B 368 -4.65 23.55 -12.65
CA ALA B 368 -5.29 22.58 -13.52
C ALA B 368 -5.76 21.34 -12.74
N VAL B 369 -4.91 20.83 -11.86
CA VAL B 369 -5.25 19.67 -11.05
C VAL B 369 -6.29 20.01 -9.99
N GLY B 370 -6.17 21.20 -9.41
CA GLY B 370 -7.13 21.70 -8.45
C GLY B 370 -8.54 21.74 -9.01
N ARG B 371 -8.64 22.15 -10.27
CA ARG B 371 -9.91 22.20 -10.98
C ARG B 371 -10.55 20.82 -11.01
N LEU B 372 -9.78 19.82 -11.42
CA LEU B 372 -10.27 18.45 -11.52
C LEU B 372 -10.66 17.88 -10.15
N TYR B 373 -9.91 18.24 -9.12
CA TYR B 373 -10.15 17.69 -7.79
C TYR B 373 -11.49 18.15 -7.22
N VAL B 374 -11.71 19.47 -7.24
CA VAL B 374 -12.89 20.03 -6.61
C VAL B 374 -14.17 19.62 -7.34
N GLU B 375 -14.05 19.34 -8.63
CA GLU B 375 -15.20 18.87 -9.40
C GLU B 375 -15.49 17.40 -9.08
N ALA B 376 -14.47 16.71 -8.57
CA ALA B 376 -14.57 15.27 -8.33
C ALA B 376 -14.83 14.94 -6.86
N ALA B 377 -14.47 15.83 -5.94
CA ALA B 377 -14.49 15.49 -4.52
C ALA B 377 -14.85 16.63 -3.56
N PHE B 378 -15.06 17.83 -4.08
CA PHE B 378 -15.35 18.96 -3.20
C PHE B 378 -16.72 19.58 -3.46
N ALA B 379 -17.53 19.68 -2.41
CA ALA B 379 -18.86 20.27 -2.53
C ALA B 379 -18.75 21.78 -2.30
N GLY B 380 -19.48 22.54 -3.10
CA GLY B 380 -19.42 23.99 -3.04
C GLY B 380 -20.12 24.55 -1.82
N GLU B 381 -21.02 23.79 -1.25
CA GLU B 381 -21.80 24.25 -0.11
C GLU B 381 -20.94 24.32 1.15
N SER B 382 -19.67 23.95 1.01
CA SER B 382 -18.71 23.98 2.12
C SER B 382 -18.18 25.38 2.49
N LYS B 383 -18.22 26.32 1.54
CA LYS B 383 -17.59 27.63 1.74
C LYS B 383 -18.16 28.41 2.93
N HIS B 384 -19.44 28.78 2.84
CA HIS B 384 -20.08 29.68 3.81
C HIS B 384 -20.10 29.03 5.20
N VAL B 385 -20.04 27.71 5.25
CA VAL B 385 -19.96 27.01 6.51
C VAL B 385 -18.54 27.19 7.17
N VAL B 386 -17.47 27.05 6.41
CA VAL B 386 -16.10 27.26 6.92
C VAL B 386 -15.98 28.74 7.29
N GLU B 387 -16.67 29.55 6.48
CA GLU B 387 -16.79 30.99 6.69
C GLU B 387 -17.33 31.15 8.11
N ASP B 388 -18.36 30.37 8.44
CA ASP B 388 -19.00 30.47 9.72
C ASP B 388 -18.08 30.00 10.87
N LEU B 389 -17.30 28.94 10.64
CA LEU B 389 -16.34 28.51 11.65
C LEU B 389 -15.24 29.55 11.93
N ILE B 390 -14.73 30.16 10.85
CA ILE B 390 -13.69 31.18 10.93
C ILE B 390 -14.09 32.48 11.62
N ALA B 391 -15.28 32.97 11.33
CA ALA B 391 -15.76 34.20 11.95
C ALA B 391 -15.84 34.06 13.46
N GLN B 392 -16.28 32.90 13.91
CA GLN B 392 -16.38 32.63 15.34
C GLN B 392 -15.01 32.61 16.01
N ILE B 393 -14.07 31.91 15.39
CA ILE B 393 -12.74 31.72 15.96
C ILE B 393 -11.90 32.99 15.92
N ARG B 394 -12.08 33.77 14.85
CA ARG B 394 -11.44 35.07 14.74
C ARG B 394 -11.93 35.95 15.89
N GLU B 395 -13.24 35.92 16.12
CA GLU B 395 -13.86 36.69 17.18
C GLU B 395 -13.40 36.22 18.56
N VAL B 396 -13.26 34.90 18.73
CA VAL B 396 -12.74 34.34 19.97
C VAL B 396 -11.35 34.86 20.30
N PHE B 397 -10.48 34.89 19.29
CA PHE B 397 -9.13 35.40 19.46
C PHE B 397 -9.14 36.82 19.99
N ILE B 398 -9.97 37.67 19.39
CA ILE B 398 -10.05 39.07 19.77
C ILE B 398 -10.58 39.21 21.20
N GLN B 399 -11.60 38.43 21.53
CA GLN B 399 -12.16 38.42 22.87
C GLN B 399 -11.16 37.90 23.91
N THR B 400 -10.35 36.92 23.51
CA THR B 400 -9.36 36.31 24.39
C THR B 400 -8.30 37.32 24.84
N LEU B 401 -8.05 38.32 24.00
CA LEU B 401 -7.06 39.36 24.30
C LEU B 401 -7.29 40.05 25.65
N ASP B 402 -8.55 40.27 26.00
CA ASP B 402 -8.89 40.92 27.27
C ASP B 402 -8.54 40.05 28.47
N ASP B 403 -8.46 38.75 28.27
CA ASP B 403 -8.20 37.81 29.36
C ASP B 403 -6.71 37.62 29.54
N LEU B 404 -5.94 37.85 28.48
CA LEU B 404 -4.51 37.62 28.52
C LEU B 404 -3.82 38.72 29.32
N THR B 405 -3.03 38.32 30.32
CA THR B 405 -2.48 39.26 31.29
C THR B 405 -1.05 39.70 31.00
N TRP B 406 -0.44 39.15 29.96
CA TRP B 406 0.95 39.46 29.65
C TRP B 406 1.13 40.50 28.54
N MET B 407 0.03 41.17 28.18
CA MET B 407 0.09 42.28 27.25
C MET B 407 -0.50 43.56 27.82
N ASP B 408 0.06 44.71 27.42
CA ASP B 408 -0.49 46.00 27.80
C ASP B 408 -1.57 46.41 26.81
N ALA B 409 -2.34 47.44 27.15
CA ALA B 409 -3.50 47.85 26.38
C ALA B 409 -3.18 48.19 24.92
N GLU B 410 -2.08 48.91 24.70
CA GLU B 410 -1.73 49.35 23.35
C GLU B 410 -1.35 48.20 22.44
N THR B 411 -0.66 47.20 22.99
CA THR B 411 -0.27 46.03 22.21
C THR B 411 -1.47 45.17 21.89
N LYS B 412 -2.39 45.06 22.84
CA LYS B 412 -3.63 44.31 22.62
C LYS B 412 -4.44 44.90 21.48
N LYS B 413 -4.52 46.23 21.44
CA LYS B 413 -5.27 46.93 20.42
C LYS B 413 -4.65 46.75 19.03
N LYS B 414 -3.33 46.71 19.00
CA LYS B 414 -2.63 46.51 17.74
C LYS B 414 -2.77 45.05 17.30
N ALA B 415 -2.75 44.15 18.26
CA ALA B 415 -2.96 42.72 18.00
C ALA B 415 -4.38 42.50 17.44
N GLU B 416 -5.33 43.21 18.01
CA GLU B 416 -6.72 43.15 17.55
C GLU B 416 -6.83 43.67 16.13
N GLU B 417 -6.12 44.75 15.84
CA GLU B 417 -6.13 45.36 14.51
C GLU B 417 -5.64 44.37 13.45
N LYS B 418 -4.58 43.64 13.77
CA LYS B 418 -4.06 42.64 12.84
C LYS B 418 -5.06 41.49 12.69
N ALA B 419 -5.70 41.11 13.79
CA ALA B 419 -6.65 40.00 13.79
C ALA B 419 -7.84 40.31 12.87
N LEU B 420 -8.33 41.55 12.95
CA LEU B 420 -9.45 41.98 12.12
C LEU B 420 -9.05 42.06 10.64
N ALA B 421 -7.76 42.26 10.39
CA ALA B 421 -7.23 42.43 9.04
C ALA B 421 -6.92 41.12 8.32
N ILE B 422 -6.96 40.01 9.04
CA ILE B 422 -6.70 38.70 8.44
C ILE B 422 -7.70 38.40 7.33
N LYS B 423 -7.18 38.08 6.14
CA LYS B 423 -8.02 37.73 5.00
C LYS B 423 -8.04 36.22 4.81
N GLU B 424 -9.15 35.68 4.33
CA GLU B 424 -9.28 34.23 4.26
C GLU B 424 -9.40 33.65 2.85
N ARG B 425 -8.86 32.45 2.66
CA ARG B 425 -9.00 31.69 1.43
C ARG B 425 -9.51 30.28 1.72
N ILE B 426 -10.60 29.91 1.06
CA ILE B 426 -11.25 28.64 1.36
C ILE B 426 -11.54 27.83 0.10
N GLY B 427 -11.15 26.57 0.10
CA GLY B 427 -11.49 25.66 -0.98
C GLY B 427 -10.66 25.80 -2.24
N TYR B 428 -11.04 26.74 -3.10
CA TYR B 428 -10.35 26.94 -4.36
C TYR B 428 -10.70 28.29 -4.98
N PRO B 429 -9.80 28.85 -5.79
CA PRO B 429 -10.10 30.06 -6.56
C PRO B 429 -11.13 29.77 -7.67
N ASP B 430 -12.24 30.49 -7.65
CA ASP B 430 -13.38 30.22 -8.55
C ASP B 430 -12.99 30.14 -10.03
N ASP B 431 -12.10 31.02 -10.46
CA ASP B 431 -11.81 31.21 -11.88
C ASP B 431 -11.09 30.03 -12.54
N ILE B 432 -10.64 29.06 -11.75
CA ILE B 432 -10.01 27.87 -12.33
C ILE B 432 -11.09 26.92 -12.86
N VAL B 433 -12.34 27.21 -12.52
CA VAL B 433 -13.47 26.43 -13.02
C VAL B 433 -14.32 27.28 -13.97
N SER B 434 -14.46 28.56 -13.65
CA SER B 434 -15.34 29.43 -14.43
C SER B 434 -14.62 30.17 -15.55
N ASN B 435 -13.28 30.16 -15.53
CA ASN B 435 -12.52 30.87 -16.54
C ASN B 435 -11.52 29.94 -17.23
N ASP B 436 -12.00 29.23 -18.23
CA ASP B 436 -11.19 28.27 -18.98
C ASP B 436 -10.03 28.98 -19.65
N ASN B 437 -10.33 30.15 -20.19
CA ASN B 437 -9.39 30.90 -21.00
C ASN B 437 -8.17 31.35 -20.20
N LYS B 438 -8.39 31.84 -18.97
CA LYS B 438 -7.28 32.23 -18.10
C LYS B 438 -6.39 31.04 -17.76
N LEU B 439 -7.02 29.92 -17.39
CA LEU B 439 -6.30 28.71 -17.00
C LEU B 439 -5.47 28.13 -18.14
N ASN B 440 -6.06 28.11 -19.33
CA ASN B 440 -5.36 27.68 -20.53
C ASN B 440 -4.12 28.51 -20.78
N ASN B 441 -4.24 29.82 -20.59
CA ASN B 441 -3.13 30.72 -20.87
C ASN B 441 -2.06 30.67 -19.80
N GLU B 442 -2.40 30.18 -18.61
CA GLU B 442 -1.40 30.01 -17.55
C GLU B 442 -0.33 29.00 -17.96
N TYR B 443 -0.73 27.97 -18.67
CA TYR B 443 0.18 26.90 -19.07
C TYR B 443 0.44 26.93 -20.57
N LEU B 444 0.10 28.05 -21.20
CA LEU B 444 0.17 28.16 -22.65
C LEU B 444 1.55 27.85 -23.22
N GLU B 445 2.61 28.33 -22.57
CA GLU B 445 3.94 28.14 -23.11
C GLU B 445 4.52 26.75 -22.86
N LEU B 446 3.86 25.96 -22.03
CA LEU B 446 4.30 24.58 -21.82
C LEU B 446 3.75 23.74 -22.96
N ASN B 447 4.59 22.91 -23.56
CA ASN B 447 4.15 22.09 -24.68
C ASN B 447 4.73 20.68 -24.49
N TYR B 448 4.04 19.84 -23.71
CA TYR B 448 4.53 18.49 -23.37
C TYR B 448 4.36 17.40 -24.43
N LYS B 449 5.26 16.40 -24.35
CA LYS B 449 5.21 15.18 -25.16
C LYS B 449 5.44 13.86 -24.39
N GLU B 450 4.66 12.82 -24.68
CA GLU B 450 4.68 11.59 -23.86
C GLU B 450 5.96 10.79 -23.91
N ASP B 451 6.71 10.91 -25.00
CA ASP B 451 7.90 10.08 -25.11
C ASP B 451 9.11 10.79 -24.59
N GLU B 452 8.93 12.01 -24.12
CA GLU B 452 10.08 12.75 -23.62
C GLU B 452 9.70 13.26 -22.23
N TYR B 453 9.69 12.35 -21.25
CA TYR B 453 9.39 12.70 -19.86
C TYR B 453 10.42 13.64 -19.26
N PHE B 454 11.68 13.32 -19.55
CA PHE B 454 12.81 14.07 -19.02
C PHE B 454 12.83 15.46 -19.59
N GLU B 455 12.53 15.57 -20.87
CA GLU B 455 12.43 16.87 -21.51
C GLU B 455 11.32 17.66 -20.83
N ASN B 456 10.24 16.99 -20.45
CA ASN B 456 9.13 17.65 -19.78
C ASN B 456 9.54 18.25 -18.43
N ILE B 457 10.27 17.48 -17.63
CA ILE B 457 10.64 17.94 -16.30
C ILE B 457 11.74 18.99 -16.37
N ILE B 458 12.57 18.93 -17.41
CA ILE B 458 13.59 19.94 -17.63
C ILE B 458 12.90 21.25 -18.03
N GLN B 459 11.87 21.10 -18.86
CA GLN B 459 11.05 22.22 -19.30
C GLN B 459 10.37 22.90 -18.11
N ASN B 460 9.89 22.10 -17.17
CA ASN B 460 9.23 22.62 -15.99
C ASN B 460 10.16 23.41 -15.08
N LEU B 461 11.38 22.92 -14.90
CA LEU B 461 12.38 23.63 -14.12
C LEU B 461 12.64 24.99 -14.72
N LYS B 462 12.81 25.02 -16.05
CA LYS B 462 13.08 26.26 -16.76
C LYS B 462 11.87 27.17 -16.67
N PHE B 463 10.68 26.60 -16.78
CA PHE B 463 9.44 27.36 -16.72
C PHE B 463 9.22 27.98 -15.33
N SER B 464 9.50 27.20 -14.30
CA SER B 464 9.31 27.66 -12.93
C SER B 464 10.22 28.83 -12.58
N GLN B 465 11.51 28.69 -12.88
CA GLN B 465 12.47 29.75 -12.59
C GLN B 465 12.20 31.01 -13.40
N SER B 466 12.00 30.83 -14.70
CA SER B 466 11.71 31.95 -15.60
C SER B 466 10.50 32.74 -15.15
N LYS B 467 9.43 32.03 -14.78
CA LYS B 467 8.21 32.67 -14.29
C LYS B 467 8.48 33.51 -13.04
N GLN B 468 9.27 32.94 -12.14
CA GLN B 468 9.58 33.55 -10.85
C GLN B 468 10.57 34.71 -10.97
N LEU B 469 11.61 34.53 -11.78
CA LEU B 469 12.64 35.55 -11.95
C LEU B 469 12.06 36.84 -12.51
N LYS B 470 11.05 36.71 -13.36
CA LYS B 470 10.41 37.85 -14.01
C LYS B 470 9.66 38.75 -13.03
N LYS B 471 9.43 38.25 -11.82
CA LYS B 471 8.62 38.99 -10.86
C LYS B 471 9.38 40.14 -10.20
N LEU B 472 10.69 40.19 -10.40
CA LEU B 472 11.56 41.12 -9.67
C LEU B 472 11.05 42.55 -9.77
N ARG B 473 10.68 42.94 -10.99
CA ARG B 473 10.21 44.29 -11.24
C ARG B 473 8.70 44.40 -11.19
N GLU B 474 8.03 43.30 -10.87
CA GLU B 474 6.59 43.36 -10.85
C GLU B 474 6.26 43.60 -9.40
N LYS B 475 5.10 44.18 -9.18
CA LYS B 475 4.59 44.37 -7.84
C LYS B 475 3.96 43.04 -7.43
N VAL B 476 3.90 42.72 -6.14
CA VAL B 476 3.30 41.41 -5.83
C VAL B 476 1.80 41.31 -6.14
N ASP B 477 1.47 40.25 -6.87
CA ASP B 477 0.11 39.93 -7.32
C ASP B 477 -0.79 39.35 -6.21
N LYS B 478 -1.04 40.08 -5.12
CA LYS B 478 -1.84 39.47 -4.04
C LYS B 478 -3.28 39.09 -4.47
N ASP B 479 -3.77 38.03 -3.81
CA ASP B 479 -4.96 37.18 -4.10
C ASP B 479 -4.48 35.98 -4.91
N GLU B 480 -3.21 36.03 -5.32
CA GLU B 480 -2.59 34.95 -6.07
C GLU B 480 -2.70 33.84 -5.05
N TRP B 481 -3.09 32.63 -5.40
CA TRP B 481 -3.16 31.65 -4.34
C TRP B 481 -1.76 31.09 -4.11
N ILE B 482 -1.48 30.73 -2.86
CA ILE B 482 -0.17 30.22 -2.46
C ILE B 482 -0.11 28.71 -2.38
N THR B 483 -1.21 28.06 -2.74
CA THR B 483 -1.27 26.61 -2.75
C THR B 483 -2.36 26.13 -3.71
N GLY B 484 -2.15 24.95 -4.27
CA GLY B 484 -3.18 24.30 -5.05
C GLY B 484 -4.32 23.87 -4.16
N ALA B 485 -5.47 23.62 -4.76
CA ALA B 485 -6.66 23.21 -4.04
C ALA B 485 -6.56 21.75 -3.61
N ALA B 486 -5.81 20.97 -4.40
CA ALA B 486 -5.65 19.55 -4.15
C ALA B 486 -4.55 19.28 -3.13
N ILE B 487 -4.72 19.86 -1.94
CA ILE B 487 -3.70 19.78 -0.89
C ILE B 487 -4.35 19.52 0.46
N VAL B 488 -3.85 18.51 1.18
CA VAL B 488 -4.33 18.23 2.53
C VAL B 488 -3.45 18.94 3.54
N ASN B 489 -3.77 20.21 3.76
CA ASN B 489 -2.99 21.09 4.62
C ASN B 489 -3.73 22.41 4.78
N ALA B 490 -3.20 23.27 5.65
CA ALA B 490 -3.71 24.63 5.80
C ALA B 490 -2.51 25.52 6.03
N PHE B 491 -2.66 26.82 5.79
CA PHE B 491 -1.48 27.67 5.80
C PHE B 491 -1.75 29.04 6.39
N TYR B 492 -0.71 29.67 6.92
CA TYR B 492 -0.78 31.09 7.22
C TYR B 492 0.34 31.78 6.45
N SER B 493 0.04 32.92 5.83
CA SER B 493 1.07 33.69 5.16
C SER B 493 1.30 34.98 5.92
N SER B 494 2.50 35.12 6.49
CA SER B 494 2.84 36.33 7.24
C SER B 494 2.99 37.55 6.33
N GLY B 495 3.48 37.32 5.11
CA GLY B 495 3.66 38.39 4.15
C GLY B 495 2.36 38.96 3.61
N ARG B 496 1.34 38.11 3.54
CA ARG B 496 0.04 38.52 3.00
C ARG B 496 -1.00 38.67 4.12
N ASN B 497 -0.60 38.29 5.33
CA ASN B 497 -1.49 38.20 6.49
C ASN B 497 -2.81 37.51 6.17
N GLN B 498 -2.74 36.30 5.61
CA GLN B 498 -3.93 35.57 5.23
C GLN B 498 -3.88 34.13 5.71
N ILE B 499 -5.04 33.53 5.89
CA ILE B 499 -5.15 32.12 6.23
C ILE B 499 -5.82 31.37 5.08
N VAL B 500 -5.27 30.21 4.74
CA VAL B 500 -5.75 29.48 3.56
C VAL B 500 -6.14 28.05 3.90
N PHE B 501 -7.34 27.67 3.45
CA PHE B 501 -7.87 26.33 3.68
C PHE B 501 -8.33 25.72 2.37
N PRO B 502 -7.43 24.99 1.70
CA PRO B 502 -7.73 24.38 0.40
C PRO B 502 -8.72 23.24 0.54
N ALA B 503 -9.36 22.85 -0.56
CA ALA B 503 -10.41 21.84 -0.56
C ALA B 503 -9.99 20.50 0.06
N GLY B 504 -8.72 20.13 -0.12
CA GLY B 504 -8.23 18.85 0.36
C GLY B 504 -8.32 18.60 1.84
N ILE B 505 -8.33 19.65 2.65
CA ILE B 505 -8.38 19.50 4.10
C ILE B 505 -9.80 19.62 4.65
N LEU B 506 -10.75 20.03 3.81
CA LEU B 506 -12.13 20.19 4.25
C LEU B 506 -12.95 18.91 4.13
N GLN B 507 -12.53 17.91 4.90
CA GLN B 507 -13.17 16.59 4.91
C GLN B 507 -12.98 15.95 6.28
N PRO B 508 -13.78 14.92 6.62
CA PRO B 508 -13.62 14.18 7.88
C PRO B 508 -12.22 13.58 8.03
N PRO B 509 -11.71 13.52 9.29
CA PRO B 509 -12.44 13.94 10.49
C PRO B 509 -12.34 15.43 10.82
N PHE B 510 -11.68 16.21 9.99
CA PHE B 510 -11.56 17.63 10.25
C PHE B 510 -12.90 18.32 10.12
N PHE B 511 -13.52 18.13 8.97
CA PHE B 511 -14.76 18.79 8.68
C PHE B 511 -15.81 18.12 7.79
N SER B 512 -17.07 18.32 8.17
CA SER B 512 -18.23 17.89 7.41
C SER B 512 -19.43 18.59 8.04
N ALA B 513 -20.30 19.18 7.23
CA ALA B 513 -21.54 19.76 7.73
C ALA B 513 -22.49 18.64 8.16
N GLN B 514 -22.10 17.41 7.84
CA GLN B 514 -22.86 16.20 8.13
C GLN B 514 -22.27 15.40 9.31
N GLN B 515 -21.39 16.04 10.07
CA GLN B 515 -20.88 15.45 11.31
C GLN B 515 -21.16 16.48 12.40
N SER B 516 -21.09 16.06 13.67
CA SER B 516 -21.44 16.96 14.77
C SER B 516 -20.57 18.20 14.89
N ASN B 517 -21.11 19.23 15.53
CA ASN B 517 -20.36 20.46 15.80
C ASN B 517 -19.20 20.26 16.76
N SER B 518 -19.42 19.39 17.76
CA SER B 518 -18.38 19.06 18.73
C SER B 518 -17.14 18.54 18.01
N LEU B 519 -17.38 17.71 17.00
CA LEU B 519 -16.33 17.12 16.20
C LEU B 519 -15.68 18.14 15.28
N ASN B 520 -16.48 19.06 14.74
CA ASN B 520 -16.00 20.11 13.85
C ASN B 520 -15.04 21.10 14.50
N TYR B 521 -15.40 21.59 15.68
CA TYR B 521 -14.54 22.53 16.39
C TYR B 521 -13.22 21.89 16.79
N GLY B 522 -13.27 20.63 17.20
CA GLY B 522 -12.06 19.91 17.56
C GLY B 522 -11.19 19.57 16.37
N GLY B 523 -11.75 19.61 15.18
CA GLY B 523 -11.01 19.27 13.97
C GLY B 523 -10.59 20.48 13.17
N ILE B 524 -11.45 20.89 12.24
CA ILE B 524 -11.15 22.05 11.40
C ILE B 524 -11.12 23.33 12.25
N GLY B 525 -11.89 23.33 13.33
CA GLY B 525 -11.93 24.47 14.24
C GLY B 525 -10.58 24.71 14.89
N MET B 526 -9.94 23.64 15.34
CA MET B 526 -8.62 23.74 15.94
C MET B 526 -7.61 24.18 14.88
N VAL B 527 -7.80 23.68 13.66
CA VAL B 527 -6.94 24.03 12.54
C VAL B 527 -7.03 25.51 12.19
N ILE B 528 -8.25 26.04 12.14
CA ILE B 528 -8.46 27.46 11.90
C ILE B 528 -7.76 28.30 12.97
N GLY B 529 -7.92 27.90 14.23
CA GLY B 529 -7.25 28.58 15.32
C GLY B 529 -5.75 28.49 15.20
N HIS B 530 -5.28 27.33 14.76
CA HIS B 530 -3.85 27.09 14.53
C HIS B 530 -3.27 28.08 13.53
N GLU B 531 -3.95 28.25 12.39
CA GLU B 531 -3.45 29.13 11.34
C GLU B 531 -3.48 30.61 11.73
N ILE B 532 -4.53 31.02 12.43
CA ILE B 532 -4.63 32.39 12.90
C ILE B 532 -3.52 32.71 13.90
N THR B 533 -3.28 31.78 14.82
CA THR B 533 -2.28 31.97 15.87
C THR B 533 -0.86 32.11 15.29
N HIS B 534 -0.63 31.49 14.14
CA HIS B 534 0.65 31.64 13.44
C HIS B 534 0.98 33.09 13.15
N GLY B 535 -0.05 33.92 12.99
CA GLY B 535 0.14 35.33 12.76
C GLY B 535 0.66 36.04 13.99
N PHE B 536 0.72 35.30 15.09
CA PHE B 536 1.09 35.87 16.37
C PHE B 536 2.07 34.97 17.11
N ASP B 537 2.72 34.06 16.40
CA ASP B 537 3.71 33.20 17.01
C ASP B 537 5.05 33.94 17.01
N ASP B 538 6.14 33.24 17.32
CA ASP B 538 7.44 33.89 17.46
C ASP B 538 7.91 34.50 16.13
N ASN B 539 7.33 34.02 15.03
CA ASN B 539 7.58 34.62 13.72
C ASN B 539 6.54 35.64 13.28
N GLY B 540 5.28 35.20 13.21
CA GLY B 540 4.20 36.04 12.69
C GLY B 540 3.97 37.36 13.39
N ARG B 541 4.22 37.39 14.70
CA ARG B 541 3.96 38.59 15.50
C ARG B 541 4.85 39.75 15.06
N ASN B 542 5.90 39.43 14.32
CA ASN B 542 6.86 40.43 13.86
C ASN B 542 6.37 41.16 12.61
N PHE B 543 5.27 40.69 12.04
CA PHE B 543 4.69 41.30 10.84
C PHE B 543 3.39 42.02 11.17
N ASN B 544 3.15 43.17 10.55
CA ASN B 544 1.97 43.95 10.84
C ASN B 544 0.78 43.52 9.98
N LYS B 545 -0.32 44.25 10.10
CA LYS B 545 -1.57 43.90 9.42
C LYS B 545 -1.42 43.88 7.90
N ASP B 546 -0.41 44.58 7.39
CA ASP B 546 -0.21 44.68 5.95
C ASP B 546 0.80 43.66 5.41
N GLY B 547 1.40 42.90 6.32
CA GLY B 547 2.37 41.89 5.92
C GLY B 547 3.81 42.36 5.95
N ASP B 548 4.03 43.55 6.51
CA ASP B 548 5.37 44.13 6.55
C ASP B 548 6.07 43.82 7.87
N LEU B 549 7.34 43.49 7.80
CA LEU B 549 8.16 43.24 8.97
C LEU B 549 8.37 44.53 9.76
N VAL B 550 7.40 44.82 10.64
CA VAL B 550 7.40 46.06 11.42
C VAL B 550 6.98 45.77 12.87
N ASP B 551 7.72 46.36 13.82
CA ASP B 551 7.48 46.13 15.24
C ASP B 551 6.29 46.92 15.78
N TRP B 552 5.22 46.21 16.13
CA TRP B 552 4.07 46.86 16.75
C TRP B 552 3.95 46.44 18.21
N TRP B 553 5.03 45.88 18.75
CA TRP B 553 5.05 45.45 20.15
C TRP B 553 5.82 46.42 21.04
N THR B 554 5.30 46.67 22.23
CA THR B 554 6.06 47.38 23.25
C THR B 554 7.17 46.47 23.74
N GLN B 555 8.21 47.05 24.31
CA GLN B 555 9.34 46.27 24.79
C GLN B 555 8.88 45.31 25.88
N GLN B 556 8.00 45.81 26.76
CA GLN B 556 7.49 45.03 27.88
C GLN B 556 6.64 43.85 27.42
N SER B 557 5.76 44.08 26.45
CA SER B 557 4.88 43.03 25.94
C SER B 557 5.67 41.98 25.15
N ALA B 558 6.65 42.45 24.40
CA ALA B 558 7.53 41.56 23.65
C ALA B 558 8.32 40.65 24.58
N ASN B 559 8.89 41.23 25.63
CA ASN B 559 9.61 40.44 26.62
C ASN B 559 8.70 39.46 27.35
N ASN B 560 7.44 39.86 27.54
CA ASN B 560 6.47 38.96 28.16
C ASN B 560 6.11 37.83 27.22
N PHE B 561 6.00 38.13 25.92
CA PHE B 561 5.77 37.08 24.92
C PHE B 561 6.88 36.04 25.00
N LYS B 562 8.12 36.52 25.10
CA LYS B 562 9.27 35.65 25.15
C LYS B 562 9.29 34.88 26.45
N GLU B 563 8.84 35.52 27.53
CA GLU B 563 8.76 34.87 28.82
C GLU B 563 7.69 33.77 28.80
N GLN B 564 6.50 34.10 28.28
CA GLN B 564 5.41 33.13 28.20
C GLN B 564 5.77 31.93 27.33
N SER B 565 6.35 32.20 26.17
CA SER B 565 6.66 31.15 25.20
C SER B 565 7.88 30.32 25.61
N GLN B 566 8.72 30.89 26.46
CA GLN B 566 9.90 30.16 26.94
C GLN B 566 9.46 28.92 27.71
N CYS B 567 8.30 29.02 28.36
CA CYS B 567 7.70 27.87 29.04
C CYS B 567 7.50 26.70 28.08
N MET B 568 7.06 27.00 26.86
CA MET B 568 6.83 25.96 25.86
C MET B 568 8.13 25.42 25.24
N VAL B 569 9.15 26.27 25.17
CA VAL B 569 10.46 25.84 24.69
C VAL B 569 11.03 24.72 25.57
N TYR B 570 10.90 24.87 26.87
CA TYR B 570 11.38 23.86 27.81
C TYR B 570 10.49 22.62 27.79
N GLN B 571 9.17 22.84 27.82
CA GLN B 571 8.21 21.76 27.86
C GLN B 571 8.37 20.77 26.71
N TYR B 572 8.32 21.27 25.48
CA TYR B 572 8.44 20.39 24.32
C TYR B 572 9.89 19.94 24.17
N GLY B 573 10.81 20.78 24.65
CA GLY B 573 12.22 20.44 24.63
C GLY B 573 12.54 19.30 25.57
N ASN B 574 11.73 19.17 26.62
CA ASN B 574 11.89 18.10 27.60
C ASN B 574 11.29 16.77 27.17
N PHE B 575 10.48 16.79 26.11
CA PHE B 575 9.88 15.57 25.61
C PHE B 575 10.91 14.66 24.95
N SER B 576 11.00 13.42 25.45
CA SER B 576 11.88 12.44 24.83
C SER B 576 11.06 11.49 23.97
N TRP B 577 11.53 11.29 22.73
CA TRP B 577 10.79 10.54 21.72
C TRP B 577 11.40 9.15 21.53
N ASP B 578 10.68 8.11 21.94
CA ASP B 578 11.20 6.75 21.87
C ASP B 578 11.50 6.29 20.44
N LEU B 579 10.68 6.74 19.48
CA LEU B 579 10.90 6.39 18.08
C LEU B 579 12.19 6.99 17.51
N ALA B 580 12.69 8.04 18.16
CA ALA B 580 13.94 8.65 17.75
C ALA B 580 15.08 8.28 18.70
N GLY B 581 14.88 7.18 19.42
CA GLY B 581 15.89 6.66 20.34
C GLY B 581 16.10 7.50 21.58
N GLY B 582 15.03 8.04 22.13
CA GLY B 582 15.10 8.80 23.36
C GLY B 582 15.56 10.24 23.18
N GLN B 583 15.91 10.58 21.95
CA GLN B 583 16.36 11.94 21.62
C GLN B 583 15.24 12.96 21.84
N HIS B 584 15.60 14.15 22.26
CA HIS B 584 14.60 15.17 22.58
C HIS B 584 14.23 16.04 21.39
N LEU B 585 13.03 16.59 21.42
CA LEU B 585 12.54 17.51 20.40
C LEU B 585 13.23 18.86 20.49
N ASN B 586 13.28 19.58 19.37
CA ASN B 586 13.82 20.93 19.39
C ASN B 586 12.74 21.91 19.84
N GLY B 587 12.79 22.26 21.13
CA GLY B 587 11.80 23.13 21.73
C GLY B 587 11.79 24.51 21.12
N ILE B 588 12.92 24.91 20.55
CA ILE B 588 13.07 26.22 19.93
C ILE B 588 12.49 26.28 18.51
N ASN B 589 12.85 25.30 17.68
CA ASN B 589 12.44 25.32 16.27
C ASN B 589 10.98 24.92 16.07
N THR B 590 10.41 24.26 17.08
CA THR B 590 9.01 23.85 17.02
C THR B 590 8.11 24.81 17.79
N LEU B 591 8.71 25.86 18.35
CA LEU B 591 8.01 26.79 19.24
C LEU B 591 6.77 27.38 18.57
N GLY B 592 6.96 27.89 17.35
CA GLY B 592 5.88 28.52 16.61
C GLY B 592 4.70 27.60 16.38
N GLU B 593 4.98 26.36 16.02
CA GLU B 593 3.92 25.39 15.80
C GLU B 593 3.23 25.00 17.10
N ASN B 594 4.02 24.89 18.17
CA ASN B 594 3.46 24.55 19.48
C ASN B 594 2.59 25.68 20.01
N ILE B 595 2.99 26.92 19.74
CA ILE B 595 2.19 28.09 20.10
C ILE B 595 0.89 28.03 19.32
N ALA B 596 1.00 27.66 18.04
CA ALA B 596 -0.16 27.56 17.16
C ALA B 596 -1.12 26.47 17.64
N ASP B 597 -0.57 25.33 18.07
CA ASP B 597 -1.40 24.25 18.61
C ASP B 597 -2.13 24.68 19.87
N ASN B 598 -1.37 25.22 20.84
CA ASN B 598 -1.91 25.57 22.15
C ASN B 598 -2.93 26.70 22.10
N GLY B 599 -2.71 27.67 21.23
CA GLY B 599 -3.67 28.76 21.07
C GLY B 599 -4.89 28.28 20.32
N GLY B 600 -4.67 27.52 19.25
CA GLY B 600 -5.76 27.05 18.41
C GLY B 600 -6.77 26.19 19.14
N ILE B 601 -6.27 25.26 19.95
CA ILE B 601 -7.13 24.33 20.69
C ILE B 601 -8.02 25.07 21.69
N GLY B 602 -7.49 26.12 22.31
CA GLY B 602 -8.26 26.89 23.28
C GLY B 602 -9.32 27.74 22.59
N GLN B 603 -8.95 28.30 21.45
CA GLN B 603 -9.87 29.11 20.65
C GLN B 603 -11.03 28.31 20.09
N ALA B 604 -10.75 27.09 19.63
CA ALA B 604 -11.78 26.23 19.06
C ALA B 604 -12.75 25.84 20.18
N TYR B 605 -12.19 25.62 21.36
CA TYR B 605 -12.99 25.26 22.53
C TYR B 605 -13.88 26.38 23.03
N ARG B 606 -13.34 27.58 23.10
CA ARG B 606 -14.11 28.75 23.50
C ARG B 606 -15.26 28.99 22.54
N ALA B 607 -14.95 28.88 21.25
CA ALA B 607 -15.95 29.08 20.20
C ALA B 607 -17.05 28.03 20.27
N TYR B 608 -16.69 26.80 20.65
CA TYR B 608 -17.68 25.75 20.78
C TYR B 608 -18.58 26.05 21.97
N GLN B 609 -17.97 26.54 23.05
CA GLN B 609 -18.72 26.97 24.22
C GLN B 609 -19.74 28.06 23.88
N ASN B 610 -19.34 29.03 23.07
CA ASN B 610 -20.24 30.09 22.64
C ASN B 610 -21.41 29.57 21.82
N TYR B 611 -21.14 28.54 21.01
CA TYR B 611 -22.16 27.89 20.19
C TYR B 611 -23.21 27.21 21.06
N VAL B 612 -22.77 26.50 22.08
CA VAL B 612 -23.66 25.78 22.97
C VAL B 612 -24.54 26.78 23.73
N LYS B 613 -23.93 27.87 24.18
CA LYS B 613 -24.68 28.91 24.85
C LYS B 613 -25.70 29.53 23.89
N LYS B 614 -25.44 29.50 22.58
CA LYS B 614 -26.38 30.13 21.66
C LYS B 614 -27.55 29.20 21.23
N ASN B 615 -27.33 27.91 20.96
CA ASN B 615 -28.43 27.08 20.45
C ASN B 615 -28.72 25.93 21.38
N GLY B 616 -27.88 25.80 22.40
CA GLY B 616 -28.04 24.72 23.35
C GLY B 616 -27.17 23.51 23.01
N GLU B 617 -27.13 22.55 23.93
CA GLU B 617 -26.31 21.33 23.78
C GLU B 617 -26.82 20.38 22.69
N GLU B 618 -25.90 19.57 22.19
CA GLU B 618 -26.20 18.54 21.19
C GLU B 618 -26.49 17.19 21.84
N LYS B 619 -27.34 16.40 21.18
CA LYS B 619 -27.65 15.06 21.64
C LYS B 619 -26.40 14.18 21.56
N LEU B 620 -26.26 13.29 22.53
CA LEU B 620 -25.08 12.44 22.65
C LEU B 620 -24.94 11.44 21.50
N LEU B 621 -23.70 10.98 21.31
CA LEU B 621 -23.42 9.92 20.35
C LEU B 621 -23.63 8.55 21.00
N PRO B 622 -24.25 7.62 20.27
CA PRO B 622 -24.56 6.27 20.75
C PRO B 622 -23.34 5.35 20.84
N GLY B 623 -23.36 4.45 21.83
CA GLY B 623 -22.34 3.44 21.97
C GLY B 623 -21.04 3.91 22.59
N ILE B 624 -20.98 5.18 22.96
CA ILE B 624 -19.78 5.71 23.62
C ILE B 624 -20.19 6.66 24.74
N ASP B 625 -19.74 6.32 25.95
CA ASP B 625 -20.19 6.98 27.17
C ASP B 625 -19.33 8.17 27.56
N LEU B 626 -19.34 9.19 26.71
CA LEU B 626 -18.63 10.42 26.97
C LEU B 626 -19.54 11.60 26.67
N ASN B 627 -19.40 12.67 27.44
CA ASN B 627 -20.13 13.90 27.16
C ASN B 627 -19.46 14.66 26.04
N HIS B 628 -20.12 15.70 25.53
CA HIS B 628 -19.60 16.41 24.37
C HIS B 628 -18.38 17.25 24.72
N LYS B 629 -18.22 17.58 26.00
CA LYS B 629 -16.97 18.20 26.44
C LYS B 629 -15.82 17.24 26.22
N GLN B 630 -16.05 15.97 26.60
CA GLN B 630 -15.04 14.93 26.42
C GLN B 630 -14.83 14.58 24.95
N LEU B 631 -15.92 14.53 24.19
CA LEU B 631 -15.84 14.23 22.77
C LEU B 631 -15.05 15.23 21.94
N PHE B 632 -15.13 16.50 22.33
CA PHE B 632 -14.33 17.55 21.71
C PHE B 632 -12.85 17.18 21.72
N PHE B 633 -12.35 16.87 22.91
CA PHE B 633 -10.94 16.57 23.10
C PHE B 633 -10.58 15.22 22.49
N LEU B 634 -11.53 14.30 22.48
CA LEU B 634 -11.31 12.99 21.89
C LEU B 634 -11.10 13.12 20.38
N ASN B 635 -11.92 13.95 19.74
CA ASN B 635 -11.79 14.15 18.30
C ASN B 635 -10.53 14.92 17.93
N PHE B 636 -10.18 15.89 18.77
CA PHE B 636 -8.96 16.66 18.60
C PHE B 636 -7.75 15.73 18.55
N ALA B 637 -7.68 14.81 19.50
CA ALA B 637 -6.57 13.87 19.59
C ALA B 637 -6.55 12.88 18.43
N GLN B 638 -7.72 12.39 18.03
CA GLN B 638 -7.78 11.40 16.96
C GLN B 638 -7.42 12.00 15.61
N VAL B 639 -7.48 13.33 15.53
CA VAL B 639 -7.02 14.07 14.37
C VAL B 639 -5.51 13.88 14.18
N TRP B 640 -4.82 13.67 15.29
CA TRP B 640 -3.36 13.57 15.29
C TRP B 640 -2.83 12.17 15.55
N CYS B 641 -3.70 11.16 15.48
CA CYS B 641 -3.26 9.77 15.57
C CYS B 641 -2.20 9.53 14.50
N GLY B 642 -1.10 8.86 14.87
CA GLY B 642 -0.05 8.59 13.92
C GLY B 642 1.20 7.95 14.48
N THR B 643 2.10 7.54 13.58
CA THR B 643 3.37 6.95 13.98
C THR B 643 4.46 7.21 12.94
N TYR B 644 5.71 7.00 13.34
CA TYR B 644 6.88 7.34 12.52
C TYR B 644 7.86 6.17 12.41
N ARG B 645 8.56 6.10 11.29
CA ARG B 645 9.73 5.24 11.17
C ARG B 645 10.91 5.84 11.95
N PRO B 646 11.71 4.99 12.61
CA PRO B 646 12.85 5.45 13.42
C PRO B 646 13.82 6.32 12.62
N GLU B 647 14.09 5.95 11.38
CA GLU B 647 14.99 6.73 10.52
C GLU B 647 14.41 8.12 10.28
N TYR B 648 13.10 8.18 10.04
CA TYR B 648 12.46 9.47 9.76
C TYR B 648 12.18 10.23 11.04
N ALA B 649 12.03 9.50 12.15
CA ALA B 649 11.86 10.14 13.45
C ALA B 649 13.08 11.01 13.75
N VAL B 650 14.26 10.44 13.54
CA VAL B 650 15.51 11.17 13.71
C VAL B 650 15.61 12.35 12.74
N ASN B 651 15.22 12.11 11.49
CA ASN B 651 15.19 13.17 10.47
C ASN B 651 14.30 14.34 10.87
N SER B 652 13.03 14.06 11.16
CA SER B 652 12.03 15.11 11.36
C SER B 652 12.29 15.96 12.60
N ILE B 653 12.99 15.40 13.59
CA ILE B 653 13.33 16.17 14.78
C ILE B 653 14.17 17.38 14.39
N LYS B 654 15.06 17.20 13.42
CA LYS B 654 15.95 18.28 12.99
C LYS B 654 15.42 19.08 11.79
N THR B 655 14.47 18.54 11.04
CA THR B 655 14.04 19.20 9.82
C THR B 655 12.58 19.64 9.79
N ASP B 656 11.75 19.01 10.63
CA ASP B 656 10.33 19.35 10.69
C ASP B 656 10.11 20.37 11.79
N VAL B 657 9.55 21.52 11.43
CA VAL B 657 9.24 22.54 12.42
C VAL B 657 8.02 22.19 13.27
N HIS B 658 7.32 21.12 12.89
CA HIS B 658 6.20 20.62 13.68
C HIS B 658 6.67 19.58 14.69
N SER B 659 5.98 19.48 15.81
CA SER B 659 6.15 18.32 16.68
C SER B 659 5.38 17.15 16.09
N PRO B 660 5.79 15.91 16.40
CA PRO B 660 5.00 14.76 15.97
C PRO B 660 3.64 14.76 16.65
N GLY B 661 2.62 14.24 15.97
CA GLY B 661 1.26 14.24 16.45
C GLY B 661 1.11 13.82 17.90
N ASN B 662 1.88 12.81 18.28
CA ASN B 662 1.91 12.32 19.66
C ASN B 662 2.08 13.43 20.68
N PHE B 663 3.06 14.31 20.45
CA PHE B 663 3.37 15.37 21.39
C PHE B 663 2.57 16.65 21.16
N ARG B 664 2.03 16.83 19.96
CA ARG B 664 1.10 17.92 19.71
C ARG B 664 -0.12 17.72 20.61
N ILE B 665 -0.51 16.46 20.79
CA ILE B 665 -1.62 16.10 21.65
C ILE B 665 -1.26 16.24 23.14
N ILE B 666 -0.16 15.62 23.53
CA ILE B 666 0.26 15.62 24.92
C ILE B 666 0.59 17.03 25.39
N GLY B 667 1.42 17.74 24.63
CA GLY B 667 1.81 19.10 24.96
C GLY B 667 0.65 20.06 25.13
N SER B 668 -0.26 20.07 24.16
CA SER B 668 -1.40 20.99 24.18
C SER B 668 -2.38 20.72 25.32
N LEU B 669 -2.69 19.45 25.55
CA LEU B 669 -3.68 19.09 26.56
C LEU B 669 -3.12 19.20 27.98
N GLN B 670 -1.80 19.05 28.12
CA GLN B 670 -1.14 19.29 29.39
C GLN B 670 -1.35 20.73 29.88
N ASN B 671 -1.33 21.67 28.95
CA ASN B 671 -1.52 23.08 29.28
C ASN B 671 -3.00 23.46 29.38
N SER B 672 -3.87 22.48 29.21
CA SER B 672 -5.30 22.73 29.16
C SER B 672 -6.01 22.35 30.46
N VAL B 673 -6.46 23.36 31.18
CA VAL B 673 -7.24 23.17 32.40
C VAL B 673 -8.61 22.55 32.07
N GLU B 674 -9.18 22.98 30.95
CA GLU B 674 -10.49 22.52 30.52
C GLU B 674 -10.48 21.03 30.22
N PHE B 675 -9.35 20.55 29.73
CA PHE B 675 -9.16 19.13 29.46
C PHE B 675 -9.21 18.34 30.77
N SER B 676 -8.48 18.82 31.76
CA SER B 676 -8.39 18.14 33.04
C SER B 676 -9.72 18.20 33.79
N GLU B 677 -10.53 19.20 33.49
CA GLU B 677 -11.87 19.29 34.05
C GLU B 677 -12.82 18.28 33.40
N ALA B 678 -12.58 18.01 32.12
CA ALA B 678 -13.42 17.10 31.34
C ALA B 678 -13.21 15.63 31.68
N PHE B 679 -11.96 15.24 31.90
CA PHE B 679 -11.62 13.86 32.20
C PHE B 679 -11.23 13.67 33.65
N GLN B 680 -11.51 14.68 34.46
CA GLN B 680 -11.31 14.67 35.91
C GLN B 680 -9.93 14.14 36.30
N CYS B 681 -8.90 14.63 35.64
CA CYS B 681 -7.53 14.21 35.93
C CYS B 681 -7.05 14.76 37.27
N PRO B 682 -6.45 13.90 38.10
CA PRO B 682 -5.89 14.38 39.37
C PRO B 682 -4.70 15.31 39.14
N LYS B 683 -4.47 16.20 40.09
CA LYS B 683 -3.34 17.13 40.02
C LYS B 683 -2.00 16.39 39.96
N ASN B 684 -1.14 16.88 39.06
CA ASN B 684 0.19 16.33 38.83
C ASN B 684 0.18 14.95 38.19
N SER B 685 -0.98 14.52 37.71
CA SER B 685 -1.04 13.37 36.82
C SER B 685 -0.34 13.83 35.53
N TYR B 686 0.15 12.88 34.73
CA TYR B 686 0.99 13.23 33.59
C TYR B 686 0.32 14.24 32.64
N MET B 687 -1.00 14.13 32.50
CA MET B 687 -1.75 15.02 31.60
C MET B 687 -2.19 16.31 32.31
N ASN B 688 -1.92 16.39 33.61
CA ASN B 688 -2.31 17.55 34.40
C ASN B 688 -1.18 18.06 35.27
N PRO B 689 -0.09 18.54 34.63
CA PRO B 689 1.00 19.10 35.43
C PRO B 689 0.56 20.38 36.13
N GLU B 690 1.15 20.65 37.30
CA GLU B 690 0.83 21.84 38.06
C GLU B 690 1.26 23.11 37.32
N LYS B 691 2.42 23.04 36.68
CA LYS B 691 2.94 24.12 35.86
C LYS B 691 2.35 24.07 34.45
N LYS B 692 1.56 25.08 34.06
CA LYS B 692 1.00 25.07 32.71
C LYS B 692 1.42 26.30 31.92
N CYS B 693 1.84 26.06 30.67
CA CYS B 693 2.21 27.13 29.77
C CYS B 693 0.99 27.77 29.12
N ARG B 694 1.08 29.06 28.85
CA ARG B 694 -0.02 29.78 28.23
C ARG B 694 0.49 31.00 27.47
N VAL B 695 0.23 31.04 26.17
CA VAL B 695 0.48 32.25 25.40
C VAL B 695 -0.85 32.85 24.96
N TRP B 696 -1.39 32.38 23.84
CA TRP B 696 -2.67 32.88 23.36
C TRP B 696 -3.83 32.05 23.91
#